data_8VTQ
#
_entry.id   8VTQ
#
_cell.length_a   143.818
_cell.length_b   154.732
_cell.length_c   88.407
_cell.angle_alpha   90
_cell.angle_beta   90
_cell.angle_gamma   90
#
_symmetry.space_group_name_H-M   'P 21 21 2'
#
loop_
_entity.id
_entity.type
_entity.pdbx_description
1 polymer 'Tryptophan 2,3-dioxygenase'
2 non-polymer 'PROTOPORPHYRIN IX CONTAINING FE'
3 non-polymer alpha-methyl-L-tryptophan
4 non-polymer (6M)-6-(1H-indol-3-yl)-1-[(piperidin-4-yl)methyl]-1H-benzotriazole
5 water water
#
_entity_poly.entity_id   1
_entity_poly.type   'polypeptide(L)'
_entity_poly.pdbx_seq_one_letter_code
;MLPVEGSEEDKSQTGVNRASKGGLIYGNYLHLEKVLNAQELQSETKGNKIHDEHLFIITHQAYELWFKQILWELDSVREI
FQNGHVRDERNMLKVVSRMHRVSVILKLLVQQFSILETMTALDFNDFREYLSPASGFQSLQFRLLENKIGVLQNMRVPYN
RRHYRDNFKGEENELLLKSEQEKTLLELVEAWLERTPGLEPHGFNFWGKLEKNITRGLEEEFIRIQAKEESEEKEEQVAE
FQKQKEVLLSLFDEKRHEHLLSKGERRLSYRALQGALMIYFYREEPRFQVPFQLLTSLMDIDSLMTKWRYNHVCMVHRML
GSKAGTGGSSGYHYLRSTVSDRYKVFVDLFNLSTYLIPRHWIPKMNPTIHKFLEHHHHHH
;
_entity_poly.pdbx_strand_id   A,B,C,D
#
loop_
_chem_comp.id
_chem_comp.type
_chem_comp.name
_chem_comp.formula
A1ADX non-polymer (6M)-6-(1H-indol-3-yl)-1-[(piperidin-4-yl)methyl]-1H-benzotriazole 'C20 H21 N5'
HEM non-polymer 'PROTOPORPHYRIN IX CONTAINING FE' 'C34 H32 Fe N4 O4'
#
# COMPACT_ATOMS: atom_id res chain seq x y z
N LEU A 24 -11.49 31.47 -5.81
CA LEU A 24 -10.36 32.18 -6.48
C LEU A 24 -9.93 31.30 -7.65
N ILE A 25 -8.66 31.38 -8.04
CA ILE A 25 -8.04 30.43 -8.96
C ILE A 25 -7.32 29.37 -8.12
N TYR A 26 -7.16 28.16 -8.67
CA TYR A 26 -6.56 27.04 -7.97
C TYR A 26 -5.26 27.42 -7.24
N GLY A 27 -4.32 27.96 -7.97
CA GLY A 27 -3.00 28.29 -7.44
C GLY A 27 -3.06 29.34 -6.33
N ASN A 28 -3.98 30.31 -6.47
CA ASN A 28 -4.18 31.30 -5.42
C ASN A 28 -4.81 30.68 -4.18
N TYR A 29 -5.81 29.83 -4.39
CA TYR A 29 -6.56 29.21 -3.31
C TYR A 29 -5.60 28.37 -2.47
N LEU A 30 -4.69 27.63 -3.13
CA LEU A 30 -3.75 26.76 -2.46
C LEU A 30 -2.45 27.47 -2.09
N HIS A 31 -2.32 28.77 -2.38
CA HIS A 31 -1.10 29.54 -2.15
C HIS A 31 0.13 28.82 -2.71
N LEU A 32 0.02 28.32 -3.94
CA LEU A 32 1.13 27.66 -4.62
C LEU A 32 2.30 28.63 -4.87
N GLU A 33 2.05 29.94 -4.89
CA GLU A 33 3.13 30.90 -5.02
C GLU A 33 4.07 30.78 -3.80
N LYS A 34 3.57 30.26 -2.68
CA LYS A 34 4.42 29.91 -1.54
C LYS A 34 4.94 28.48 -1.63
N VAL A 35 4.04 27.52 -1.84
CA VAL A 35 4.36 26.11 -1.69
C VAL A 35 5.39 25.72 -2.73
N LEU A 36 5.25 26.25 -3.95
CA LEU A 36 6.07 25.82 -5.07
C LEU A 36 7.21 26.79 -5.36
N ASN A 37 7.43 27.77 -4.46
CA ASN A 37 8.63 28.56 -4.47
C ASN A 37 9.39 28.42 -3.15
N ALA A 38 9.48 27.19 -2.61
CA ALA A 38 10.12 26.94 -1.34
C ALA A 38 11.24 25.90 -1.48
N GLN A 39 11.68 25.69 -2.71
CA GLN A 39 12.65 24.67 -3.03
C GLN A 39 13.97 25.33 -3.44
N GLU A 40 14.92 25.36 -2.52
CA GLU A 40 16.23 25.90 -2.79
C GLU A 40 17.28 24.86 -2.40
N LEU A 41 18.02 24.36 -3.38
CA LEU A 41 19.07 23.37 -3.15
C LEU A 41 20.31 24.08 -2.64
N GLN A 42 20.77 23.70 -1.46
CA GLN A 42 22.00 24.24 -0.90
C GLN A 42 23.20 23.88 -1.78
N SER A 43 23.15 22.67 -2.40
CA SER A 43 24.23 22.27 -3.28
C SER A 43 24.38 23.29 -4.42
N GLU A 44 23.24 23.77 -4.92
CA GLU A 44 23.21 24.71 -6.04
C GLU A 44 23.59 26.12 -5.59
N THR A 45 23.10 26.53 -4.41
CA THR A 45 23.50 27.79 -3.81
C THR A 45 25.03 27.88 -3.66
N LYS A 46 25.73 26.75 -3.47
CA LYS A 46 27.17 26.73 -3.32
C LYS A 46 27.89 26.33 -4.60
N GLY A 47 27.20 26.43 -5.75
CA GLY A 47 27.84 26.25 -7.05
C GLY A 47 28.12 24.78 -7.39
N ASN A 48 27.30 23.84 -6.90
CA ASN A 48 27.54 22.41 -7.13
C ASN A 48 26.24 21.61 -7.01
N LYS A 49 25.24 21.99 -7.82
CA LYS A 49 23.92 21.39 -7.81
C LYS A 49 24.00 19.87 -7.85
N ILE A 50 23.28 19.21 -6.93
CA ILE A 50 23.16 17.75 -6.91
C ILE A 50 21.68 17.44 -7.08
N HIS A 51 21.38 16.67 -8.13
CA HIS A 51 20.02 16.38 -8.58
C HIS A 51 19.14 15.88 -7.45
N ASP A 52 19.61 14.89 -6.68
CA ASP A 52 18.78 14.22 -5.71
C ASP A 52 18.47 15.12 -4.51
N GLU A 53 19.15 16.25 -4.33
CA GLU A 53 18.83 17.11 -3.19
C GLU A 53 17.39 17.58 -3.30
N HIS A 54 16.88 17.72 -4.53
CA HIS A 54 15.52 18.19 -4.74
C HIS A 54 14.53 17.23 -4.10
N LEU A 55 14.74 15.94 -4.33
CA LEU A 55 13.89 14.91 -3.72
C LEU A 55 13.91 15.01 -2.20
N PHE A 56 15.10 15.27 -1.63
CA PHE A 56 15.26 15.31 -0.18
C PHE A 56 14.41 16.45 0.39
N ILE A 57 14.42 17.59 -0.29
CA ILE A 57 13.65 18.74 0.14
C ILE A 57 12.15 18.45 0.05
N ILE A 58 11.69 17.97 -1.11
CA ILE A 58 10.26 17.77 -1.32
C ILE A 58 9.73 16.75 -0.33
N THR A 59 10.46 15.63 -0.14
CA THR A 59 9.99 14.61 0.76
C THR A 59 9.72 15.19 2.14
N HIS A 60 10.66 16.00 2.67
CA HIS A 60 10.48 16.56 3.99
C HIS A 60 9.31 17.54 3.99
N GLN A 61 9.17 18.33 2.93
CA GLN A 61 8.08 19.30 2.86
C GLN A 61 6.73 18.58 2.89
N ALA A 62 6.66 17.43 2.21
CA ALA A 62 5.41 16.68 2.19
C ALA A 62 5.11 16.10 3.58
N TYR A 63 6.12 15.52 4.25
CA TYR A 63 5.96 15.09 5.65
C TYR A 63 5.42 16.25 6.51
N GLU A 64 6.00 17.45 6.37
CA GLU A 64 5.61 18.58 7.21
C GLU A 64 4.18 19.05 6.93
N LEU A 65 3.75 19.06 5.65
CA LEU A 65 2.35 19.32 5.34
C LEU A 65 1.44 18.35 6.08
N TRP A 66 1.76 17.05 6.05
CA TRP A 66 0.90 16.06 6.69
C TRP A 66 0.97 16.15 8.22
N PHE A 67 2.12 16.55 8.78
CA PHE A 67 2.21 16.79 10.22
C PHE A 67 1.28 17.94 10.60
N LYS A 68 1.25 18.97 9.77
CA LYS A 68 0.34 20.08 10.02
C LYS A 68 -1.10 19.58 10.04
N GLN A 69 -1.46 18.68 9.11
CA GLN A 69 -2.81 18.17 9.06
C GLN A 69 -3.13 17.32 10.28
N ILE A 70 -2.20 16.48 10.69
CA ILE A 70 -2.36 15.66 11.89
C ILE A 70 -2.57 16.57 13.11
N LEU A 71 -1.79 17.64 13.23
CA LEU A 71 -1.93 18.57 14.34
C LEU A 71 -3.32 19.21 14.30
N TRP A 72 -3.80 19.52 13.11
CA TRP A 72 -5.11 20.16 12.98
C TRP A 72 -6.22 19.20 13.46
N GLU A 73 -6.14 17.92 13.10
CA GLU A 73 -7.15 16.98 13.53
C GLU A 73 -7.04 16.78 15.05
N LEU A 74 -5.82 16.52 15.51
CA LEU A 74 -5.54 16.24 16.92
C LEU A 74 -5.95 17.40 17.82
N ASP A 75 -5.59 18.63 17.46
CA ASP A 75 -6.04 19.80 18.20
C ASP A 75 -7.57 19.89 18.24
N SER A 76 -8.26 19.58 17.13
CA SER A 76 -9.72 19.70 17.12
C SER A 76 -10.32 18.67 18.07
N VAL A 77 -9.71 17.51 18.17
CA VAL A 77 -10.22 16.44 19.04
C VAL A 77 -9.89 16.75 20.50
N ARG A 78 -8.69 17.27 20.78
CA ARG A 78 -8.38 17.72 22.12
C ARG A 78 -9.41 18.75 22.59
N GLU A 79 -9.76 19.70 21.72
CA GLU A 79 -10.71 20.74 22.04
C GLU A 79 -12.09 20.16 22.37
N ILE A 80 -12.55 19.18 21.60
CA ILE A 80 -13.82 18.51 21.87
C ILE A 80 -13.86 17.93 23.28
N PHE A 81 -12.76 17.30 23.70
CA PHE A 81 -12.66 16.77 25.07
C PHE A 81 -12.57 17.91 26.08
N GLN A 82 -11.66 18.86 25.85
CA GLN A 82 -11.34 19.91 26.82
C GLN A 82 -12.55 20.80 27.11
N ASN A 83 -13.40 21.05 26.10
CA ASN A 83 -14.50 21.99 26.22
C ASN A 83 -15.78 21.30 26.64
N GLY A 84 -15.75 19.98 26.86
CA GLY A 84 -16.94 19.28 27.35
C GLY A 84 -17.84 18.74 26.22
N HIS A 85 -17.58 19.09 24.96
CA HIS A 85 -18.41 18.62 23.86
C HIS A 85 -18.51 17.10 23.78
N VAL A 86 -17.43 16.40 24.15
CA VAL A 86 -17.43 14.95 24.11
C VAL A 86 -18.51 14.38 25.01
N ARG A 87 -19.00 15.16 26.00
CA ARG A 87 -20.00 14.64 26.92
C ARG A 87 -21.28 14.30 26.16
N ASP A 88 -21.55 15.06 25.12
CA ASP A 88 -22.67 14.78 24.24
C ASP A 88 -22.23 13.72 23.21
N GLU A 89 -22.80 12.52 23.34
CA GLU A 89 -22.37 11.33 22.62
C GLU A 89 -22.65 11.45 21.14
N ARG A 90 -23.41 12.46 20.73
CA ARG A 90 -23.59 12.77 19.32
C ARG A 90 -22.25 13.07 18.66
N ASN A 91 -21.24 13.50 19.44
CA ASN A 91 -20.00 13.96 18.86
C ASN A 91 -18.99 12.83 18.72
N MET A 92 -19.35 11.60 19.07
CA MET A 92 -18.38 10.51 19.07
C MET A 92 -18.01 10.08 17.65
N LEU A 93 -18.95 10.23 16.70
CA LEU A 93 -18.70 9.85 15.33
C LEU A 93 -17.56 10.70 14.74
N LYS A 94 -17.67 12.00 14.93
CA LYS A 94 -16.67 12.97 14.51
C LYS A 94 -15.33 12.69 15.19
N VAL A 95 -15.35 12.38 16.48
CA VAL A 95 -14.10 12.10 17.17
C VAL A 95 -13.41 10.89 16.53
N VAL A 96 -14.15 9.81 16.34
CA VAL A 96 -13.56 8.61 15.80
C VAL A 96 -13.16 8.80 14.33
N SER A 97 -13.96 9.52 13.54
CA SER A 97 -13.60 9.75 12.13
C SER A 97 -12.29 10.51 12.06
N ARG A 98 -12.10 11.54 12.91
CA ARG A 98 -10.87 12.31 12.84
C ARG A 98 -9.68 11.50 13.32
N MET A 99 -9.82 10.68 14.37
CA MET A 99 -8.70 9.87 14.82
C MET A 99 -8.37 8.80 13.80
N HIS A 100 -9.40 8.21 13.19
CA HIS A 100 -9.20 7.31 12.07
C HIS A 100 -8.47 7.98 10.93
N ARG A 101 -8.86 9.21 10.61
CA ARG A 101 -8.19 10.00 9.58
C ARG A 101 -6.71 10.19 9.91
N VAL A 102 -6.37 10.45 11.19
CA VAL A 102 -4.97 10.53 11.56
C VAL A 102 -4.22 9.24 11.25
N SER A 103 -4.85 8.10 11.53
CA SER A 103 -4.15 6.84 11.25
C SER A 103 -4.01 6.60 9.73
N VAL A 104 -4.99 7.01 8.91
CA VAL A 104 -4.88 6.89 7.46
C VAL A 104 -3.72 7.75 6.94
N ILE A 105 -3.58 8.98 7.46
CA ILE A 105 -2.45 9.82 7.07
C ILE A 105 -1.11 9.18 7.49
N LEU A 106 -1.03 8.65 8.71
CA LEU A 106 0.20 8.07 9.21
C LEU A 106 0.59 6.88 8.34
N LYS A 107 -0.39 6.09 7.92
CA LYS A 107 -0.08 4.99 7.03
C LYS A 107 0.57 5.50 5.76
N LEU A 108 0.01 6.56 5.17
CA LEU A 108 0.62 7.11 3.99
C LEU A 108 2.05 7.57 4.30
N LEU A 109 2.26 8.21 5.46
CA LEU A 109 3.60 8.69 5.79
C LEU A 109 4.61 7.55 5.92
N VAL A 110 4.19 6.39 6.43
CA VAL A 110 5.01 5.21 6.48
C VAL A 110 5.39 4.75 5.07
N GLN A 111 4.40 4.69 4.16
CA GLN A 111 4.63 4.30 2.78
C GLN A 111 5.55 5.29 2.10
N GLN A 112 5.49 6.55 2.47
CA GLN A 112 6.25 7.60 1.79
C GLN A 112 7.78 7.41 1.88
N PHE A 113 8.26 6.62 2.86
CA PHE A 113 9.69 6.32 2.93
C PHE A 113 10.12 5.59 1.67
N SER A 114 9.22 4.83 1.03
CA SER A 114 9.53 4.15 -0.24
C SER A 114 10.07 5.13 -1.28
N ILE A 115 9.68 6.40 -1.22
CA ILE A 115 10.19 7.34 -2.21
C ILE A 115 11.65 7.70 -1.93
N LEU A 116 11.96 7.92 -0.65
CA LEU A 116 13.30 8.34 -0.31
C LEU A 116 14.25 7.16 -0.42
N GLU A 117 13.73 5.95 -0.36
CA GLU A 117 14.54 4.77 -0.63
C GLU A 117 15.01 4.67 -2.09
N THR A 118 14.49 5.49 -3.02
CA THR A 118 15.01 5.48 -4.38
C THR A 118 16.25 6.36 -4.48
N MET A 119 16.62 7.06 -3.39
CA MET A 119 17.91 7.75 -3.35
C MET A 119 18.97 6.81 -2.75
N THR A 120 20.04 6.59 -3.48
CA THR A 120 21.13 5.75 -2.97
C THR A 120 21.97 6.54 -1.96
N ALA A 121 22.67 5.79 -1.11
CA ALA A 121 23.57 6.38 -0.13
C ALA A 121 24.67 7.16 -0.82
N LEU A 122 25.17 6.64 -1.95
CA LEU A 122 26.19 7.33 -2.73
C LEU A 122 25.73 8.73 -3.19
N ASP A 123 24.50 8.84 -3.65
CA ASP A 123 23.98 10.11 -4.16
C ASP A 123 23.69 11.06 -2.98
N PHE A 124 23.20 10.52 -1.87
CA PHE A 124 22.97 11.34 -0.68
C PHE A 124 24.30 11.94 -0.21
N ASN A 125 25.37 11.15 -0.29
CA ASN A 125 26.68 11.58 0.16
C ASN A 125 27.20 12.77 -0.65
N ASP A 126 26.66 13.02 -1.84
CA ASP A 126 27.15 14.12 -2.66
C ASP A 126 26.64 15.48 -2.19
N PHE A 127 25.60 15.53 -1.35
CA PHE A 127 25.07 16.83 -0.93
C PHE A 127 24.94 16.91 0.60
N ARG A 128 25.26 15.81 1.29
CA ARG A 128 25.05 15.77 2.74
C ARG A 128 25.84 16.88 3.44
N GLU A 129 27.04 17.19 2.92
CA GLU A 129 27.92 18.21 3.47
C GLU A 129 27.26 19.58 3.56
N TYR A 130 26.32 19.89 2.65
CA TYR A 130 25.71 21.21 2.60
C TYR A 130 24.57 21.34 3.62
N LEU A 131 24.26 20.25 4.34
CA LEU A 131 23.05 20.23 5.16
C LEU A 131 23.36 20.78 6.55
N SER A 132 24.53 20.42 7.10
CA SER A 132 24.91 20.84 8.45
C SER A 132 24.71 22.35 8.62
N PRO A 133 24.15 22.82 9.75
CA PRO A 133 23.81 21.95 10.89
C PRO A 133 22.34 21.57 11.03
N ALA A 134 21.61 21.46 9.92
CA ALA A 134 20.18 21.17 9.98
C ALA A 134 19.95 19.69 10.28
N SER A 135 18.84 19.36 10.95
CA SER A 135 18.49 17.98 11.26
C SER A 135 17.00 17.88 11.48
N GLY A 136 16.45 16.66 11.34
CA GLY A 136 15.05 16.38 11.63
C GLY A 136 14.69 16.66 13.08
N PHE A 137 15.70 16.60 13.96
CA PHE A 137 15.55 16.90 15.37
C PHE A 137 14.91 18.29 15.52
N GLN A 138 15.13 19.15 14.52
CA GLN A 138 14.67 20.53 14.57
C GLN A 138 13.26 20.68 14.02
N SER A 139 12.56 19.56 13.75
CA SER A 139 11.16 19.62 13.33
C SER A 139 10.27 20.03 14.51
N LEU A 140 9.83 21.29 14.48
CA LEU A 140 8.89 21.80 15.46
C LEU A 140 7.66 20.92 15.51
N GLN A 141 7.09 20.66 14.32
CA GLN A 141 5.79 20.00 14.26
C GLN A 141 5.87 18.57 14.80
N PHE A 142 6.97 17.86 14.52
CA PHE A 142 7.11 16.51 15.00
C PHE A 142 7.09 16.50 16.55
N ARG A 143 7.76 17.48 17.16
CA ARG A 143 7.76 17.59 18.61
C ARG A 143 6.37 17.96 19.11
N LEU A 144 5.71 18.91 18.44
CA LEU A 144 4.37 19.33 18.85
C LEU A 144 3.43 18.12 18.85
N LEU A 145 3.60 17.28 17.85
CA LEU A 145 2.75 16.11 17.69
C LEU A 145 3.00 15.12 18.83
N GLU A 146 4.27 14.86 19.12
CA GLU A 146 4.61 13.96 20.22
C GLU A 146 4.01 14.47 21.53
N ASN A 147 4.20 15.76 21.79
CA ASN A 147 3.76 16.34 23.06
C ASN A 147 2.24 16.30 23.15
N LYS A 148 1.53 16.65 22.07
CA LYS A 148 0.08 16.77 22.13
C LYS A 148 -0.57 15.40 22.27
N ILE A 149 0.05 14.34 21.74
CA ILE A 149 -0.48 13.00 21.94
C ILE A 149 -0.27 12.64 23.41
N GLY A 150 0.92 12.92 23.97
CA GLY A 150 1.15 12.77 25.40
C GLY A 150 2.48 12.12 25.77
N VAL A 151 3.50 12.29 24.92
CA VAL A 151 4.82 11.81 25.30
C VAL A 151 5.24 12.68 26.48
N LEU A 152 5.62 12.05 27.60
CA LEU A 152 6.02 12.81 28.79
C LEU A 152 7.50 13.15 28.70
N GLN A 153 7.85 14.38 29.08
CA GLN A 153 9.22 14.83 28.92
C GLN A 153 10.18 13.96 29.74
N ASN A 154 9.78 13.56 30.96
CA ASN A 154 10.64 12.78 31.84
C ASN A 154 10.93 11.39 31.24
N MET A 155 10.11 10.93 30.30
CA MET A 155 10.25 9.59 29.71
C MET A 155 10.98 9.62 28.37
N ARG A 156 11.31 10.80 27.86
CA ARG A 156 12.07 10.91 26.63
C ARG A 156 13.51 10.43 26.85
N VAL A 157 14.07 9.69 25.89
CA VAL A 157 15.49 9.34 25.93
C VAL A 157 16.29 10.58 25.56
N PRO A 158 17.25 11.02 26.40
CA PRO A 158 18.07 12.19 26.09
C PRO A 158 19.01 11.94 24.94
N TYR A 159 19.23 12.96 24.09
CA TYR A 159 20.24 12.86 23.03
C TYR A 159 21.41 13.78 23.37
N ASN A 160 22.62 13.21 23.49
CA ASN A 160 23.79 13.96 23.90
C ASN A 160 23.49 14.72 25.18
N ARG A 161 22.81 14.06 26.14
CA ARG A 161 22.56 14.63 27.46
C ARG A 161 22.00 16.04 27.35
N ARG A 162 20.91 16.21 26.60
CA ARG A 162 20.27 17.52 26.46
C ARG A 162 18.75 17.33 26.33
N HIS A 163 17.96 18.32 26.75
CA HIS A 163 16.52 18.30 26.53
C HIS A 163 16.26 18.61 25.05
N TYR A 164 15.21 18.02 24.49
CA TYR A 164 14.90 18.19 23.07
C TYR A 164 14.60 19.68 22.78
N ARG A 165 13.97 20.37 23.76
CA ARG A 165 13.54 21.75 23.56
C ARG A 165 14.71 22.72 23.47
N ASP A 166 15.90 22.29 23.91
CA ASP A 166 17.09 23.14 23.91
C ASP A 166 17.52 23.43 22.48
N ASN A 167 17.02 22.65 21.51
CA ASN A 167 17.32 22.82 20.10
C ASN A 167 16.44 23.90 19.49
N PHE A 168 15.55 24.51 20.30
CA PHE A 168 14.57 25.46 19.81
C PHE A 168 14.68 26.75 20.62
N LYS A 169 14.28 27.89 20.03
CA LYS A 169 14.41 29.21 20.66
C LYS A 169 13.24 30.11 20.24
N GLY A 170 13.07 31.26 20.92
CA GLY A 170 12.07 32.27 20.57
C GLY A 170 10.65 31.74 20.66
N GLU A 171 9.82 32.11 19.69
CA GLU A 171 8.41 31.70 19.63
C GLU A 171 8.27 30.18 19.53
N GLU A 172 9.21 29.53 18.81
CA GLU A 172 9.22 28.09 18.66
C GLU A 172 9.33 27.40 20.01
N ASN A 173 10.23 27.90 20.85
CA ASN A 173 10.42 27.35 22.19
C ASN A 173 9.14 27.56 22.99
N GLU A 174 8.46 28.70 22.77
CA GLU A 174 7.25 29.04 23.49
C GLU A 174 6.10 28.11 23.07
N LEU A 175 5.98 27.86 21.76
CA LEU A 175 4.99 26.95 21.25
C LEU A 175 5.17 25.57 21.89
N LEU A 176 6.42 25.11 21.94
CA LEU A 176 6.71 23.79 22.47
C LEU A 176 6.36 23.71 23.96
N LEU A 177 6.55 24.82 24.68
CA LEU A 177 6.22 24.88 26.09
C LEU A 177 4.72 24.73 26.28
N LYS A 178 3.93 25.51 25.51
CA LYS A 178 2.48 25.37 25.52
C LYS A 178 2.09 23.91 25.27
N SER A 179 2.73 23.28 24.26
CA SER A 179 2.37 21.94 23.91
C SER A 179 2.63 20.97 25.07
N GLU A 180 3.63 21.27 25.91
CA GLU A 180 3.95 20.43 27.06
C GLU A 180 2.98 20.71 28.21
N GLN A 181 2.56 21.98 28.39
CA GLN A 181 1.79 22.39 29.55
C GLN A 181 0.29 22.19 29.36
N GLU A 182 -0.21 22.37 28.14
CA GLU A 182 -1.61 22.13 27.84
C GLU A 182 -1.92 20.63 28.01
N LYS A 183 -3.20 20.36 28.19
CA LYS A 183 -3.69 18.99 28.35
C LYS A 183 -3.43 18.19 27.10
N THR A 184 -2.85 17.00 27.29
CA THR A 184 -2.49 16.13 26.18
C THR A 184 -3.70 15.23 25.89
N LEU A 185 -3.67 14.55 24.75
CA LEU A 185 -4.73 13.64 24.38
C LEU A 185 -4.84 12.54 25.43
N LEU A 186 -3.69 12.03 25.91
CA LEU A 186 -3.63 11.05 26.98
C LEU A 186 -4.43 11.53 28.19
N GLU A 187 -4.18 12.76 28.65
CA GLU A 187 -4.85 13.27 29.86
C GLU A 187 -6.36 13.45 29.63
N LEU A 188 -6.72 13.89 28.43
CA LEU A 188 -8.13 14.17 28.15
C LEU A 188 -8.90 12.86 27.99
N VAL A 189 -8.29 11.84 27.36
CA VAL A 189 -8.89 10.53 27.26
C VAL A 189 -8.98 9.86 28.62
N GLU A 190 -7.95 10.03 29.44
CA GLU A 190 -7.96 9.54 30.82
C GLU A 190 -9.19 10.06 31.57
N ALA A 191 -9.37 11.37 31.59
CA ALA A 191 -10.51 11.97 32.31
C ALA A 191 -11.82 11.40 31.80
N TRP A 192 -11.96 11.22 30.47
CA TRP A 192 -13.20 10.71 29.89
C TRP A 192 -13.39 9.25 30.29
N LEU A 193 -12.32 8.47 30.31
CA LEU A 193 -12.41 7.06 30.67
C LEU A 193 -12.83 6.90 32.14
N GLU A 194 -12.42 7.85 32.97
CA GLU A 194 -12.75 7.80 34.40
C GLU A 194 -14.26 7.95 34.61
N ARG A 195 -14.95 8.60 33.65
CA ARG A 195 -16.38 8.80 33.77
C ARG A 195 -17.17 7.69 33.06
N THR A 196 -16.51 6.63 32.58
CA THR A 196 -17.20 5.60 31.84
C THR A 196 -18.36 5.04 32.65
N PRO A 197 -19.60 4.95 32.10
CA PRO A 197 -20.75 4.37 32.81
C PRO A 197 -20.58 2.89 33.14
N GLY A 198 -21.06 2.49 34.32
CA GLY A 198 -20.93 1.11 34.79
C GLY A 198 -19.95 0.93 35.97
N LEU A 199 -19.06 1.90 36.24
CA LEU A 199 -18.06 1.76 37.28
C LEU A 199 -18.65 2.07 38.66
N GLU A 200 -19.80 2.75 38.68
CA GLU A 200 -20.40 3.20 39.93
C GLU A 200 -20.64 2.02 40.85
N PRO A 201 -20.04 2.02 42.07
CA PRO A 201 -20.30 0.97 43.06
C PRO A 201 -21.79 0.79 43.37
N HIS A 202 -22.51 1.92 43.36
CA HIS A 202 -23.94 1.91 43.66
C HIS A 202 -24.74 1.49 42.42
N GLY A 203 -24.08 1.40 41.27
CA GLY A 203 -24.71 1.05 40.00
C GLY A 203 -24.40 -0.40 39.60
N PHE A 204 -23.87 -0.58 38.40
CA PHE A 204 -23.56 -1.90 37.89
C PHE A 204 -22.36 -2.48 38.63
N ASN A 205 -21.52 -1.61 39.21
CA ASN A 205 -20.45 -2.05 40.10
C ASN A 205 -19.52 -3.04 39.39
N PHE A 206 -19.05 -2.64 38.21
CA PHE A 206 -18.26 -3.49 37.33
C PHE A 206 -17.08 -4.10 38.08
N TRP A 207 -16.28 -3.28 38.76
CA TRP A 207 -15.01 -3.73 39.34
C TRP A 207 -15.25 -4.75 40.44
N GLY A 208 -16.24 -4.47 41.31
CA GLY A 208 -16.63 -5.39 42.37
C GLY A 208 -16.99 -6.76 41.80
N LYS A 209 -17.86 -6.74 40.77
CA LYS A 209 -18.35 -7.97 40.20
C LYS A 209 -17.24 -8.72 39.47
N LEU A 210 -16.36 -7.97 38.81
CA LEU A 210 -15.29 -8.59 38.02
C LEU A 210 -14.35 -9.34 38.95
N GLU A 211 -13.97 -8.70 40.05
CA GLU A 211 -13.12 -9.35 41.04
C GLU A 211 -13.76 -10.64 41.53
N LYS A 212 -15.05 -10.58 41.92
CA LYS A 212 -15.74 -11.76 42.42
C LYS A 212 -15.78 -12.88 41.39
N ASN A 213 -16.08 -12.55 40.12
CA ASN A 213 -16.23 -13.58 39.10
C ASN A 213 -14.88 -14.19 38.74
N ILE A 214 -13.80 -13.39 38.71
CA ILE A 214 -12.46 -13.92 38.45
C ILE A 214 -12.02 -14.82 39.59
N THR A 215 -12.30 -14.42 40.84
CA THR A 215 -11.95 -15.26 41.99
C THR A 215 -12.66 -16.62 41.90
N ARG A 216 -13.97 -16.59 41.65
CA ARG A 216 -14.75 -17.82 41.53
C ARG A 216 -14.23 -18.63 40.34
N GLY A 217 -14.04 -17.96 39.20
CA GLY A 217 -13.53 -18.59 38.01
C GLY A 217 -12.22 -19.33 38.25
N LEU A 218 -11.31 -18.68 38.98
CA LEU A 218 -10.02 -19.30 39.27
C LEU A 218 -10.25 -20.51 40.16
N GLU A 219 -11.09 -20.39 41.17
CA GLU A 219 -11.37 -21.51 42.05
C GLU A 219 -11.87 -22.72 41.26
N GLU A 220 -12.83 -22.47 40.37
CA GLU A 220 -13.39 -23.52 39.51
C GLU A 220 -12.30 -24.20 38.69
N GLU A 221 -11.40 -23.41 38.09
CA GLU A 221 -10.35 -23.89 37.24
C GLU A 221 -9.39 -24.74 38.06
N PHE A 222 -9.04 -24.26 39.26
CA PHE A 222 -8.16 -25.03 40.13
C PHE A 222 -8.74 -26.43 40.34
N ILE A 223 -10.05 -26.50 40.64
CA ILE A 223 -10.69 -27.78 40.93
C ILE A 223 -10.59 -28.69 39.72
N ARG A 224 -10.89 -28.15 38.52
CA ARG A 224 -10.79 -28.91 37.27
C ARG A 224 -9.42 -29.54 37.11
N ILE A 225 -8.35 -28.75 37.30
CA ILE A 225 -6.99 -29.24 37.08
C ILE A 225 -6.66 -30.28 38.13
N GLN A 226 -7.02 -30.01 39.39
CA GLN A 226 -6.68 -30.92 40.47
C GLN A 226 -7.35 -32.28 40.24
N ALA A 227 -8.50 -32.28 39.57
CA ALA A 227 -9.27 -33.49 39.32
C ALA A 227 -8.53 -34.37 38.29
N LYS A 228 -7.68 -33.78 37.44
CA LYS A 228 -6.99 -34.53 36.40
C LYS A 228 -6.08 -35.60 36.99
N GLU A 229 -5.85 -36.69 36.22
CA GLU A 229 -4.92 -37.74 36.64
C GLU A 229 -3.49 -37.19 36.57
N GLU A 230 -2.65 -37.60 37.53
CA GLU A 230 -1.27 -37.14 37.60
C GLU A 230 -0.62 -37.33 36.24
N SER A 231 -0.09 -36.24 35.65
CA SER A 231 0.53 -36.28 34.34
C SER A 231 1.37 -35.01 34.18
N GLU A 232 2.27 -35.02 33.20
CA GLU A 232 3.10 -33.86 32.94
C GLU A 232 2.21 -32.71 32.48
N GLU A 233 1.21 -33.03 31.66
CA GLU A 233 0.24 -32.06 31.18
C GLU A 233 -0.43 -31.38 32.38
N LYS A 234 -0.87 -32.18 33.35
CA LYS A 234 -1.44 -31.66 34.58
C LYS A 234 -0.45 -30.72 35.27
N GLU A 235 0.79 -31.18 35.40
CA GLU A 235 1.83 -30.41 36.09
C GLU A 235 2.00 -29.06 35.40
N GLU A 236 1.98 -29.06 34.07
CA GLU A 236 2.12 -27.84 33.30
C GLU A 236 0.92 -26.94 33.54
N GLN A 237 -0.30 -27.49 33.43
CA GLN A 237 -1.52 -26.75 33.66
C GLN A 237 -1.50 -26.11 35.06
N VAL A 238 -0.98 -26.82 36.07
CA VAL A 238 -0.85 -26.27 37.40
C VAL A 238 0.00 -25.00 37.37
N ALA A 239 1.18 -25.11 36.75
CA ALA A 239 2.12 -23.99 36.67
C ALA A 239 1.49 -22.82 35.91
N GLU A 240 0.88 -23.11 34.75
CA GLU A 240 0.20 -22.10 33.97
C GLU A 240 -0.87 -21.41 34.82
N PHE A 241 -1.71 -22.22 35.50
CA PHE A 241 -2.78 -21.70 36.33
C PHE A 241 -2.18 -20.74 37.35
N GLN A 242 -1.06 -21.15 37.95
CA GLN A 242 -0.50 -20.34 39.03
C GLN A 242 -0.05 -19.00 38.48
N LYS A 243 0.51 -19.00 37.26
CA LYS A 243 0.94 -17.77 36.62
C LYS A 243 -0.28 -16.91 36.25
N GLN A 244 -1.27 -17.53 35.63
CA GLN A 244 -2.45 -16.81 35.21
C GLN A 244 -3.16 -16.23 36.45
N LYS A 245 -3.25 -17.02 37.51
CA LYS A 245 -3.86 -16.54 38.74
C LYS A 245 -3.16 -15.29 39.27
N GLU A 246 -1.82 -15.31 39.29
CA GLU A 246 -1.08 -14.17 39.77
C GLU A 246 -1.36 -12.95 38.90
N VAL A 247 -1.37 -13.13 37.57
CA VAL A 247 -1.59 -12.02 36.67
C VAL A 247 -2.97 -11.42 36.93
N LEU A 248 -4.02 -12.26 36.92
CA LEU A 248 -5.39 -11.76 36.93
C LEU A 248 -5.65 -11.09 38.28
N LEU A 249 -5.16 -11.67 39.38
CA LEU A 249 -5.47 -11.09 40.67
C LEU A 249 -4.70 -9.79 40.89
N SER A 250 -3.51 -9.70 40.27
CA SER A 250 -2.70 -8.49 40.35
C SER A 250 -3.48 -7.29 39.80
N LEU A 251 -4.45 -7.50 38.90
CA LEU A 251 -5.22 -6.41 38.36
C LEU A 251 -5.93 -5.61 39.46
N PHE A 252 -6.35 -6.28 40.53
CA PHE A 252 -7.13 -5.66 41.60
C PHE A 252 -6.22 -5.04 42.67
N ASP A 253 -4.90 -5.03 42.45
CA ASP A 253 -3.94 -4.44 43.39
C ASP A 253 -3.63 -3.01 42.97
N GLU A 254 -4.38 -2.06 43.53
CA GLU A 254 -4.26 -0.66 43.16
C GLU A 254 -2.89 -0.09 43.53
N LYS A 255 -2.24 -0.64 44.57
CA LYS A 255 -0.92 -0.16 44.99
C LYS A 255 0.14 -0.57 43.98
N ARG A 256 0.08 -1.81 43.50
CA ARG A 256 0.91 -2.22 42.38
C ARG A 256 0.73 -1.29 41.18
N HIS A 257 -0.49 -0.88 40.89
CA HIS A 257 -0.73 0.01 39.77
C HIS A 257 0.00 1.34 39.98
N GLU A 258 -0.09 1.89 41.20
CA GLU A 258 0.54 3.17 41.52
C GLU A 258 2.05 3.08 41.34
N HIS A 259 2.62 1.96 41.77
CA HIS A 259 4.02 1.68 41.60
C HIS A 259 4.42 1.61 40.13
N LEU A 260 3.61 0.94 39.30
CA LEU A 260 3.92 0.83 37.90
C LEU A 260 3.79 2.19 37.22
N LEU A 261 2.83 3.01 37.66
CA LEU A 261 2.71 4.41 37.24
C LEU A 261 4.01 5.17 37.51
N SER A 262 4.56 5.04 38.72
CA SER A 262 5.77 5.77 39.13
C SER A 262 6.93 5.46 38.19
N LYS A 263 6.97 4.22 37.68
CA LYS A 263 8.08 3.77 36.87
C LYS A 263 7.82 4.07 35.40
N GLY A 264 6.61 4.52 35.08
CA GLY A 264 6.24 4.85 33.72
C GLY A 264 5.91 3.59 32.91
N GLU A 265 5.68 2.45 33.57
CA GLU A 265 5.29 1.23 32.87
C GLU A 265 3.79 1.22 32.60
N ARG A 266 3.04 2.00 33.38
CA ARG A 266 1.69 2.37 33.01
C ARG A 266 1.59 3.88 32.96
N ARG A 267 0.53 4.37 32.32
CA ARG A 267 0.31 5.80 32.12
C ARG A 267 -1.09 6.22 32.61
N LEU A 268 -2.09 5.35 32.52
CA LEU A 268 -3.45 5.71 32.87
C LEU A 268 -3.65 5.54 34.36
N SER A 269 -4.48 6.42 34.95
CA SER A 269 -4.99 6.22 36.30
C SER A 269 -5.68 4.85 36.39
N TYR A 270 -5.77 4.35 37.61
CA TYR A 270 -6.40 3.09 37.89
C TYR A 270 -7.84 3.11 37.41
N ARG A 271 -8.53 4.21 37.68
CA ARG A 271 -9.94 4.31 37.37
C ARG A 271 -10.15 4.33 35.86
N ALA A 272 -9.29 5.06 35.12
CA ALA A 272 -9.36 5.10 33.68
C ALA A 272 -9.14 3.71 33.09
N LEU A 273 -8.23 2.94 33.67
CA LEU A 273 -7.99 1.59 33.24
C LEU A 273 -9.27 0.74 33.39
N GLN A 274 -9.99 0.95 34.49
CA GLN A 274 -11.26 0.28 34.70
C GLN A 274 -12.28 0.65 33.61
N GLY A 275 -12.35 1.93 33.31
CA GLY A 275 -13.19 2.39 32.21
C GLY A 275 -12.86 1.71 30.89
N ALA A 276 -11.57 1.68 30.55
CA ALA A 276 -11.13 1.06 29.30
C ALA A 276 -11.55 -0.42 29.24
N LEU A 277 -11.37 -1.14 30.34
CA LEU A 277 -11.72 -2.56 30.39
C LEU A 277 -13.23 -2.74 30.29
N MET A 278 -13.98 -1.81 30.87
CA MET A 278 -15.44 -1.83 30.76
C MET A 278 -15.84 -1.74 29.29
N ILE A 279 -15.22 -0.81 28.55
CA ILE A 279 -15.52 -0.63 27.13
C ILE A 279 -15.10 -1.88 26.36
N TYR A 280 -13.94 -2.47 26.69
CA TYR A 280 -13.47 -3.65 25.98
C TYR A 280 -14.47 -4.80 26.10
N PHE A 281 -14.88 -5.08 27.34
CA PHE A 281 -15.70 -6.25 27.59
C PHE A 281 -17.13 -6.01 27.12
N TYR A 282 -17.64 -4.77 27.15
CA TYR A 282 -19.02 -4.53 26.79
C TYR A 282 -19.14 -3.77 25.45
N ARG A 283 -18.13 -3.91 24.59
CA ARG A 283 -18.03 -3.16 23.34
C ARG A 283 -19.28 -3.24 22.44
N GLU A 284 -20.00 -4.35 22.47
CA GLU A 284 -21.16 -4.53 21.58
C GLU A 284 -22.37 -3.74 22.10
N GLU A 285 -22.39 -3.37 23.38
CA GLU A 285 -23.49 -2.57 23.91
C GLU A 285 -23.50 -1.24 23.16
N PRO A 286 -24.67 -0.75 22.72
CA PRO A 286 -24.71 0.39 21.77
C PRO A 286 -23.93 1.63 22.14
N ARG A 287 -23.96 2.02 23.43
CA ARG A 287 -23.24 3.19 23.87
C ARG A 287 -21.74 2.99 23.83
N PHE A 288 -21.26 1.74 23.81
CA PHE A 288 -19.82 1.48 23.81
C PHE A 288 -19.24 1.15 22.43
N GLN A 289 -20.08 1.05 21.37
CA GLN A 289 -19.59 0.61 20.09
C GLN A 289 -18.58 1.61 19.51
N VAL A 290 -18.97 2.89 19.45
CA VAL A 290 -18.07 3.88 18.92
C VAL A 290 -16.90 4.18 19.89
N PRO A 291 -17.11 4.28 21.21
CA PRO A 291 -16.01 4.28 22.17
C PRO A 291 -14.95 3.18 21.98
N PHE A 292 -15.39 1.97 21.70
CA PHE A 292 -14.46 0.89 21.42
C PHE A 292 -13.62 1.18 20.18
N GLN A 293 -14.25 1.70 19.13
CA GLN A 293 -13.52 2.07 17.94
C GLN A 293 -12.50 3.16 18.27
N LEU A 294 -12.86 4.09 19.16
CA LEU A 294 -11.91 5.12 19.53
C LEU A 294 -10.67 4.50 20.19
N LEU A 295 -10.88 3.53 21.08
CA LEU A 295 -9.78 2.90 21.78
C LEU A 295 -8.87 2.23 20.76
N THR A 296 -9.49 1.51 19.82
CA THR A 296 -8.81 0.85 18.70
C THR A 296 -7.98 1.86 17.91
N SER A 297 -8.55 3.01 17.58
CA SER A 297 -7.81 3.99 16.80
C SER A 297 -6.63 4.58 17.58
N LEU A 298 -6.77 4.77 18.91
CA LEU A 298 -5.67 5.28 19.71
C LEU A 298 -4.51 4.30 19.66
N MET A 299 -4.78 3.00 19.78
CA MET A 299 -3.73 2.00 19.64
C MET A 299 -3.13 2.07 18.23
N ASP A 300 -3.97 2.24 17.20
CA ASP A 300 -3.51 2.29 15.83
C ASP A 300 -2.51 3.43 15.64
N ILE A 301 -2.81 4.58 16.24
CA ILE A 301 -1.96 5.74 16.08
C ILE A 301 -0.60 5.48 16.72
N ASP A 302 -0.60 4.85 17.88
CA ASP A 302 0.63 4.53 18.58
C ASP A 302 1.44 3.54 17.75
N SER A 303 0.80 2.49 17.20
CA SER A 303 1.51 1.50 16.39
C SER A 303 2.10 2.15 15.15
N LEU A 304 1.35 3.03 14.50
CA LEU A 304 1.83 3.67 13.28
C LEU A 304 2.93 4.69 13.57
N MET A 305 2.87 5.41 14.70
CA MET A 305 3.95 6.31 15.10
C MET A 305 5.22 5.49 15.29
N THR A 306 5.11 4.32 15.92
CA THR A 306 6.28 3.48 16.13
C THR A 306 6.80 2.98 14.77
N LYS A 307 5.90 2.65 13.84
CA LYS A 307 6.31 2.18 12.54
C LYS A 307 7.02 3.30 11.79
N TRP A 308 6.52 4.52 11.90
CA TRP A 308 7.21 5.66 11.33
C TRP A 308 8.63 5.72 11.87
N ARG A 309 8.82 5.57 13.19
CA ARG A 309 10.13 5.76 13.79
C ARG A 309 11.06 4.64 13.33
N TYR A 310 10.48 3.44 13.19
CA TYR A 310 11.25 2.27 12.78
C TYR A 310 11.74 2.46 11.35
N ASN A 311 10.84 2.86 10.44
CA ASN A 311 11.22 3.04 9.04
C ASN A 311 12.24 4.17 8.94
N HIS A 312 12.12 5.20 9.78
CA HIS A 312 13.08 6.29 9.77
C HIS A 312 14.47 5.78 10.19
N VAL A 313 14.51 4.97 11.24
CA VAL A 313 15.75 4.38 11.70
C VAL A 313 16.42 3.56 10.58
N CYS A 314 15.68 2.63 9.96
CA CYS A 314 16.25 1.79 8.92
C CYS A 314 16.82 2.65 7.83
N MET A 315 16.21 3.81 7.56
CA MET A 315 16.70 4.61 6.46
C MET A 315 17.94 5.40 6.86
N VAL A 316 17.98 5.93 8.08
CA VAL A 316 19.22 6.53 8.56
C VAL A 316 20.38 5.54 8.44
N HIS A 317 20.14 4.26 8.77
CA HIS A 317 21.17 3.24 8.73
C HIS A 317 21.68 3.04 7.31
N ARG A 318 20.75 2.98 6.35
CA ARG A 318 21.09 2.69 4.95
C ARG A 318 21.91 3.84 4.36
N MET A 319 21.67 5.07 4.85
CA MET A 319 22.35 6.24 4.33
C MET A 319 23.67 6.54 5.06
N LEU A 320 23.73 6.42 6.40
CA LEU A 320 24.86 6.89 7.19
C LEU A 320 25.70 5.75 7.75
N GLY A 321 25.16 4.52 7.74
CA GLY A 321 25.86 3.38 8.33
C GLY A 321 25.56 3.29 9.82
N SER A 322 26.16 2.30 10.50
CA SER A 322 25.84 1.99 11.90
C SER A 322 26.15 3.18 12.83
N LYS A 323 27.21 3.95 12.52
CA LYS A 323 27.53 5.18 13.22
C LYS A 323 27.95 6.23 12.19
N SER A 329 25.55 11.38 20.25
CA SER A 329 25.96 9.96 20.09
C SER A 329 25.67 9.52 18.66
N SER A 330 25.75 8.21 18.38
CA SER A 330 25.26 7.67 17.12
C SER A 330 23.76 7.93 17.04
N GLY A 331 23.34 8.78 16.09
CA GLY A 331 21.93 9.02 15.82
C GLY A 331 21.16 7.70 15.76
N TYR A 332 21.76 6.73 15.03
CA TYR A 332 21.19 5.41 14.85
C TYR A 332 20.74 4.83 16.18
N HIS A 333 21.63 4.84 17.18
CA HIS A 333 21.37 4.22 18.47
C HIS A 333 20.34 5.02 19.28
N TYR A 334 20.40 6.35 19.23
CA TYR A 334 19.38 7.17 19.92
C TYR A 334 18.00 6.87 19.31
N LEU A 335 17.95 6.86 17.97
CA LEU A 335 16.71 6.64 17.25
C LEU A 335 16.15 5.24 17.54
N ARG A 336 17.04 4.24 17.57
CA ARG A 336 16.64 2.87 17.87
C ARG A 336 15.99 2.80 19.25
N SER A 337 16.46 3.65 20.18
CA SER A 337 15.90 3.68 21.52
C SER A 337 14.50 4.30 21.52
N THR A 338 14.15 5.09 20.49
CA THR A 338 12.84 5.71 20.40
C THR A 338 11.81 4.67 19.98
N VAL A 339 12.25 3.58 19.39
CA VAL A 339 11.35 2.52 18.94
C VAL A 339 11.08 1.57 20.11
N SER A 340 10.30 2.03 21.09
CA SER A 340 10.11 1.29 22.32
C SER A 340 8.79 1.74 22.96
N ASP A 341 8.29 0.97 23.92
CA ASP A 341 7.06 1.27 24.59
C ASP A 341 7.20 2.58 25.37
N ARG A 342 8.42 3.05 25.61
CA ARG A 342 8.51 4.32 26.33
C ARG A 342 7.90 5.46 25.52
N TYR A 343 7.80 5.30 24.19
CA TYR A 343 7.19 6.32 23.35
C TYR A 343 5.78 5.96 22.92
N LYS A 344 5.23 4.84 23.42
CA LYS A 344 3.83 4.49 23.19
C LYS A 344 2.96 5.07 24.32
N VAL A 345 2.21 6.11 23.99
CA VAL A 345 1.42 6.83 24.98
C VAL A 345 0.28 5.96 25.51
N PHE A 346 -0.34 5.16 24.65
CA PHE A 346 -1.51 4.35 25.04
C PHE A 346 -1.11 2.88 25.18
N VAL A 347 0.09 2.66 25.69
CA VAL A 347 0.61 1.33 25.94
C VAL A 347 -0.38 0.57 26.84
N ASP A 348 -1.06 1.24 27.77
CA ASP A 348 -2.00 0.55 28.64
C ASP A 348 -3.14 -0.11 27.85
N LEU A 349 -3.58 0.49 26.74
CA LEU A 349 -4.64 -0.07 25.94
C LEU A 349 -4.18 -1.38 25.29
N PHE A 350 -2.93 -1.43 24.86
CA PHE A 350 -2.38 -2.69 24.36
C PHE A 350 -2.34 -3.74 25.45
N ASN A 351 -1.93 -3.35 26.66
CA ASN A 351 -1.62 -4.30 27.71
C ASN A 351 -2.87 -4.88 28.38
N LEU A 352 -4.04 -4.32 28.10
CA LEU A 352 -5.25 -4.95 28.57
C LEU A 352 -5.46 -6.37 28.02
N SER A 353 -4.87 -6.73 26.87
CA SER A 353 -4.85 -8.11 26.40
C SER A 353 -4.35 -9.09 27.46
N THR A 354 -3.36 -8.70 28.25
CA THR A 354 -2.90 -9.52 29.38
C THR A 354 -4.04 -9.99 30.31
N TYR A 355 -5.13 -9.21 30.46
CA TYR A 355 -6.17 -9.49 31.45
C TYR A 355 -7.47 -10.03 30.83
N LEU A 356 -7.40 -10.63 29.64
CA LEU A 356 -8.55 -11.31 29.06
C LEU A 356 -8.91 -12.59 29.83
N ILE A 357 -10.21 -12.80 29.96
CA ILE A 357 -10.78 -13.91 30.71
C ILE A 357 -11.81 -14.59 29.81
N PRO A 358 -12.23 -15.82 30.13
CA PRO A 358 -13.31 -16.44 29.37
C PRO A 358 -14.54 -15.55 29.41
N ARG A 359 -15.30 -15.54 28.32
CA ARG A 359 -16.48 -14.70 28.17
C ARG A 359 -17.47 -14.90 29.29
N HIS A 360 -17.63 -16.16 29.71
CA HIS A 360 -18.63 -16.50 30.70
C HIS A 360 -18.25 -15.97 32.08
N TRP A 361 -17.04 -15.44 32.27
CA TRP A 361 -16.68 -14.83 33.55
C TRP A 361 -17.06 -13.38 33.59
N ILE A 362 -17.35 -12.80 32.43
CA ILE A 362 -17.62 -11.38 32.36
C ILE A 362 -18.97 -11.13 33.03
N PRO A 363 -19.05 -10.18 34.00
CA PRO A 363 -20.33 -9.92 34.69
C PRO A 363 -21.41 -9.69 33.65
N LYS A 364 -22.53 -10.38 33.85
CA LYS A 364 -23.66 -10.40 32.95
C LYS A 364 -24.31 -9.01 32.95
N MET A 365 -24.79 -8.60 31.79
CA MET A 365 -25.55 -7.37 31.69
C MET A 365 -26.84 -7.66 30.92
N ASN A 366 -27.88 -8.17 31.62
CA ASN A 366 -29.16 -8.46 30.99
C ASN A 366 -29.90 -7.14 30.71
N PRO A 367 -30.89 -7.12 29.79
CA PRO A 367 -31.71 -5.93 29.57
C PRO A 367 -32.13 -5.23 30.86
N THR A 368 -32.39 -6.04 31.90
CA THR A 368 -32.72 -5.54 33.22
C THR A 368 -31.71 -4.45 33.62
N ILE A 369 -30.42 -4.72 33.38
CA ILE A 369 -29.34 -3.78 33.69
C ILE A 369 -28.67 -3.30 32.38
N HIS A 370 -29.26 -3.65 31.22
CA HIS A 370 -28.76 -3.23 29.92
C HIS A 370 -29.15 -1.78 29.62
N LYS A 371 -30.23 -1.30 30.23
CA LYS A 371 -30.87 -0.04 29.86
C LYS A 371 -29.87 1.12 29.80
N PHE A 372 -28.93 1.17 30.77
CA PHE A 372 -28.05 2.33 30.92
C PHE A 372 -27.07 2.40 29.73
N LEU A 373 -26.85 1.30 29.00
CA LEU A 373 -25.97 1.30 27.85
C LEU A 373 -26.71 1.33 26.51
N GLU A 374 -28.02 1.61 26.55
CA GLU A 374 -28.80 1.78 25.33
C GLU A 374 -28.77 3.28 25.01
N HIS A 375 -28.63 3.63 23.73
CA HIS A 375 -28.61 5.04 23.33
C HIS A 375 -29.81 5.80 23.93
N LEU B 24 22.34 27.06 9.19
CA LEU B 24 21.23 26.47 8.40
C LEU B 24 20.37 25.57 9.29
N ILE B 25 19.16 26.06 9.61
CA ILE B 25 18.21 25.32 10.44
C ILE B 25 17.24 24.61 9.50
N TYR B 26 16.69 23.48 9.96
CA TYR B 26 15.72 22.66 9.25
C TYR B 26 14.63 23.49 8.57
N GLY B 27 13.95 24.32 9.35
CA GLY B 27 12.82 25.10 8.87
C GLY B 27 13.24 26.12 7.83
N ASN B 28 14.45 26.71 7.99
CA ASN B 28 14.96 27.62 6.99
C ASN B 28 15.31 26.89 5.69
N TYR B 29 15.97 25.74 5.83
CA TYR B 29 16.46 24.99 4.68
C TYR B 29 15.26 24.55 3.83
N LEU B 30 14.17 24.12 4.49
CA LEU B 30 12.98 23.64 3.81
C LEU B 30 11.99 24.77 3.52
N HIS B 31 12.32 26.02 3.88
CA HIS B 31 11.46 27.18 3.68
C HIS B 31 10.07 26.90 4.22
N LEU B 32 9.99 26.37 5.45
CA LEU B 32 8.73 26.08 6.10
C LEU B 32 7.94 27.35 6.41
N GLU B 33 8.61 28.51 6.47
CA GLU B 33 7.90 29.77 6.67
C GLU B 33 6.98 30.01 5.48
N LYS B 34 7.28 29.39 4.32
CA LYS B 34 6.41 29.43 3.17
C LYS B 34 5.42 28.26 3.19
N VAL B 35 5.95 27.05 3.34
CA VAL B 35 5.15 25.84 3.15
C VAL B 35 4.05 25.77 4.20
N LEU B 36 4.34 26.20 5.43
CA LEU B 36 3.41 26.02 6.54
C LEU B 36 2.67 27.32 6.87
N ASN B 37 2.79 28.33 6.02
CA ASN B 37 1.92 29.50 6.06
C ASN B 37 1.20 29.69 4.73
N ALA B 38 0.68 28.59 4.15
CA ALA B 38 0.03 28.65 2.85
C ALA B 38 -1.38 28.07 2.92
N GLN B 39 -1.89 27.93 4.15
CA GLN B 39 -3.17 27.29 4.40
C GLN B 39 -4.15 28.36 4.86
N GLU B 40 -5.00 28.80 3.96
CA GLU B 40 -6.07 29.74 4.24
C GLU B 40 -7.40 29.12 3.83
N LEU B 41 -8.26 28.86 4.81
CA LEU B 41 -9.58 28.32 4.56
C LEU B 41 -10.48 29.45 4.10
N GLN B 42 -11.07 29.29 2.90
CA GLN B 42 -12.02 30.25 2.40
C GLN B 42 -13.26 30.28 3.27
N SER B 43 -13.63 29.13 3.84
CA SER B 43 -14.80 29.08 4.71
C SER B 43 -14.58 30.04 5.87
N GLU B 44 -13.36 30.09 6.40
CA GLU B 44 -13.03 30.92 7.55
C GLU B 44 -12.88 32.38 7.14
N THR B 45 -12.30 32.65 5.95
CA THR B 45 -12.24 33.99 5.40
C THR B 45 -13.64 34.61 5.29
N LYS B 46 -14.68 33.78 5.08
CA LYS B 46 -16.04 34.27 4.92
C LYS B 46 -16.87 34.07 6.20
N GLY B 47 -16.19 33.89 7.35
CA GLY B 47 -16.84 33.87 8.65
C GLY B 47 -17.61 32.59 8.94
N ASN B 48 -17.15 31.43 8.40
CA ASN B 48 -17.88 30.17 8.55
C ASN B 48 -16.95 28.98 8.38
N LYS B 49 -15.90 28.95 9.18
CA LYS B 49 -14.85 27.95 9.17
C LYS B 49 -15.44 26.54 9.18
N ILE B 50 -14.99 25.70 8.25
CA ILE B 50 -15.43 24.32 8.15
C ILE B 50 -14.17 23.47 8.23
N HIS B 51 -14.16 22.56 9.21
CA HIS B 51 -12.98 21.85 9.65
C HIS B 51 -12.30 21.16 8.47
N ASP B 52 -13.10 20.43 7.66
CA ASP B 52 -12.55 19.55 6.65
C ASP B 52 -11.92 20.34 5.50
N GLU B 53 -12.18 21.65 5.40
CA GLU B 53 -11.54 22.40 4.31
C GLU B 53 -10.03 22.31 4.39
N HIS B 54 -9.51 22.20 5.62
CA HIS B 54 -8.08 22.20 5.83
C HIS B 54 -7.48 20.98 5.15
N LEU B 55 -8.13 19.81 5.33
CA LEU B 55 -7.71 18.58 4.70
C LEU B 55 -7.66 18.75 3.16
N PHE B 56 -8.67 19.42 2.61
CA PHE B 56 -8.78 19.56 1.16
C PHE B 56 -7.59 20.37 0.64
N ILE B 57 -7.20 21.44 1.37
CA ILE B 57 -6.07 22.25 0.99
C ILE B 57 -4.77 21.46 1.05
N ILE B 58 -4.52 20.79 2.18
CA ILE B 58 -3.26 20.13 2.38
C ILE B 58 -3.09 19.01 1.34
N THR B 59 -4.15 18.22 1.13
CA THR B 59 -4.10 17.16 0.15
C THR B 59 -3.62 17.68 -1.20
N HIS B 60 -4.23 18.77 -1.68
CA HIS B 60 -3.83 19.32 -2.97
C HIS B 60 -2.40 19.83 -2.95
N GLN B 61 -1.99 20.48 -1.84
CA GLN B 61 -0.64 21.00 -1.76
C GLN B 61 0.37 19.87 -1.82
N ALA B 62 0.05 18.73 -1.17
CA ALA B 62 0.93 17.58 -1.20
C ALA B 62 1.03 17.02 -2.63
N TYR B 63 -0.10 16.86 -3.33
CA TYR B 63 -0.10 16.47 -4.74
C TYR B 63 0.82 17.40 -5.53
N GLU B 64 0.66 18.70 -5.37
CA GLU B 64 1.45 19.66 -6.14
C GLU B 64 2.96 19.57 -5.85
N LEU B 65 3.36 19.35 -4.58
CA LEU B 65 4.75 19.13 -4.27
C LEU B 65 5.28 17.95 -5.07
N TRP B 66 4.54 16.84 -5.08
CA TRP B 66 4.99 15.64 -5.77
C TRP B 66 4.96 15.78 -7.30
N PHE B 67 4.04 16.56 -7.83
CA PHE B 67 4.03 16.91 -9.23
C PHE B 67 5.29 17.70 -9.57
N LYS B 68 5.67 18.63 -8.70
CA LYS B 68 6.92 19.36 -8.91
C LYS B 68 8.11 18.40 -8.98
N GLN B 69 8.14 17.40 -8.08
CA GLN B 69 9.24 16.45 -8.07
C GLN B 69 9.22 15.58 -9.33
N ILE B 70 8.04 15.16 -9.79
CA ILE B 70 7.91 14.37 -11.00
C ILE B 70 8.42 15.19 -12.19
N LEU B 71 8.05 16.45 -12.27
CA LEU B 71 8.53 17.33 -13.33
C LEU B 71 10.05 17.44 -13.28
N TRP B 72 10.61 17.52 -12.09
CA TRP B 72 12.05 17.65 -11.96
C TRP B 72 12.75 16.40 -12.48
N GLU B 73 12.23 15.21 -12.15
CA GLU B 73 12.85 13.99 -12.64
C GLU B 73 12.68 13.88 -14.15
N LEU B 74 11.47 14.15 -14.63
CA LEU B 74 11.13 13.96 -16.04
C LEU B 74 11.89 14.96 -16.90
N ASP B 75 12.00 16.21 -16.48
CA ASP B 75 12.83 17.18 -17.19
C ASP B 75 14.29 16.74 -17.21
N SER B 76 14.81 16.15 -16.14
CA SER B 76 16.21 15.75 -16.12
C SER B 76 16.42 14.62 -17.13
N VAL B 77 15.43 13.74 -17.25
CA VAL B 77 15.54 12.62 -18.19
C VAL B 77 15.36 13.10 -19.63
N ARG B 78 14.43 14.02 -19.87
CA ARG B 78 14.30 14.62 -21.19
C ARG B 78 15.63 15.23 -21.63
N GLU B 79 16.31 15.95 -20.71
CA GLU B 79 17.55 16.62 -21.02
C GLU B 79 18.65 15.62 -21.39
N ILE B 80 18.74 14.51 -20.65
CA ILE B 80 19.73 13.47 -20.94
C ILE B 80 19.54 12.94 -22.37
N PHE B 81 18.29 12.75 -22.80
CA PHE B 81 18.02 12.34 -24.18
C PHE B 81 18.36 13.47 -25.15
N GLN B 82 17.78 14.66 -24.89
CA GLN B 82 17.85 15.76 -25.84
C GLN B 82 19.28 16.19 -26.11
N ASN B 83 20.17 16.12 -25.11
CA ASN B 83 21.51 16.69 -25.25
C ASN B 83 22.50 15.61 -25.68
N GLY B 84 22.04 14.37 -25.90
CA GLY B 84 22.93 13.35 -26.44
C GLY B 84 23.59 12.49 -25.37
N HIS B 85 23.42 12.81 -24.10
CA HIS B 85 24.09 12.08 -23.04
C HIS B 85 23.65 10.61 -23.02
N VAL B 86 22.39 10.35 -23.40
CA VAL B 86 21.90 8.97 -23.43
C VAL B 86 22.71 8.12 -24.40
N ARG B 87 23.44 8.72 -25.33
CA ARG B 87 24.21 7.93 -26.28
C ARG B 87 25.32 7.18 -25.55
N ASP B 88 25.82 7.75 -24.47
CA ASP B 88 26.75 7.05 -23.59
C ASP B 88 25.96 6.17 -22.63
N GLU B 89 26.05 4.85 -22.81
CA GLU B 89 25.19 3.87 -22.17
C GLU B 89 25.49 3.78 -20.67
N ARG B 90 26.56 4.43 -20.22
CA ARG B 90 26.81 4.58 -18.79
C ARG B 90 25.64 5.30 -18.12
N ASN B 91 24.88 6.10 -18.89
CA ASN B 91 23.84 6.93 -18.29
C ASN B 91 22.50 6.21 -18.22
N MET B 92 22.42 4.96 -18.68
CA MET B 92 21.13 4.27 -18.68
C MET B 92 20.66 3.93 -17.25
N LEU B 93 21.59 3.69 -16.30
CA LEU B 93 21.19 3.35 -14.93
C LEU B 93 20.45 4.53 -14.30
N LYS B 94 21.01 5.73 -14.46
CA LYS B 94 20.40 6.95 -13.98
C LYS B 94 19.04 7.19 -14.64
N VAL B 95 18.95 6.97 -15.94
CA VAL B 95 17.68 7.15 -16.64
C VAL B 95 16.62 6.22 -16.04
N VAL B 96 16.94 4.94 -15.89
CA VAL B 96 15.95 3.99 -15.42
C VAL B 96 15.63 4.24 -13.94
N SER B 97 16.63 4.60 -13.12
CA SER B 97 16.38 4.85 -11.70
C SER B 97 15.43 6.04 -11.55
N ARG B 98 15.59 7.09 -12.37
CA ARG B 98 14.73 8.24 -12.24
C ARG B 98 13.32 7.96 -12.74
N MET B 99 13.17 7.20 -13.81
CA MET B 99 11.83 6.83 -14.28
C MET B 99 11.16 5.88 -13.29
N HIS B 100 11.93 4.96 -12.71
CA HIS B 100 11.42 4.12 -11.64
C HIS B 100 10.94 4.97 -10.46
N ARG B 101 11.73 6.00 -10.10
CA ARG B 101 11.37 6.91 -9.04
C ARG B 101 10.04 7.61 -9.35
N VAL B 102 9.83 8.02 -10.60
CA VAL B 102 8.56 8.64 -10.96
C VAL B 102 7.41 7.67 -10.71
N SER B 103 7.59 6.39 -11.02
CA SER B 103 6.51 5.46 -10.82
C SER B 103 6.27 5.18 -9.33
N VAL B 104 7.33 5.18 -8.49
CA VAL B 104 7.17 5.05 -7.04
C VAL B 104 6.37 6.25 -6.48
N ILE B 105 6.63 7.47 -6.97
CA ILE B 105 5.89 8.65 -6.53
C ILE B 105 4.43 8.54 -6.95
N LEU B 106 4.19 8.11 -8.19
CA LEU B 106 2.82 8.03 -8.70
C LEU B 106 2.05 7.00 -7.90
N LYS B 107 2.70 5.90 -7.49
CA LYS B 107 2.01 4.93 -6.66
C LYS B 107 1.59 5.56 -5.33
N LEU B 108 2.46 6.38 -4.72
CA LEU B 108 2.10 7.04 -3.50
C LEU B 108 0.91 7.97 -3.77
N LEU B 109 0.92 8.68 -4.89
CA LEU B 109 -0.14 9.62 -5.21
C LEU B 109 -1.48 8.90 -5.39
N VAL B 110 -1.48 7.70 -5.94
CA VAL B 110 -2.69 6.90 -6.04
C VAL B 110 -3.19 6.52 -4.66
N GLN B 111 -2.30 6.08 -3.76
CA GLN B 111 -2.66 5.71 -2.40
C GLN B 111 -3.18 6.93 -1.64
N GLN B 112 -2.70 8.13 -1.97
CA GLN B 112 -3.03 9.35 -1.26
C GLN B 112 -4.51 9.69 -1.33
N PHE B 113 -5.23 9.13 -2.31
CA PHE B 113 -6.67 9.34 -2.38
C PHE B 113 -7.35 8.74 -1.16
N SER B 114 -6.74 7.71 -0.56
CA SER B 114 -7.29 7.13 0.68
C SER B 114 -7.46 8.19 1.78
N ILE B 115 -6.67 9.28 1.76
CA ILE B 115 -6.81 10.28 2.79
C ILE B 115 -8.07 11.12 2.53
N LEU B 116 -8.28 11.48 1.28
CA LEU B 116 -9.40 12.34 0.94
C LEU B 116 -10.69 11.55 1.04
N GLU B 117 -10.62 10.23 0.91
CA GLU B 117 -11.81 9.42 1.15
C GLU B 117 -12.27 9.42 2.61
N THR B 118 -11.48 9.96 3.58
CA THR B 118 -11.99 10.08 4.96
C THR B 118 -12.86 11.33 5.09
N MET B 119 -12.97 12.15 4.04
CA MET B 119 -13.94 13.26 4.02
C MET B 119 -15.25 12.81 3.40
N THR B 120 -16.37 12.94 4.11
CA THR B 120 -17.64 12.53 3.54
C THR B 120 -18.14 13.62 2.57
N ALA B 121 -19.06 13.21 1.70
CA ALA B 121 -19.72 14.13 0.76
C ALA B 121 -20.50 15.19 1.52
N LEU B 122 -21.13 14.83 2.64
CA LEU B 122 -21.86 15.80 3.44
C LEU B 122 -20.94 16.90 4.00
N ASP B 123 -19.76 16.54 4.43
CA ASP B 123 -18.82 17.51 4.99
C ASP B 123 -18.21 18.38 3.88
N PHE B 124 -17.95 17.77 2.72
CA PHE B 124 -17.45 18.50 1.57
C PHE B 124 -18.47 19.55 1.17
N ASN B 125 -19.74 19.19 1.22
CA ASN B 125 -20.83 20.05 0.80
C ASN B 125 -20.90 21.31 1.67
N ASP B 126 -20.32 21.31 2.87
CA ASP B 126 -20.42 22.47 3.75
C ASP B 126 -19.46 23.58 3.34
N PHE B 127 -18.42 23.30 2.54
CA PHE B 127 -17.48 24.36 2.17
C PHE B 127 -17.32 24.47 0.64
N ARG B 128 -18.02 23.60 -0.11
CA ARG B 128 -17.85 23.56 -1.55
C ARG B 128 -18.16 24.93 -2.18
N GLU B 129 -19.15 25.65 -1.64
CA GLU B 129 -19.61 26.92 -2.19
C GLU B 129 -18.48 27.96 -2.23
N TYR B 130 -17.54 27.89 -1.28
CA TYR B 130 -16.49 28.89 -1.17
C TYR B 130 -15.36 28.60 -2.17
N LEU B 131 -15.44 27.49 -2.91
CA LEU B 131 -14.36 27.07 -3.79
C LEU B 131 -14.49 27.77 -5.14
N SER B 132 -15.71 27.92 -5.66
CA SER B 132 -15.91 28.53 -6.97
C SER B 132 -15.19 29.88 -7.04
N PRO B 133 -14.50 30.20 -8.16
CA PRO B 133 -14.51 29.36 -9.36
C PRO B 133 -13.27 28.49 -9.57
N ALA B 134 -12.63 28.05 -8.49
CA ALA B 134 -11.38 27.31 -8.60
C ALA B 134 -11.69 25.87 -9.00
N SER B 135 -10.74 25.22 -9.72
CA SER B 135 -10.92 23.84 -10.12
C SER B 135 -9.55 23.20 -10.29
N GLY B 136 -9.51 21.86 -10.20
CA GLY B 136 -8.30 21.10 -10.47
C GLY B 136 -7.82 21.29 -11.91
N PHE B 137 -8.76 21.61 -12.80
CA PHE B 137 -8.48 21.87 -14.20
C PHE B 137 -7.40 22.95 -14.31
N GLN B 138 -7.30 23.79 -13.27
CA GLN B 138 -6.36 24.91 -13.28
C GLN B 138 -5.01 24.48 -12.73
N SER B 139 -4.77 23.18 -12.54
CA SER B 139 -3.43 22.71 -12.15
C SER B 139 -2.48 22.82 -13.32
N LEU B 140 -1.66 23.88 -13.32
CA LEU B 140 -0.63 24.07 -14.31
C LEU B 140 0.26 22.84 -14.36
N GLN B 141 0.74 22.40 -13.17
CA GLN B 141 1.74 21.35 -13.15
C GLN B 141 1.20 20.04 -13.74
N PHE B 142 -0.07 19.73 -13.47
CA PHE B 142 -0.67 18.50 -13.98
C PHE B 142 -0.67 18.54 -15.52
N ARG B 143 -0.97 19.71 -16.09
CA ARG B 143 -0.99 19.87 -17.54
C ARG B 143 0.44 19.78 -18.08
N LEU B 144 1.40 20.44 -17.41
CA LEU B 144 2.79 20.40 -17.83
C LEU B 144 3.26 18.96 -17.87
N LEU B 145 2.88 18.17 -16.87
CA LEU B 145 3.26 16.78 -16.79
C LEU B 145 2.66 15.99 -17.97
N GLU B 146 1.37 16.19 -18.25
CA GLU B 146 0.72 15.51 -19.37
C GLU B 146 1.44 15.83 -20.67
N ASN B 147 1.71 17.13 -20.89
CA ASN B 147 2.31 17.60 -22.14
C ASN B 147 3.72 17.07 -22.29
N LYS B 148 4.51 17.10 -21.21
CA LYS B 148 5.92 16.72 -21.30
C LYS B 148 6.06 15.22 -21.49
N ILE B 149 5.11 14.42 -20.98
CA ILE B 149 5.15 12.99 -21.25
C ILE B 149 4.83 12.78 -22.74
N GLY B 150 3.78 13.46 -23.25
CA GLY B 150 3.46 13.41 -24.68
C GLY B 150 1.96 13.31 -25.01
N VAL B 151 1.08 13.76 -24.12
CA VAL B 151 -0.34 13.78 -24.46
C VAL B 151 -0.55 14.82 -25.56
N LEU B 152 -1.21 14.45 -26.65
CA LEU B 152 -1.40 15.38 -27.75
C LEU B 152 -2.65 16.24 -27.55
N GLN B 153 -2.51 17.54 -27.84
CA GLN B 153 -3.61 18.48 -27.66
C GLN B 153 -4.81 18.07 -28.52
N ASN B 154 -4.57 17.67 -29.77
CA ASN B 154 -5.64 17.33 -30.71
C ASN B 154 -6.43 16.09 -30.24
N MET B 155 -5.84 15.29 -29.33
CA MET B 155 -6.45 14.05 -28.89
C MET B 155 -7.18 14.23 -27.56
N ARG B 156 -7.04 15.40 -26.92
CA ARG B 156 -7.71 15.66 -25.65
C ARG B 156 -9.22 15.75 -25.86
N VAL B 157 -9.99 15.17 -24.93
CA VAL B 157 -11.45 15.23 -24.99
C VAL B 157 -11.89 16.63 -24.53
N PRO B 158 -12.75 17.36 -25.29
CA PRO B 158 -13.20 18.70 -24.90
C PRO B 158 -14.08 18.68 -23.65
N TYR B 159 -13.88 19.67 -22.77
CA TYR B 159 -14.71 19.79 -21.58
C TYR B 159 -15.63 20.98 -21.77
N ASN B 160 -16.94 20.73 -21.71
CA ASN B 160 -17.93 21.77 -21.93
C ASN B 160 -17.59 22.51 -23.24
N ARG B 161 -17.26 21.73 -24.28
CA ARG B 161 -16.86 22.24 -25.59
C ARG B 161 -15.85 23.38 -25.43
N ARG B 162 -14.74 23.12 -24.72
CA ARG B 162 -13.71 24.14 -24.53
C ARG B 162 -12.30 23.52 -24.63
N HIS B 163 -11.32 24.34 -25.01
CA HIS B 163 -9.91 23.94 -25.01
C HIS B 163 -9.41 23.95 -23.55
N TYR B 164 -8.39 23.15 -23.24
CA TYR B 164 -7.88 23.07 -21.88
C TYR B 164 -7.11 24.34 -21.53
N ARG B 165 -6.35 24.88 -22.49
CA ARG B 165 -5.44 25.99 -22.20
C ARG B 165 -6.21 27.31 -21.96
N ASP B 166 -7.49 27.37 -22.36
CA ASP B 166 -8.24 28.61 -22.23
C ASP B 166 -8.52 28.92 -20.76
N ASN B 167 -8.31 27.94 -19.87
CA ASN B 167 -8.46 28.14 -18.43
C ASN B 167 -7.20 28.77 -17.83
N PHE B 168 -6.20 29.06 -18.68
CA PHE B 168 -4.92 29.58 -18.22
C PHE B 168 -4.62 30.86 -19.00
N LYS B 169 -3.84 31.77 -18.39
CA LYS B 169 -3.56 33.08 -18.96
C LYS B 169 -2.13 33.54 -18.61
N GLY B 170 -1.63 34.56 -19.32
CA GLY B 170 -0.35 35.19 -19.01
C GLY B 170 0.84 34.23 -19.14
N GLU B 171 1.76 34.25 -18.17
CA GLU B 171 2.94 33.41 -18.17
C GLU B 171 2.58 31.92 -18.12
N GLU B 172 1.49 31.59 -17.41
CA GLU B 172 1.06 30.21 -17.27
C GLU B 172 0.66 29.66 -18.64
N ASN B 173 -0.06 30.47 -19.45
CA ASN B 173 -0.45 30.05 -20.78
C ASN B 173 0.81 29.85 -21.64
N GLU B 174 1.81 30.70 -21.40
CA GLU B 174 3.06 30.67 -22.16
C GLU B 174 3.84 29.40 -21.80
N LEU B 175 3.92 29.10 -20.50
CA LEU B 175 4.60 27.90 -20.04
C LEU B 175 3.97 26.66 -20.68
N LEU B 176 2.63 26.62 -20.72
CA LEU B 176 1.91 25.48 -21.27
C LEU B 176 2.24 25.32 -22.75
N LEU B 177 2.37 26.46 -23.45
CA LEU B 177 2.68 26.42 -24.87
C LEU B 177 4.08 25.86 -25.11
N LYS B 178 5.07 26.34 -24.35
CA LYS B 178 6.41 25.78 -24.40
C LYS B 178 6.36 24.27 -24.17
N SER B 179 5.59 23.84 -23.17
CA SER B 179 5.53 22.42 -22.85
C SER B 179 4.94 21.62 -24.02
N GLU B 180 4.08 22.25 -24.82
CA GLU B 180 3.47 21.62 -25.99
C GLU B 180 4.47 21.58 -27.16
N GLN B 181 5.29 22.64 -27.30
CA GLN B 181 6.19 22.78 -28.43
C GLN B 181 7.53 22.07 -28.21
N GLU B 182 8.00 21.98 -26.97
CA GLU B 182 9.26 21.31 -26.67
C GLU B 182 9.12 19.82 -26.90
N LYS B 183 10.25 19.15 -27.13
CA LYS B 183 10.27 17.72 -27.36
C LYS B 183 9.77 16.99 -26.11
N THR B 184 8.83 16.06 -26.34
CA THR B 184 8.20 15.31 -25.29
C THR B 184 9.05 14.07 -25.02
N LEU B 185 8.79 13.41 -23.89
CA LEU B 185 9.45 12.18 -23.54
C LEU B 185 9.22 11.14 -24.65
N LEU B 186 7.98 11.06 -25.14
CA LEU B 186 7.65 10.18 -26.24
C LEU B 186 8.58 10.42 -27.46
N GLU B 187 8.74 11.68 -27.88
CA GLU B 187 9.53 12.01 -29.07
C GLU B 187 11.00 11.71 -28.83
N LEU B 188 11.49 11.93 -27.60
CA LEU B 188 12.89 11.71 -27.33
C LEU B 188 13.18 10.22 -27.27
N VAL B 189 12.27 9.44 -26.67
CA VAL B 189 12.39 7.98 -26.67
C VAL B 189 12.30 7.45 -28.12
N GLU B 190 11.36 7.98 -28.90
CA GLU B 190 11.24 7.62 -30.31
C GLU B 190 12.57 7.76 -31.06
N ALA B 191 13.20 8.94 -30.99
CA ALA B 191 14.46 9.17 -31.67
C ALA B 191 15.52 8.16 -31.22
N TRP B 192 15.57 7.87 -29.91
CA TRP B 192 16.55 6.92 -29.40
C TRP B 192 16.23 5.50 -29.90
N LEU B 193 14.95 5.13 -29.96
CA LEU B 193 14.55 3.81 -30.43
C LEU B 193 14.93 3.62 -31.90
N GLU B 194 14.87 4.72 -32.67
CA GLU B 194 15.21 4.65 -34.09
C GLU B 194 16.69 4.31 -34.29
N ARG B 195 17.53 4.61 -33.29
CA ARG B 195 18.95 4.31 -33.38
C ARG B 195 19.30 2.94 -32.81
N THR B 196 18.30 2.13 -32.43
CA THR B 196 18.57 0.88 -31.74
C THR B 196 19.47 0.00 -32.62
N PRO B 197 20.60 -0.55 -32.10
CA PRO B 197 21.43 -1.46 -32.88
C PRO B 197 20.71 -2.75 -33.29
N GLY B 198 20.96 -3.22 -34.51
CA GLY B 198 20.37 -4.46 -35.00
C GLY B 198 19.44 -4.28 -36.18
N LEU B 199 18.98 -3.05 -36.40
CA LEU B 199 17.99 -2.77 -37.44
C LEU B 199 18.66 -2.63 -38.81
N GLU B 200 19.98 -2.42 -38.84
CA GLU B 200 20.69 -2.14 -40.07
C GLU B 200 20.46 -3.29 -41.07
N PRO B 201 19.89 -2.99 -42.26
CA PRO B 201 19.72 -4.02 -43.29
C PRO B 201 21.01 -4.72 -43.69
N HIS B 202 22.11 -3.96 -43.67
CA HIS B 202 23.43 -4.46 -43.99
C HIS B 202 24.05 -5.16 -42.79
N GLY B 203 23.40 -5.06 -41.61
CA GLY B 203 23.89 -5.66 -40.37
C GLY B 203 23.12 -6.91 -39.98
N PHE B 204 22.61 -6.96 -38.75
CA PHE B 204 21.87 -8.12 -38.25
C PHE B 204 20.54 -8.23 -39.00
N ASN B 205 20.04 -7.11 -39.55
CA ASN B 205 18.89 -7.11 -40.43
C ASN B 205 17.69 -7.75 -39.74
N PHE B 206 17.39 -7.27 -38.53
CA PHE B 206 16.34 -7.82 -37.69
C PHE B 206 15.01 -7.95 -38.46
N TRP B 207 14.58 -6.84 -39.10
CA TRP B 207 13.27 -6.78 -39.71
C TRP B 207 13.14 -7.79 -40.84
N GLY B 208 14.14 -7.83 -41.72
CA GLY B 208 14.15 -8.75 -42.85
C GLY B 208 14.07 -10.19 -42.37
N LYS B 209 14.86 -10.54 -41.34
CA LYS B 209 14.89 -11.90 -40.87
C LYS B 209 13.58 -12.26 -40.17
N LEU B 210 12.99 -11.29 -39.45
CA LEU B 210 11.77 -11.54 -38.72
C LEU B 210 10.63 -11.81 -39.69
N GLU B 211 10.54 -11.00 -40.73
CA GLU B 211 9.55 -11.21 -41.79
C GLU B 211 9.69 -12.61 -42.38
N LYS B 212 10.92 -13.01 -42.72
CA LYS B 212 11.15 -14.30 -43.36
C LYS B 212 10.77 -15.43 -42.42
N ASN B 213 11.14 -15.34 -41.13
CA ASN B 213 10.88 -16.42 -40.19
C ASN B 213 9.39 -16.57 -39.92
N ILE B 214 8.66 -15.43 -39.82
CA ILE B 214 7.23 -15.48 -39.58
C ILE B 214 6.52 -16.07 -40.81
N THR B 215 6.95 -15.66 -42.01
CA THR B 215 6.35 -16.18 -43.22
C THR B 215 6.52 -17.70 -43.30
N ARG B 216 7.74 -18.16 -43.06
CA ARG B 216 8.02 -19.59 -43.08
C ARG B 216 7.20 -20.30 -42.00
N GLY B 217 7.25 -19.74 -40.80
CA GLY B 217 6.53 -20.30 -39.65
C GLY B 217 5.03 -20.49 -39.95
N LEU B 218 4.43 -19.47 -40.56
CA LEU B 218 3.02 -19.52 -40.90
C LEU B 218 2.77 -20.60 -41.95
N GLU B 219 3.63 -20.65 -42.98
CA GLU B 219 3.49 -21.65 -44.03
C GLU B 219 3.50 -23.06 -43.43
N GLU B 220 4.46 -23.31 -42.53
CA GLU B 220 4.59 -24.61 -41.88
C GLU B 220 3.31 -24.97 -41.13
N GLU B 221 2.78 -23.99 -40.37
CA GLU B 221 1.59 -24.22 -39.57
C GLU B 221 0.41 -24.55 -40.49
N PHE B 222 0.27 -23.81 -41.58
CA PHE B 222 -0.83 -24.02 -42.49
C PHE B 222 -0.85 -25.47 -42.97
N ILE B 223 0.33 -25.98 -43.37
CA ILE B 223 0.45 -27.33 -43.90
C ILE B 223 -0.06 -28.34 -42.87
N ARG B 224 0.37 -28.19 -41.61
CA ARG B 224 -0.09 -29.06 -40.54
C ARG B 224 -1.61 -29.12 -40.49
N ILE B 225 -2.25 -27.93 -40.46
CA ILE B 225 -3.71 -27.83 -40.32
C ILE B 225 -4.37 -28.46 -41.55
N GLN B 226 -3.85 -28.15 -42.74
CA GLN B 226 -4.39 -28.65 -44.00
C GLN B 226 -4.42 -30.17 -43.97
N ALA B 227 -3.41 -30.79 -43.35
CA ALA B 227 -3.31 -32.25 -43.32
C ALA B 227 -4.49 -32.86 -42.56
N LYS B 228 -5.02 -32.15 -41.56
CA LYS B 228 -6.16 -32.65 -40.78
C LYS B 228 -7.40 -32.86 -41.68
N GLU B 229 -8.31 -33.74 -41.27
CA GLU B 229 -9.53 -34.03 -42.02
C GLU B 229 -10.63 -33.04 -41.63
N GLU B 230 -11.48 -32.67 -42.60
CA GLU B 230 -12.50 -31.66 -42.42
C GLU B 230 -13.30 -31.94 -41.15
N SER B 231 -13.45 -30.96 -40.27
CA SER B 231 -14.16 -31.09 -39.01
C SER B 231 -14.44 -29.69 -38.48
N GLU B 232 -15.29 -29.57 -37.46
CA GLU B 232 -15.50 -28.27 -36.83
C GLU B 232 -14.19 -27.77 -36.22
N GLU B 233 -13.45 -28.69 -35.61
CA GLU B 233 -12.19 -28.37 -34.95
C GLU B 233 -11.24 -27.77 -35.99
N LYS B 234 -11.09 -28.46 -37.13
CA LYS B 234 -10.16 -28.02 -38.16
C LYS B 234 -10.53 -26.59 -38.58
N GLU B 235 -11.82 -26.34 -38.78
CA GLU B 235 -12.32 -25.02 -39.14
C GLU B 235 -11.86 -24.00 -38.11
N GLU B 236 -12.02 -24.32 -36.84
CA GLU B 236 -11.65 -23.43 -35.75
C GLU B 236 -10.15 -23.12 -35.81
N GLN B 237 -9.33 -24.15 -36.02
CA GLN B 237 -7.90 -23.96 -36.16
C GLN B 237 -7.60 -23.04 -37.37
N VAL B 238 -8.26 -23.32 -38.52
CA VAL B 238 -8.05 -22.54 -39.73
C VAL B 238 -8.39 -21.08 -39.43
N ALA B 239 -9.53 -20.83 -38.79
CA ALA B 239 -9.98 -19.49 -38.47
C ALA B 239 -8.98 -18.77 -37.57
N GLU B 240 -8.55 -19.47 -36.51
CA GLU B 240 -7.55 -18.90 -35.60
C GLU B 240 -6.25 -18.57 -36.36
N PHE B 241 -5.78 -19.54 -37.17
CA PHE B 241 -4.59 -19.36 -37.96
C PHE B 241 -4.74 -18.10 -38.82
N GLN B 242 -5.91 -17.94 -39.42
CA GLN B 242 -6.11 -16.84 -40.35
C GLN B 242 -6.04 -15.55 -39.57
N LYS B 243 -6.58 -15.52 -38.34
CA LYS B 243 -6.48 -14.32 -37.51
C LYS B 243 -5.05 -14.01 -37.11
N GLN B 244 -4.34 -15.05 -36.63
CA GLN B 244 -2.95 -14.87 -36.22
C GLN B 244 -2.12 -14.40 -37.44
N LYS B 245 -2.36 -15.02 -38.59
CA LYS B 245 -1.63 -14.65 -39.80
C LYS B 245 -1.83 -13.17 -40.14
N GLU B 246 -3.08 -12.71 -40.07
CA GLU B 246 -3.38 -11.33 -40.42
C GLU B 246 -2.68 -10.41 -39.44
N VAL B 247 -2.70 -10.74 -38.15
CA VAL B 247 -2.09 -9.87 -37.16
C VAL B 247 -0.59 -9.76 -37.41
N LEU B 248 0.07 -10.91 -37.54
CA LEU B 248 1.53 -10.92 -37.60
C LEU B 248 2.00 -10.26 -38.89
N LEU B 249 1.33 -10.53 -40.00
CA LEU B 249 1.80 -9.99 -41.26
C LEU B 249 1.50 -8.50 -41.33
N SER B 250 0.46 -8.03 -40.65
CA SER B 250 0.13 -6.62 -40.61
C SER B 250 1.28 -5.81 -40.04
N LEU B 251 2.14 -6.42 -39.23
CA LEU B 251 3.26 -5.74 -38.66
C LEU B 251 4.22 -5.22 -39.74
N PHE B 252 4.32 -5.93 -40.85
CA PHE B 252 5.24 -5.58 -41.93
C PHE B 252 4.59 -4.62 -42.94
N ASP B 253 3.38 -4.12 -42.66
CA ASP B 253 2.69 -3.20 -43.55
C ASP B 253 2.97 -1.78 -43.11
N GLU B 254 4.03 -1.17 -43.69
CA GLU B 254 4.48 0.15 -43.30
C GLU B 254 3.41 1.22 -43.57
N LYS B 255 2.63 1.03 -44.63
CA LYS B 255 1.63 1.99 -45.04
C LYS B 255 0.47 2.01 -44.04
N ARG B 256 0.00 0.82 -43.64
CA ARG B 256 -1.00 0.75 -42.59
C ARG B 256 -0.52 1.47 -41.32
N HIS B 257 0.76 1.30 -40.98
CA HIS B 257 1.28 1.97 -39.79
C HIS B 257 1.17 3.49 -39.94
N GLU B 258 1.56 4.02 -41.11
CA GLU B 258 1.54 5.44 -41.38
C GLU B 258 0.12 5.99 -41.24
N HIS B 259 -0.84 5.23 -41.75
CA HIS B 259 -2.24 5.57 -41.67
C HIS B 259 -2.71 5.62 -40.22
N LEU B 260 -2.33 4.62 -39.43
CA LEU B 260 -2.79 4.59 -38.04
C LEU B 260 -2.10 5.69 -37.23
N LEU B 261 -0.85 6.04 -37.59
CA LEU B 261 -0.17 7.22 -37.02
C LEU B 261 -1.01 8.47 -37.26
N SER B 262 -1.47 8.68 -38.50
CA SER B 262 -2.16 9.92 -38.83
C SER B 262 -3.45 10.04 -38.04
N LYS B 263 -4.05 8.92 -37.64
CA LYS B 263 -5.31 8.92 -36.90
C LYS B 263 -5.03 9.03 -35.41
N GLY B 264 -3.78 8.88 -35.00
CA GLY B 264 -3.43 8.94 -33.60
C GLY B 264 -3.73 7.63 -32.88
N GLU B 265 -3.92 6.53 -33.62
CA GLU B 265 -4.08 5.22 -32.99
C GLU B 265 -2.74 4.59 -32.66
N ARG B 266 -1.68 5.07 -33.32
CA ARG B 266 -0.31 4.78 -32.90
C ARG B 266 0.41 6.10 -32.72
N ARG B 267 1.59 6.05 -32.08
CA ARG B 267 2.36 7.26 -31.75
C ARG B 267 3.81 7.16 -32.21
N LEU B 268 4.42 5.97 -32.16
CA LEU B 268 5.82 5.83 -32.55
C LEU B 268 5.95 5.66 -34.06
N SER B 269 7.03 6.21 -34.62
CA SER B 269 7.42 5.96 -35.99
C SER B 269 7.59 4.45 -36.20
N TYR B 270 7.51 4.03 -37.44
CA TYR B 270 7.66 2.64 -37.82
C TYR B 270 9.03 2.14 -37.38
N ARG B 271 10.05 2.95 -37.60
CA ARG B 271 11.41 2.52 -37.28
C ARG B 271 11.58 2.37 -35.75
N ALA B 272 11.03 3.29 -34.98
CA ALA B 272 11.08 3.22 -33.53
C ALA B 272 10.35 1.98 -33.01
N LEU B 273 9.25 1.60 -33.67
CA LEU B 273 8.54 0.38 -33.33
C LEU B 273 9.47 -0.82 -33.52
N GLN B 274 10.28 -0.79 -34.58
CA GLN B 274 11.22 -1.87 -34.84
C GLN B 274 12.25 -1.96 -33.75
N GLY B 275 12.76 -0.78 -33.33
CA GLY B 275 13.69 -0.70 -32.22
C GLY B 275 13.11 -1.33 -30.96
N ALA B 276 11.87 -0.94 -30.63
CA ALA B 276 11.23 -1.44 -29.42
C ALA B 276 11.10 -2.96 -29.46
N LEU B 277 10.70 -3.50 -30.60
CA LEU B 277 10.51 -4.95 -30.72
C LEU B 277 11.86 -5.66 -30.63
N MET B 278 12.90 -5.04 -31.17
CA MET B 278 14.26 -5.57 -31.06
C MET B 278 14.63 -5.70 -29.57
N ILE B 279 14.38 -4.65 -28.79
CA ILE B 279 14.68 -4.66 -27.38
C ILE B 279 13.82 -5.70 -26.64
N TYR B 280 12.54 -5.83 -27.02
CA TYR B 280 11.66 -6.81 -26.40
C TYR B 280 12.20 -8.22 -26.59
N PHE B 281 12.48 -8.56 -27.85
CA PHE B 281 12.85 -9.93 -28.19
C PHE B 281 14.24 -10.25 -27.71
N TYR B 282 15.16 -9.27 -27.64
CA TYR B 282 16.54 -9.57 -27.27
C TYR B 282 16.87 -8.99 -25.89
N ARG B 283 15.87 -8.84 -25.03
CA ARG B 283 15.98 -8.17 -23.74
C ARG B 283 17.12 -8.71 -22.85
N GLU B 284 17.40 -10.01 -22.93
CA GLU B 284 18.42 -10.63 -22.10
C GLU B 284 19.84 -10.28 -22.58
N GLU B 285 20.01 -9.88 -23.83
CA GLU B 285 21.34 -9.47 -24.32
C GLU B 285 21.81 -8.27 -23.49
N PRO B 286 23.06 -8.26 -23.02
CA PRO B 286 23.51 -7.25 -22.04
C PRO B 286 23.20 -5.80 -22.34
N ARG B 287 23.42 -5.37 -23.58
CA ARG B 287 23.16 -3.98 -23.93
C ARG B 287 21.67 -3.65 -23.92
N PHE B 288 20.79 -4.67 -23.93
CA PHE B 288 19.34 -4.44 -23.97
C PHE B 288 18.68 -4.60 -22.61
N GLN B 289 19.38 -5.04 -21.57
CA GLN B 289 18.77 -5.35 -20.31
C GLN B 289 18.18 -4.10 -19.67
N VAL B 290 18.99 -3.04 -19.57
CA VAL B 290 18.51 -1.81 -18.96
C VAL B 290 17.54 -1.08 -19.90
N PRO B 291 17.79 -1.01 -21.22
CA PRO B 291 16.76 -0.55 -22.16
C PRO B 291 15.39 -1.19 -22.01
N PHE B 292 15.36 -2.51 -21.83
CA PHE B 292 14.11 -3.20 -21.61
C PHE B 292 13.43 -2.71 -20.32
N GLN B 293 14.21 -2.52 -19.25
CA GLN B 293 13.64 -2.01 -18.01
C GLN B 293 13.07 -0.61 -18.25
N LEU B 294 13.73 0.19 -19.09
CA LEU B 294 13.22 1.52 -19.38
C LEU B 294 11.85 1.41 -20.06
N LEU B 295 11.70 0.51 -21.02
CA LEU B 295 10.45 0.36 -21.73
C LEU B 295 9.36 -0.02 -20.74
N THR B 296 9.68 -0.95 -19.84
CA THR B 296 8.79 -1.40 -18.78
C THR B 296 8.37 -0.23 -17.90
N SER B 297 9.31 0.63 -17.51
CA SER B 297 8.96 1.76 -16.65
C SER B 297 8.11 2.80 -17.37
N LEU B 298 8.29 2.97 -18.68
CA LEU B 298 7.46 3.90 -19.45
C LEU B 298 6.02 3.42 -19.45
N MET B 299 5.81 2.12 -19.64
CA MET B 299 4.46 1.57 -19.59
C MET B 299 3.89 1.73 -18.17
N ASP B 300 4.74 1.52 -17.16
CA ASP B 300 4.32 1.68 -15.77
C ASP B 300 3.78 3.08 -15.51
N ILE B 301 4.46 4.09 -16.08
CA ILE B 301 4.07 5.47 -15.84
C ILE B 301 2.72 5.76 -16.49
N ASP B 302 2.51 5.24 -17.70
CA ASP B 302 1.23 5.35 -18.37
C ASP B 302 0.12 4.70 -17.54
N SER B 303 0.36 3.49 -17.05
CA SER B 303 -0.66 2.77 -16.28
C SER B 303 -0.95 3.54 -14.97
N LEU B 304 0.08 4.09 -14.32
CA LEU B 304 -0.13 4.78 -13.04
C LEU B 304 -0.84 6.12 -13.24
N MET B 305 -0.54 6.81 -14.35
CA MET B 305 -1.24 8.04 -14.68
C MET B 305 -2.71 7.75 -14.85
N THR B 306 -3.02 6.64 -15.55
CA THR B 306 -4.41 6.28 -15.77
C THR B 306 -5.07 5.93 -14.45
N LYS B 307 -4.34 5.24 -13.58
CA LYS B 307 -4.90 4.88 -12.28
C LYS B 307 -5.18 6.13 -11.46
N TRP B 308 -4.28 7.11 -11.53
CA TRP B 308 -4.54 8.39 -10.86
C TRP B 308 -5.86 8.96 -11.36
N ARG B 309 -6.07 8.96 -12.67
CA ARG B 309 -7.28 9.56 -13.25
C ARG B 309 -8.53 8.81 -12.81
N TYR B 310 -8.39 7.48 -12.74
CA TYR B 310 -9.50 6.62 -12.38
C TYR B 310 -9.89 6.86 -10.92
N ASN B 311 -8.91 6.91 -10.02
CA ASN B 311 -9.19 7.10 -8.60
C ASN B 311 -9.80 8.49 -8.39
N HIS B 312 -9.35 9.47 -9.18
CA HIS B 312 -9.90 10.80 -9.11
C HIS B 312 -11.37 10.81 -9.50
N VAL B 313 -11.69 10.11 -10.60
CA VAL B 313 -13.05 9.99 -11.06
C VAL B 313 -13.94 9.40 -9.98
N CYS B 314 -13.56 8.24 -9.42
CA CYS B 314 -14.39 7.56 -8.45
C CYS B 314 -14.66 8.51 -7.29
N MET B 315 -13.70 9.39 -6.97
CA MET B 315 -13.91 10.25 -5.81
C MET B 315 -14.79 11.45 -6.17
N VAL B 316 -14.63 12.02 -7.36
CA VAL B 316 -15.57 13.03 -7.80
C VAL B 316 -17.01 12.52 -7.75
N HIS B 317 -17.21 11.25 -8.12
CA HIS B 317 -18.55 10.64 -8.14
C HIS B 317 -19.13 10.61 -6.73
N ARG B 318 -18.31 10.17 -5.76
CA ARG B 318 -18.76 9.98 -4.40
C ARG B 318 -19.10 11.32 -3.76
N MET B 319 -18.42 12.40 -4.19
CA MET B 319 -18.61 13.72 -3.61
C MET B 319 -19.70 14.52 -4.31
N LEU B 320 -19.78 14.53 -5.65
CA LEU B 320 -20.68 15.40 -6.37
C LEU B 320 -21.89 14.67 -6.94
N GLY B 321 -21.76 13.36 -7.15
CA GLY B 321 -22.82 12.56 -7.74
C GLY B 321 -22.64 12.43 -9.26
N SER B 322 -23.52 11.66 -9.89
CA SER B 322 -23.39 11.25 -11.30
C SER B 322 -23.28 12.44 -12.26
N LYS B 323 -24.02 13.53 -11.97
CA LYS B 323 -23.95 14.74 -12.77
C LYS B 323 -23.79 15.97 -11.86
N ALA B 324 -22.96 16.93 -12.28
CA ALA B 324 -22.77 18.17 -11.52
C ALA B 324 -21.86 19.12 -12.31
N SER B 330 -21.18 16.60 -17.79
CA SER B 330 -20.92 16.36 -16.35
C SER B 330 -19.43 16.18 -16.12
N GLY B 331 -18.96 16.65 -14.94
CA GLY B 331 -17.58 16.44 -14.52
C GLY B 331 -17.22 14.95 -14.54
N TYR B 332 -18.04 14.18 -13.81
CA TYR B 332 -17.92 12.73 -13.73
C TYR B 332 -17.73 12.14 -15.14
N HIS B 333 -18.61 12.50 -16.08
CA HIS B 333 -18.59 11.95 -17.43
C HIS B 333 -17.34 12.38 -18.21
N TYR B 334 -16.95 13.65 -18.10
CA TYR B 334 -15.76 14.12 -18.81
C TYR B 334 -14.53 13.35 -18.31
N LEU B 335 -14.43 13.22 -16.98
CA LEU B 335 -13.27 12.60 -16.37
C LEU B 335 -13.21 11.11 -16.76
N ARG B 336 -14.37 10.44 -16.78
CA ARG B 336 -14.46 9.04 -17.19
C ARG B 336 -13.89 8.87 -18.59
N SER B 337 -14.09 9.89 -19.44
CA SER B 337 -13.61 9.87 -20.82
C SER B 337 -12.08 9.95 -20.87
N THR B 338 -11.46 10.56 -19.83
CA THR B 338 -10.01 10.70 -19.79
C THR B 338 -9.35 9.35 -19.49
N VAL B 339 -10.11 8.42 -18.91
CA VAL B 339 -9.63 7.06 -18.66
C VAL B 339 -9.79 6.25 -19.95
N SER B 340 -8.92 6.50 -20.93
CA SER B 340 -9.02 5.87 -22.25
C SER B 340 -7.63 5.77 -22.86
N ASP B 341 -7.48 4.91 -23.87
CA ASP B 341 -6.21 4.76 -24.58
C ASP B 341 -5.83 6.06 -25.29
N ARG B 342 -6.81 6.94 -25.49
CA ARG B 342 -6.57 8.28 -26.01
C ARG B 342 -5.51 9.02 -25.19
N TYR B 343 -5.39 8.73 -23.89
CA TYR B 343 -4.47 9.44 -23.00
C TYR B 343 -3.23 8.56 -22.69
N LYS B 344 -3.11 7.39 -23.34
CA LYS B 344 -1.96 6.53 -23.11
C LYS B 344 -0.88 6.82 -24.17
N VAL B 345 0.18 7.52 -23.76
CA VAL B 345 1.23 8.00 -24.62
C VAL B 345 2.04 6.82 -25.20
N PHE B 346 2.29 5.78 -24.39
CA PHE B 346 3.14 4.68 -24.82
C PHE B 346 2.29 3.46 -25.19
N VAL B 347 1.10 3.69 -25.74
CA VAL B 347 0.22 2.62 -26.19
C VAL B 347 0.95 1.62 -27.09
N ASP B 348 1.86 2.08 -27.93
CA ASP B 348 2.55 1.17 -28.84
C ASP B 348 3.38 0.14 -28.06
N LEU B 349 3.95 0.50 -26.90
CA LEU B 349 4.74 -0.42 -26.11
C LEU B 349 3.84 -1.49 -25.53
N PHE B 350 2.64 -1.14 -25.11
CA PHE B 350 1.68 -2.11 -24.61
C PHE B 350 1.33 -3.09 -25.72
N ASN B 351 1.13 -2.57 -26.93
CA ASN B 351 0.54 -3.35 -28.00
C ASN B 351 1.57 -4.26 -28.65
N LEU B 352 2.84 -4.17 -28.30
CA LEU B 352 3.76 -5.21 -28.75
C LEU B 352 3.43 -6.63 -28.25
N SER B 353 2.71 -6.80 -27.13
CA SER B 353 2.12 -8.10 -26.76
C SER B 353 1.33 -8.74 -27.90
N THR B 354 0.60 -7.95 -28.70
CA THR B 354 -0.13 -8.44 -29.85
C THR B 354 0.76 -9.24 -30.81
N TYR B 355 2.07 -8.96 -30.90
CA TYR B 355 2.92 -9.54 -31.93
C TYR B 355 3.88 -10.58 -31.38
N LEU B 356 3.53 -11.24 -30.26
CA LEU B 356 4.34 -12.34 -29.76
C LEU B 356 4.25 -13.58 -30.69
N ILE B 357 5.38 -14.25 -30.87
CA ILE B 357 5.55 -15.38 -31.76
C ILE B 357 6.23 -16.48 -31.00
N PRO B 358 6.19 -17.75 -31.45
CA PRO B 358 6.95 -18.79 -30.76
C PRO B 358 8.43 -18.36 -30.71
N ARG B 359 9.10 -18.71 -29.61
CA ARG B 359 10.47 -18.31 -29.39
C ARG B 359 11.39 -18.75 -30.52
N HIS B 360 11.14 -19.94 -31.06
CA HIS B 360 12.00 -20.49 -32.08
C HIS B 360 11.87 -19.75 -33.40
N TRP B 361 10.90 -18.83 -33.53
CA TRP B 361 10.80 -18.05 -34.76
C TRP B 361 11.65 -16.78 -34.65
N ILE B 362 12.10 -16.44 -33.45
CA ILE B 362 12.87 -15.23 -33.27
C ILE B 362 14.23 -15.44 -33.93
N PRO B 363 14.68 -14.54 -34.83
CA PRO B 363 15.98 -14.72 -35.50
C PRO B 363 17.05 -14.91 -34.43
N LYS B 364 17.88 -15.93 -34.62
CA LYS B 364 18.92 -16.28 -33.66
C LYS B 364 20.00 -15.21 -33.66
N MET B 365 20.58 -14.96 -32.49
CA MET B 365 21.70 -14.07 -32.35
C MET B 365 22.85 -14.81 -31.67
N ASN B 366 23.61 -15.60 -32.45
CA ASN B 366 24.71 -16.39 -31.90
C ASN B 366 25.84 -15.42 -31.53
N PRO B 367 26.80 -15.83 -30.65
CA PRO B 367 27.97 -15.01 -30.35
C PRO B 367 28.61 -14.41 -31.59
N THR B 368 28.54 -15.13 -32.73
CA THR B 368 28.95 -14.64 -34.03
C THR B 368 28.61 -13.15 -34.19
N ILE B 369 27.40 -12.75 -33.79
CA ILE B 369 26.97 -11.36 -33.88
C ILE B 369 26.77 -10.78 -32.47
N HIS B 370 26.50 -11.65 -31.49
CA HIS B 370 26.15 -11.22 -30.13
C HIS B 370 27.09 -10.10 -29.67
N LYS B 371 28.38 -10.18 -30.05
CA LYS B 371 29.39 -9.21 -29.64
C LYS B 371 28.90 -7.76 -29.78
N PHE B 372 28.04 -7.46 -30.78
CA PHE B 372 27.57 -6.09 -31.00
C PHE B 372 26.68 -5.63 -29.82
N LEU B 373 26.11 -6.59 -29.08
CA LEU B 373 25.29 -6.29 -27.92
C LEU B 373 26.02 -6.59 -26.61
N GLU B 374 27.37 -6.54 -26.63
CA GLU B 374 28.22 -6.68 -25.44
C GLU B 374 28.80 -5.30 -25.08
N HIS B 375 29.23 -5.06 -23.82
CA HIS B 375 29.68 -3.74 -23.42
C HIS B 375 30.72 -3.78 -22.29
N LEU C 24 -7.10 -28.41 -18.43
CA LEU C 24 -8.38 -28.65 -17.71
C LEU C 24 -9.08 -27.32 -17.45
N ILE C 25 -10.17 -27.38 -16.69
CA ILE C 25 -10.91 -26.21 -16.26
C ILE C 25 -10.32 -25.65 -14.96
N TYR C 26 -10.66 -24.39 -14.69
CA TYR C 26 -10.02 -23.54 -13.69
C TYR C 26 -9.81 -24.27 -12.36
N GLY C 27 -10.89 -24.81 -11.80
CA GLY C 27 -10.85 -25.44 -10.49
C GLY C 27 -9.90 -26.64 -10.45
N ASN C 28 -9.90 -27.41 -11.54
CA ASN C 28 -9.04 -28.57 -11.65
C ASN C 28 -7.58 -28.16 -11.83
N TYR C 29 -7.37 -27.15 -12.68
CA TYR C 29 -6.03 -26.68 -13.00
C TYR C 29 -5.35 -26.15 -11.72
N LEU C 30 -6.11 -25.45 -10.88
CA LEU C 30 -5.59 -24.88 -9.65
C LEU C 30 -5.75 -25.81 -8.44
N HIS C 31 -6.27 -27.03 -8.67
CA HIS C 31 -6.50 -28.02 -7.62
C HIS C 31 -7.22 -27.38 -6.43
N LEU C 32 -8.32 -26.68 -6.74
CA LEU C 32 -9.15 -26.04 -5.74
C LEU C 32 -9.85 -27.07 -4.86
N GLU C 33 -10.01 -28.31 -5.34
CA GLU C 33 -10.59 -29.37 -4.52
C GLU C 33 -9.70 -29.60 -3.30
N LYS C 34 -8.41 -29.26 -3.41
CA LYS C 34 -7.52 -29.29 -2.25
C LYS C 34 -7.52 -27.96 -1.51
N VAL C 35 -7.31 -26.85 -2.23
CA VAL C 35 -7.02 -25.57 -1.61
C VAL C 35 -8.22 -25.11 -0.83
N LEU C 36 -9.42 -25.36 -1.36
CA LEU C 36 -10.64 -24.84 -0.79
C LEU C 36 -11.38 -25.88 0.06
N ASN C 37 -10.76 -27.02 0.32
CA ASN C 37 -11.25 -27.96 1.32
C ASN C 37 -10.18 -28.23 2.38
N ALA C 38 -9.51 -27.16 2.86
CA ALA C 38 -8.43 -27.29 3.81
C ALA C 38 -8.69 -26.41 5.03
N GLN C 39 -9.94 -26.00 5.20
CA GLN C 39 -10.33 -25.07 6.24
C GLN C 39 -11.17 -25.81 7.28
N GLU C 40 -10.57 -26.22 8.38
CA GLU C 40 -11.26 -26.87 9.47
C GLU C 40 -11.01 -26.10 10.77
N LEU C 41 -12.07 -25.50 11.31
CA LEU C 41 -12.00 -24.74 12.54
C LEU C 41 -11.99 -25.71 13.71
N GLN C 42 -10.92 -25.64 14.52
CA GLN C 42 -10.81 -26.46 15.70
C GLN C 42 -11.92 -26.11 16.69
N SER C 43 -12.31 -24.83 16.75
CA SER C 43 -13.38 -24.42 17.64
C SER C 43 -14.64 -25.20 17.30
N GLU C 44 -14.90 -25.39 16.00
CA GLU C 44 -16.08 -26.09 15.53
C GLU C 44 -15.97 -27.60 15.72
N THR C 45 -14.77 -28.16 15.49
CA THR C 45 -14.50 -29.56 15.75
C THR C 45 -14.78 -29.89 17.23
N LYS C 46 -14.63 -28.92 18.15
CA LYS C 46 -14.86 -29.17 19.57
C LYS C 46 -16.23 -28.63 20.01
N GLY C 47 -17.14 -28.40 19.07
CA GLY C 47 -18.52 -28.07 19.39
C GLY C 47 -18.72 -26.63 19.85
N ASN C 48 -17.91 -25.68 19.34
CA ASN C 48 -17.97 -24.30 19.80
C ASN C 48 -17.37 -23.34 18.77
N LYS C 49 -17.90 -23.39 17.55
CA LYS C 49 -17.45 -22.63 16.42
C LYS C 49 -17.29 -21.16 16.76
N ILE C 50 -16.13 -20.59 16.42
CA ILE C 50 -15.86 -19.17 16.61
C ILE C 50 -15.53 -18.57 15.26
N HIS C 51 -16.33 -17.58 14.85
CA HIS C 51 -16.34 -17.04 13.49
C HIS C 51 -14.93 -16.68 13.03
N ASP C 52 -14.20 -15.94 13.88
CA ASP C 52 -12.93 -15.35 13.47
C ASP C 52 -11.85 -16.40 13.25
N GLU C 53 -12.05 -17.64 13.72
CA GLU C 53 -11.02 -18.65 13.53
C GLU C 53 -10.78 -18.88 12.06
N HIS C 54 -11.83 -18.71 11.25
CA HIS C 54 -11.71 -18.93 9.82
C HIS C 54 -10.68 -17.96 9.23
N LEU C 55 -10.76 -16.69 9.60
CA LEU C 55 -9.79 -15.67 9.15
C LEU C 55 -8.36 -16.05 9.55
N PHE C 56 -8.19 -16.62 10.75
CA PHE C 56 -6.87 -16.95 11.25
C PHE C 56 -6.26 -18.03 10.35
N ILE C 57 -7.08 -19.01 9.98
CA ILE C 57 -6.64 -20.12 9.13
C ILE C 57 -6.28 -19.60 7.72
N ILE C 58 -7.19 -18.86 7.10
CA ILE C 58 -6.97 -18.41 5.73
C ILE C 58 -5.73 -17.52 5.66
N THR C 59 -5.60 -16.59 6.60
CA THR C 59 -4.45 -15.70 6.57
C THR C 59 -3.15 -16.52 6.53
N HIS C 60 -3.02 -17.51 7.40
CA HIS C 60 -1.82 -18.34 7.45
C HIS C 60 -1.64 -19.14 6.15
N GLN C 61 -2.74 -19.67 5.62
CA GLN C 61 -2.66 -20.43 4.37
C GLN C 61 -2.15 -19.55 3.23
N ALA C 62 -2.59 -18.30 3.20
CA ALA C 62 -2.13 -17.36 2.18
C ALA C 62 -0.66 -17.04 2.34
N TYR C 63 -0.20 -16.79 3.59
CA TYR C 63 1.22 -16.61 3.86
C TYR C 63 2.01 -17.81 3.31
N GLU C 64 1.54 -19.02 3.61
CA GLU C 64 2.27 -20.23 3.22
C GLU C 64 2.33 -20.42 1.70
N LEU C 65 1.24 -20.11 0.98
CA LEU C 65 1.29 -20.14 -0.48
C LEU C 65 2.39 -19.19 -0.98
N TRP C 66 2.46 -17.96 -0.43
CA TRP C 66 3.46 -17.01 -0.90
C TRP C 66 4.88 -17.40 -0.48
N PHE C 67 5.02 -18.06 0.67
CA PHE C 67 6.33 -18.58 1.07
C PHE C 67 6.77 -19.63 0.05
N LYS C 68 5.83 -20.47 -0.37
CA LYS C 68 6.15 -21.46 -1.39
C LYS C 68 6.65 -20.76 -2.66
N GLN C 69 6.01 -19.68 -3.05
CA GLN C 69 6.40 -18.97 -4.26
C GLN C 69 7.79 -18.34 -4.10
N ILE C 70 8.06 -17.74 -2.93
CA ILE C 70 9.35 -17.16 -2.65
C ILE C 70 10.42 -18.25 -2.72
N LEU C 71 10.18 -19.41 -2.12
CA LEU C 71 11.13 -20.52 -2.18
C LEU C 71 11.38 -20.93 -3.64
N TRP C 72 10.32 -20.94 -4.46
CA TRP C 72 10.47 -21.34 -5.86
C TRP C 72 11.36 -20.34 -6.61
N GLU C 73 11.19 -19.05 -6.37
CA GLU C 73 12.01 -18.05 -7.02
C GLU C 73 13.45 -18.15 -6.53
N LEU C 74 13.61 -18.23 -5.21
CA LEU C 74 14.92 -18.21 -4.57
C LEU C 74 15.73 -19.45 -4.97
N ASP C 75 15.09 -20.62 -4.95
CA ASP C 75 15.76 -21.83 -5.41
C ASP C 75 16.17 -21.72 -6.88
N SER C 76 15.37 -21.07 -7.73
CA SER C 76 15.70 -20.95 -9.15
C SER C 76 16.94 -20.08 -9.29
N VAL C 77 17.05 -19.05 -8.43
CA VAL C 77 18.17 -18.14 -8.48
C VAL C 77 19.43 -18.81 -7.92
N ARG C 78 19.30 -19.56 -6.82
CA ARG C 78 20.43 -20.30 -6.28
C ARG C 78 20.99 -21.22 -7.37
N GLU C 79 20.10 -21.91 -8.10
CA GLU C 79 20.49 -22.84 -9.14
C GLU C 79 21.26 -22.13 -10.25
N ILE C 80 20.81 -20.95 -10.68
CA ILE C 80 21.51 -20.18 -11.71
C ILE C 80 22.94 -19.87 -11.30
N PHE C 81 23.15 -19.53 -10.01
CA PHE C 81 24.50 -19.33 -9.49
C PHE C 81 25.26 -20.64 -9.46
N GLN C 82 24.67 -21.65 -8.81
CA GLN C 82 25.36 -22.89 -8.52
C GLN C 82 25.76 -23.66 -9.79
N ASN C 83 24.97 -23.57 -10.87
CA ASN C 83 25.24 -24.36 -12.06
C ASN C 83 26.07 -23.56 -13.07
N GLY C 84 26.48 -22.33 -12.74
CA GLY C 84 27.45 -21.62 -13.56
C GLY C 84 26.79 -20.68 -14.56
N HIS C 85 25.47 -20.74 -14.70
CA HIS C 85 24.76 -19.91 -15.65
C HIS C 85 24.96 -18.42 -15.38
N VAL C 86 25.12 -18.03 -14.11
CA VAL C 86 25.30 -16.62 -13.81
C VAL C 86 26.57 -16.08 -14.47
N ARG C 87 27.51 -16.96 -14.85
CA ARG C 87 28.75 -16.48 -15.46
C ARG C 87 28.44 -15.80 -16.79
N ASP C 88 27.38 -16.24 -17.46
CA ASP C 88 26.90 -15.61 -18.68
C ASP C 88 26.01 -14.45 -18.29
N GLU C 89 26.48 -13.22 -18.54
CA GLU C 89 25.88 -12.00 -18.02
C GLU C 89 24.53 -11.73 -18.67
N ARG C 90 24.21 -12.49 -19.72
CA ARG C 90 22.88 -12.40 -20.27
C ARG C 90 21.82 -12.84 -19.27
N ASN C 91 22.22 -13.60 -18.23
CA ASN C 91 21.23 -14.13 -17.30
C ASN C 91 20.99 -13.17 -16.14
N MET C 92 21.66 -12.02 -16.08
CA MET C 92 21.51 -11.13 -14.94
C MET C 92 20.12 -10.48 -14.91
N LEU C 93 19.47 -10.26 -16.07
CA LEU C 93 18.14 -9.66 -16.05
C LEU C 93 17.15 -10.59 -15.34
N LYS C 94 17.18 -11.88 -15.68
CA LYS C 94 16.33 -12.88 -15.03
C LYS C 94 16.64 -12.97 -13.52
N VAL C 95 17.94 -12.95 -13.17
CA VAL C 95 18.29 -12.99 -11.76
C VAL C 95 17.66 -11.81 -11.00
N VAL C 96 17.83 -10.60 -11.52
CA VAL C 96 17.37 -9.43 -10.82
C VAL C 96 15.83 -9.37 -10.86
N SER C 97 15.20 -9.79 -11.98
CA SER C 97 13.73 -9.77 -12.04
C SER C 97 13.16 -10.69 -10.99
N ARG C 98 13.76 -11.86 -10.80
CA ARG C 98 13.21 -12.79 -9.81
C ARG C 98 13.44 -12.29 -8.39
N MET C 99 14.59 -11.68 -8.11
CA MET C 99 14.84 -11.13 -6.78
C MET C 99 13.88 -9.96 -6.53
N HIS C 100 13.67 -9.14 -7.54
CA HIS C 100 12.70 -8.06 -7.46
C HIS C 100 11.30 -8.62 -7.17
N ARG C 101 10.95 -9.71 -7.84
CA ARG C 101 9.68 -10.37 -7.61
C ARG C 101 9.56 -10.83 -6.14
N VAL C 102 10.63 -11.36 -5.57
CA VAL C 102 10.61 -11.74 -4.17
C VAL C 102 10.29 -10.54 -3.29
N SER C 103 10.87 -9.38 -3.59
CA SER C 103 10.64 -8.20 -2.79
C SER C 103 9.21 -7.71 -2.92
N VAL C 104 8.61 -7.80 -4.12
CA VAL C 104 7.23 -7.40 -4.33
C VAL C 104 6.31 -8.33 -3.53
N ILE C 105 6.57 -9.63 -3.51
CA ILE C 105 5.77 -10.55 -2.69
C ILE C 105 5.89 -10.21 -1.20
N LEU C 106 7.12 -9.94 -0.74
CA LEU C 106 7.36 -9.66 0.67
C LEU C 106 6.61 -8.38 1.07
N LYS C 107 6.57 -7.39 0.16
CA LYS C 107 5.82 -6.18 0.44
C LYS C 107 4.35 -6.50 0.67
N LEU C 108 3.79 -7.37 -0.17
CA LEU C 108 2.41 -7.74 0.00
C LEU C 108 2.23 -8.45 1.33
N LEU C 109 3.18 -9.33 1.69
CA LEU C 109 3.06 -10.06 2.94
C LEU C 109 3.11 -9.13 4.17
N VAL C 110 3.86 -8.04 4.09
CA VAL C 110 3.88 -7.05 5.14
C VAL C 110 2.51 -6.37 5.25
N GLN C 111 1.92 -5.97 4.10
CA GLN C 111 0.61 -5.34 4.07
C GLN C 111 -0.46 -6.31 4.57
N GLN C 112 -0.26 -7.60 4.38
CA GLN C 112 -1.28 -8.59 4.70
C GLN C 112 -1.60 -8.65 6.19
N PHE C 113 -0.70 -8.16 7.04
CA PHE C 113 -0.98 -8.07 8.46
C PHE C 113 -2.21 -7.19 8.71
N SER C 114 -2.44 -6.18 7.85
CA SER C 114 -3.63 -5.33 7.99
C SER C 114 -4.91 -6.16 8.05
N ILE C 115 -4.95 -7.34 7.44
CA ILE C 115 -6.17 -8.14 7.49
C ILE C 115 -6.37 -8.76 8.87
N LEU C 116 -5.27 -9.28 9.42
CA LEU C 116 -5.39 -9.96 10.71
C LEU C 116 -5.60 -8.93 11.81
N GLU C 117 -5.18 -7.69 11.59
CA GLU C 117 -5.46 -6.64 12.55
C GLU C 117 -6.95 -6.30 12.63
N THR C 118 -7.82 -6.79 11.70
CA THR C 118 -9.26 -6.59 11.87
C THR C 118 -9.84 -7.60 12.85
N MET C 119 -9.04 -8.55 13.35
CA MET C 119 -9.45 -9.40 14.45
C MET C 119 -9.04 -8.80 15.78
N THR C 120 -9.99 -8.56 16.69
CA THR C 120 -9.62 -8.00 17.98
C THR C 120 -9.03 -9.08 18.87
N ALA C 121 -8.29 -8.66 19.89
CA ALA C 121 -7.73 -9.55 20.89
C ALA C 121 -8.86 -10.29 21.60
N LEU C 122 -9.98 -9.62 21.92
CA LEU C 122 -11.11 -10.29 22.58
C LEU C 122 -11.66 -11.46 21.75
N ASP C 123 -11.76 -11.29 20.44
CA ASP C 123 -12.28 -12.34 19.57
C ASP C 123 -11.25 -13.46 19.40
N PHE C 124 -9.97 -13.11 19.31
CA PHE C 124 -8.91 -14.10 19.23
C PHE C 124 -8.95 -14.97 20.50
N ASN C 125 -9.19 -14.35 21.66
CA ASN C 125 -9.21 -15.03 22.93
C ASN C 125 -10.30 -16.09 22.99
N ASP C 126 -11.32 -16.02 22.14
CA ASP C 126 -12.40 -16.99 22.15
C ASP C 126 -12.01 -18.34 21.53
N PHE C 127 -10.94 -18.40 20.73
CA PHE C 127 -10.58 -19.66 20.09
C PHE C 127 -9.11 -20.01 20.33
N ARG C 128 -8.38 -19.14 21.03
CA ARG C 128 -6.94 -19.32 21.23
C ARG C 128 -6.67 -20.67 21.91
N GLU C 129 -7.55 -21.10 22.83
CA GLU C 129 -7.37 -22.33 23.58
C GLU C 129 -7.29 -23.56 22.67
N TYR C 130 -7.98 -23.52 21.53
CA TYR C 130 -8.06 -24.68 20.64
C TYR C 130 -6.82 -24.79 19.78
N LEU C 131 -5.91 -23.82 19.87
CA LEU C 131 -4.75 -23.78 18.98
C LEU C 131 -3.63 -24.62 19.56
N SER C 132 -3.46 -24.59 20.90
CA SER C 132 -2.40 -25.32 21.55
C SER C 132 -2.43 -26.78 21.10
N PRO C 133 -1.26 -27.40 20.79
CA PRO C 133 0.05 -26.75 20.96
C PRO C 133 0.68 -26.17 19.69
N ALA C 134 -0.11 -25.74 18.72
CA ALA C 134 0.43 -25.30 17.43
C ALA C 134 0.99 -23.88 17.55
N SER C 135 2.01 -23.56 16.73
CA SER C 135 2.64 -22.26 16.74
C SER C 135 3.30 -22.01 15.39
N GLY C 136 3.52 -20.72 15.08
CA GLY C 136 4.23 -20.29 13.89
C GLY C 136 5.66 -20.83 13.85
N PHE C 137 6.22 -21.11 15.03
CA PHE C 137 7.56 -21.66 15.15
C PHE C 137 7.66 -22.94 14.32
N GLN C 138 6.51 -23.58 14.06
CA GLN C 138 6.47 -24.85 13.34
C GLN C 138 6.29 -24.60 11.83
N SER C 139 6.44 -23.36 11.34
CA SER C 139 6.40 -23.12 9.90
C SER C 139 7.68 -23.60 9.25
N LEU C 140 7.61 -24.78 8.62
CA LEU C 140 8.77 -25.34 7.93
C LEU C 140 9.24 -24.36 6.86
N GLN C 141 8.32 -23.83 6.06
CA GLN C 141 8.70 -23.01 4.91
C GLN C 141 9.41 -21.73 5.37
N PHE C 142 8.95 -21.14 6.46
CA PHE C 142 9.58 -19.92 6.95
C PHE C 142 11.05 -20.20 7.32
N ARG C 143 11.30 -21.35 7.94
CA ARG C 143 12.65 -21.74 8.32
C ARG C 143 13.48 -22.04 7.06
N LEU C 144 12.90 -22.76 6.10
CA LEU C 144 13.59 -23.07 4.86
C LEU C 144 14.03 -21.78 4.18
N LEU C 145 13.15 -20.78 4.20
CA LEU C 145 13.43 -19.49 3.60
C LEU C 145 14.59 -18.80 4.31
N GLU C 146 14.55 -18.78 5.64
CA GLU C 146 15.61 -18.16 6.42
C GLU C 146 16.94 -18.82 6.09
N ASN C 147 16.95 -20.16 6.09
CA ASN C 147 18.19 -20.91 5.91
C ASN C 147 18.73 -20.71 4.50
N LYS C 148 17.84 -20.73 3.49
CA LYS C 148 18.30 -20.65 2.10
C LYS C 148 18.85 -19.28 1.78
N ILE C 149 18.33 -18.23 2.43
CA ILE C 149 18.89 -16.90 2.25
C ILE C 149 20.28 -16.88 2.89
N GLY C 150 20.41 -17.42 4.12
CA GLY C 150 21.71 -17.56 4.76
C GLY C 150 21.72 -17.26 6.26
N VAL C 151 20.59 -17.37 6.96
CA VAL C 151 20.62 -17.17 8.41
C VAL C 151 21.42 -18.30 9.02
N LEU C 152 22.43 -17.97 9.83
CA LEU C 152 23.27 -19.00 10.43
C LEU C 152 22.66 -19.54 11.72
N GLN C 153 22.71 -20.87 11.87
CA GLN C 153 22.13 -21.52 13.04
C GLN C 153 22.79 -21.00 14.32
N ASN C 154 24.13 -20.86 14.33
CA ASN C 154 24.84 -20.46 15.55
C ASN C 154 24.51 -19.02 15.94
N MET C 155 23.93 -18.23 15.02
CA MET C 155 23.60 -16.82 15.28
C MET C 155 22.14 -16.62 15.69
N ARG C 156 21.33 -17.69 15.65
CA ARG C 156 19.92 -17.58 16.00
C ARG C 156 19.78 -17.33 17.51
N VAL C 157 18.86 -16.44 17.90
CA VAL C 157 18.54 -16.22 19.30
C VAL C 157 17.74 -17.42 19.80
N PRO C 158 18.15 -18.09 20.90
CA PRO C 158 17.41 -19.27 21.39
C PRO C 158 16.09 -18.87 22.03
N TYR C 159 15.05 -19.70 21.84
CA TYR C 159 13.78 -19.52 22.52
C TYR C 159 13.57 -20.69 23.47
N ASN C 160 13.21 -20.40 24.73
CA ASN C 160 12.96 -21.44 25.71
C ASN C 160 14.18 -22.38 25.75
N ARG C 161 15.39 -21.80 25.71
CA ARG C 161 16.64 -22.55 25.71
C ARG C 161 16.54 -23.76 24.78
N ARG C 162 16.12 -23.53 23.52
CA ARG C 162 15.83 -24.65 22.62
C ARG C 162 16.37 -24.36 21.22
N HIS C 163 16.76 -25.42 20.50
CA HIS C 163 17.19 -25.30 19.11
C HIS C 163 15.93 -25.14 18.25
N TYR C 164 15.98 -24.31 17.19
CA TYR C 164 14.80 -24.04 16.38
C TYR C 164 14.28 -25.33 15.72
N ARG C 165 15.23 -26.21 15.35
CA ARG C 165 14.90 -27.44 14.65
C ARG C 165 14.27 -28.46 15.59
N ASP C 166 14.35 -28.24 16.92
CA ASP C 166 13.77 -29.14 17.91
C ASP C 166 12.25 -29.26 17.73
N ASN C 167 11.65 -28.21 17.10
CA ASN C 167 10.21 -28.18 16.91
C ASN C 167 9.81 -29.03 15.69
N PHE C 168 10.80 -29.64 15.01
CA PHE C 168 10.54 -30.33 13.75
C PHE C 168 11.10 -31.74 13.84
N LYS C 169 10.46 -32.67 13.12
CA LYS C 169 10.80 -34.09 13.16
C LYS C 169 10.57 -34.72 11.78
N GLY C 170 11.15 -35.92 11.55
CA GLY C 170 10.95 -36.69 10.33
C GLY C 170 11.64 -36.06 9.11
N GLU C 171 11.08 -36.31 7.92
CA GLU C 171 11.58 -35.76 6.67
C GLU C 171 11.64 -34.23 6.68
N GLU C 172 10.72 -33.58 7.41
CA GLU C 172 10.76 -32.15 7.65
C GLU C 172 12.07 -31.72 8.32
N ASN C 173 12.50 -32.47 9.35
CA ASN C 173 13.78 -32.19 9.99
C ASN C 173 14.91 -32.40 8.97
N GLU C 174 14.73 -33.36 8.06
CA GLU C 174 15.70 -33.71 7.04
C GLU C 174 15.80 -32.57 6.02
N LEU C 175 14.65 -32.07 5.58
CA LEU C 175 14.62 -30.96 4.65
C LEU C 175 15.34 -29.75 5.25
N LEU C 176 15.10 -29.47 6.53
CA LEU C 176 15.71 -28.34 7.21
C LEU C 176 17.23 -28.50 7.24
N LEU C 177 17.69 -29.74 7.43
CA LEU C 177 19.11 -30.02 7.47
C LEU C 177 19.74 -29.73 6.10
N LYS C 178 19.13 -30.26 5.02
CA LYS C 178 19.58 -29.95 3.67
C LYS C 178 19.66 -28.44 3.47
N SER C 179 18.63 -27.71 3.92
CA SER C 179 18.60 -26.27 3.72
C SER C 179 19.76 -25.59 4.44
N GLU C 180 20.23 -26.19 5.55
CA GLU C 180 21.37 -25.66 6.30
C GLU C 180 22.69 -26.01 5.61
N GLN C 181 22.76 -27.21 5.03
CA GLN C 181 24.01 -27.76 4.50
C GLN C 181 24.26 -27.33 3.05
N GLU C 182 23.21 -27.16 2.25
CA GLU C 182 23.36 -26.71 0.88
C GLU C 182 23.80 -25.26 0.87
N LYS C 183 24.40 -24.84 -0.26
CA LYS C 183 24.88 -23.48 -0.42
C LYS C 183 23.73 -22.49 -0.33
N THR C 184 23.95 -21.45 0.48
CA THR C 184 22.95 -20.43 0.71
C THR C 184 23.12 -19.36 -0.36
N LEU C 185 22.11 -18.49 -0.48
CA LEU C 185 22.17 -17.38 -1.40
C LEU C 185 23.38 -16.52 -1.07
N LEU C 186 23.62 -16.26 0.23
CA LEU C 186 24.77 -15.50 0.69
C LEU C 186 26.07 -16.09 0.13
N GLU C 187 26.26 -17.42 0.25
CA GLU C 187 27.50 -18.06 -0.16
C GLU C 187 27.66 -18.02 -1.67
N LEU C 188 26.54 -18.16 -2.40
CA LEU C 188 26.60 -18.17 -3.85
C LEU C 188 26.93 -16.78 -4.38
N VAL C 189 26.29 -15.76 -3.78
CA VAL C 189 26.60 -14.37 -4.11
C VAL C 189 28.04 -14.03 -3.75
N GLU C 190 28.50 -14.50 -2.59
CA GLU C 190 29.88 -14.29 -2.16
C GLU C 190 30.85 -14.77 -3.24
N ALA C 191 30.72 -16.03 -3.66
CA ALA C 191 31.60 -16.61 -4.66
C ALA C 191 31.59 -15.75 -5.95
N TRP C 192 30.40 -15.29 -6.37
CA TRP C 192 30.30 -14.48 -7.57
C TRP C 192 31.00 -13.13 -7.38
N LEU C 193 30.84 -12.53 -6.18
CA LEU C 193 31.45 -11.24 -5.87
C LEU C 193 32.98 -11.36 -5.90
N GLU C 194 33.49 -12.52 -5.51
CA GLU C 194 34.94 -12.74 -5.44
C GLU C 194 35.55 -12.69 -6.84
N ARG C 195 34.74 -13.01 -7.87
CA ARG C 195 35.23 -13.00 -9.25
C ARG C 195 35.01 -11.66 -9.92
N THR C 196 34.54 -10.64 -9.19
CA THR C 196 34.17 -9.37 -9.82
C THR C 196 35.37 -8.80 -10.57
N PRO C 197 35.25 -8.41 -11.86
CA PRO C 197 36.36 -7.82 -12.61
C PRO C 197 36.85 -6.50 -12.01
N GLY C 198 38.16 -6.28 -12.02
CA GLY C 198 38.75 -5.04 -11.53
C GLY C 198 39.65 -5.26 -10.32
N LEU C 199 39.51 -6.41 -9.63
CA LEU C 199 40.25 -6.65 -8.41
C LEU C 199 41.67 -7.14 -8.69
N GLU C 200 41.94 -7.59 -9.91
CA GLU C 200 43.23 -8.13 -10.28
C GLU C 200 44.36 -7.14 -9.96
N PRO C 201 45.31 -7.48 -9.07
CA PRO C 201 46.45 -6.60 -8.77
C PRO C 201 47.24 -6.14 -9.99
N HIS C 202 47.35 -7.06 -10.96
CA HIS C 202 48.06 -6.79 -12.20
C HIS C 202 47.17 -6.00 -13.17
N GLY C 203 45.86 -5.88 -12.86
CA GLY C 203 44.90 -5.21 -13.72
C GLY C 203 44.54 -3.83 -13.19
N PHE C 204 43.24 -3.52 -13.14
CA PHE C 204 42.80 -2.20 -12.70
C PHE C 204 43.27 -1.95 -11.27
N ASN C 205 43.52 -3.03 -10.53
CA ASN C 205 44.15 -2.97 -9.21
C ASN C 205 43.36 -2.04 -8.30
N PHE C 206 42.04 -2.30 -8.22
CA PHE C 206 41.12 -1.44 -7.51
C PHE C 206 41.60 -1.16 -6.09
N TRP C 207 41.90 -2.24 -5.33
CA TRP C 207 42.15 -2.12 -3.90
C TRP C 207 43.40 -1.30 -3.65
N GLY C 208 44.47 -1.61 -4.41
CA GLY C 208 45.73 -0.90 -4.30
C GLY C 208 45.54 0.60 -4.51
N LYS C 209 44.82 0.95 -5.58
CA LYS C 209 44.62 2.34 -5.94
C LYS C 209 43.73 3.04 -4.91
N LEU C 210 42.73 2.31 -4.39
CA LEU C 210 41.80 2.92 -3.45
C LEU C 210 42.53 3.28 -2.16
N GLU C 211 43.34 2.34 -1.67
CA GLU C 211 44.15 2.59 -0.48
C GLU C 211 45.01 3.83 -0.67
N LYS C 212 45.73 3.90 -1.80
CA LYS C 212 46.62 5.01 -2.08
C LYS C 212 45.85 6.33 -2.12
N ASN C 213 44.70 6.36 -2.79
CA ASN C 213 43.97 7.60 -2.97
C ASN C 213 43.37 8.08 -1.64
N ILE C 214 42.89 7.15 -0.81
CA ILE C 214 42.33 7.53 0.47
C ILE C 214 43.44 8.06 1.39
N THR C 215 44.62 7.41 1.38
CA THR C 215 45.74 7.86 2.19
C THR C 215 46.12 9.30 1.81
N ARG C 216 46.29 9.54 0.50
CA ARG C 216 46.65 10.86 0.01
C ARG C 216 45.55 11.85 0.36
N GLY C 217 44.29 11.47 0.10
CA GLY C 217 43.14 12.31 0.38
C GLY C 217 43.12 12.77 1.83
N LEU C 218 43.38 11.83 2.75
CA LEU C 218 43.35 12.16 4.17
C LEU C 218 44.50 13.12 4.47
N GLU C 219 45.69 12.84 3.94
CA GLU C 219 46.83 13.70 4.19
C GLU C 219 46.55 15.13 3.74
N GLU C 220 45.98 15.28 2.54
CA GLU C 220 45.66 16.58 1.99
C GLU C 220 44.69 17.32 2.91
N GLU C 221 43.66 16.60 3.38
CA GLU C 221 42.65 17.20 4.24
C GLU C 221 43.29 17.67 5.53
N PHE C 222 44.16 16.84 6.11
CA PHE C 222 44.83 17.18 7.36
C PHE C 222 45.55 18.52 7.21
N ILE C 223 46.27 18.70 6.10
CA ILE C 223 47.04 19.92 5.85
C ILE C 223 46.09 21.12 5.85
N ARG C 224 44.98 21.01 5.10
CA ARG C 224 43.96 22.05 5.08
C ARG C 224 43.48 22.35 6.51
N ILE C 225 43.21 21.30 7.29
CA ILE C 225 42.78 21.44 8.67
C ILE C 225 43.87 22.11 9.50
N GLN C 226 45.15 21.75 9.27
CA GLN C 226 46.28 22.31 10.00
C GLN C 226 46.13 23.83 10.17
N ALA C 227 45.65 24.54 9.13
CA ALA C 227 45.28 25.95 9.28
C ALA C 227 44.49 26.17 10.59
N GLU C 229 41.87 28.79 11.44
CA GLU C 229 41.76 29.96 12.37
C GLU C 229 42.12 29.57 13.81
N GLU C 230 42.76 28.41 13.98
CA GLU C 230 43.16 27.91 15.30
C GLU C 230 42.00 28.07 16.30
N SER C 231 40.82 27.50 16.00
CA SER C 231 39.64 27.68 16.85
C SER C 231 39.03 26.33 17.23
N GLU C 232 37.98 26.34 18.08
CA GLU C 232 37.24 25.15 18.43
C GLU C 232 36.63 24.52 17.19
N GLU C 233 36.19 25.33 16.23
CA GLU C 233 35.70 24.80 14.95
C GLU C 233 36.76 23.90 14.32
N LYS C 234 38.00 24.43 14.25
CA LYS C 234 39.15 23.65 13.80
C LYS C 234 39.25 22.36 14.62
N GLU C 235 39.16 22.49 15.95
CA GLU C 235 39.29 21.35 16.83
C GLU C 235 38.23 20.30 16.51
N GLU C 236 37.00 20.75 16.27
CA GLU C 236 35.89 19.85 15.97
C GLU C 236 36.17 19.10 14.66
N GLN C 237 36.61 19.84 13.63
CA GLN C 237 36.96 19.22 12.38
C GLN C 237 38.09 18.21 12.59
N VAL C 238 39.08 18.55 13.42
CA VAL C 238 40.17 17.64 13.79
C VAL C 238 39.57 16.34 14.34
N ALA C 239 38.66 16.45 15.32
CA ALA C 239 38.07 15.27 15.94
C ALA C 239 37.34 14.40 14.92
N GLU C 240 36.52 15.07 14.08
CA GLU C 240 35.81 14.37 13.01
C GLU C 240 36.82 13.66 12.10
N PHE C 241 37.83 14.41 11.63
CA PHE C 241 38.85 13.89 10.73
C PHE C 241 39.46 12.63 11.33
N GLN C 242 39.76 12.68 12.63
CA GLN C 242 40.41 11.56 13.26
C GLN C 242 39.48 10.35 13.21
N LYS C 243 38.17 10.58 13.42
CA LYS C 243 37.22 9.48 13.39
C LYS C 243 37.06 8.93 11.97
N GLN C 244 36.92 9.84 11.00
CA GLN C 244 36.79 9.41 9.62
C GLN C 244 38.04 8.65 9.20
N LYS C 245 39.21 9.15 9.56
CA LYS C 245 40.46 8.49 9.22
C LYS C 245 40.48 7.06 9.77
N GLU C 246 40.09 6.88 11.03
CA GLU C 246 40.11 5.55 11.63
C GLU C 246 39.16 4.64 10.87
N VAL C 247 37.96 5.13 10.53
CA VAL C 247 36.98 4.30 9.85
C VAL C 247 37.53 3.86 8.50
N LEU C 248 37.99 4.82 7.70
CA LEU C 248 38.38 4.53 6.33
C LEU C 248 39.59 3.60 6.31
N LEU C 249 40.57 3.82 7.19
CA LEU C 249 41.76 3.01 7.15
C LEU C 249 41.46 1.59 7.66
N SER C 250 40.49 1.47 8.57
CA SER C 250 40.08 0.16 9.05
C SER C 250 39.61 -0.75 7.91
N LEU C 251 39.15 -0.17 6.80
CA LEU C 251 38.69 -0.95 5.67
C LEU C 251 39.81 -1.83 5.11
N PHE C 252 41.05 -1.34 5.18
CA PHE C 252 42.20 -2.04 4.61
C PHE C 252 42.83 -3.00 5.61
N ASP C 253 42.19 -3.23 6.76
CA ASP C 253 42.71 -4.12 7.79
C ASP C 253 42.08 -5.50 7.63
N GLU C 254 42.73 -6.37 6.84
CA GLU C 254 42.15 -7.65 6.49
C GLU C 254 42.03 -8.54 7.73
N LYS C 255 42.92 -8.37 8.72
CA LYS C 255 42.90 -9.19 9.92
C LYS C 255 41.69 -8.83 10.77
N ARG C 256 41.42 -7.54 10.93
CA ARG C 256 40.20 -7.10 11.62
C ARG C 256 38.99 -7.74 10.97
N HIS C 257 38.97 -7.76 9.63
CA HIS C 257 37.82 -8.33 8.95
C HIS C 257 37.66 -9.81 9.30
N GLU C 258 38.76 -10.56 9.28
CA GLU C 258 38.75 -12.00 9.53
C GLU C 258 38.22 -12.26 10.94
N HIS C 259 38.63 -11.42 11.90
CA HIS C 259 38.18 -11.51 13.28
C HIS C 259 36.67 -11.27 13.36
N LEU C 260 36.18 -10.25 12.67
CA LEU C 260 34.76 -9.93 12.75
C LEU C 260 33.94 -11.02 12.04
N LEU C 261 34.50 -11.63 10.98
CA LEU C 261 33.91 -12.80 10.33
C LEU C 261 33.74 -13.93 11.35
N SER C 262 34.79 -14.25 12.11
CA SER C 262 34.74 -15.39 13.01
C SER C 262 33.68 -15.19 14.09
N LYS C 263 33.36 -13.93 14.43
CA LYS C 263 32.35 -13.67 15.44
C LYS C 263 30.94 -13.72 14.84
N GLY C 264 30.88 -13.56 13.51
CA GLY C 264 29.61 -13.45 12.83
C GLY C 264 29.11 -12.01 12.77
N GLU C 265 29.97 -11.00 12.99
CA GLU C 265 29.55 -9.61 12.86
C GLU C 265 29.65 -9.15 11.41
N ARG C 266 30.44 -9.85 10.60
CA ARG C 266 30.37 -9.74 9.15
C ARG C 266 30.16 -11.13 8.58
N ARG C 267 29.79 -11.20 7.30
CA ARG C 267 29.43 -12.48 6.68
C ARG C 267 30.23 -12.74 5.40
N LEU C 268 30.56 -11.70 4.63
CA LEU C 268 31.24 -11.90 3.36
C LEU C 268 32.75 -11.98 3.58
N SER C 269 33.42 -12.82 2.78
CA SER C 269 34.86 -12.80 2.68
C SER C 269 35.35 -11.39 2.34
N TYR C 270 36.61 -11.13 2.70
CA TYR C 270 37.24 -9.85 2.43
C TYR C 270 37.21 -9.58 0.93
N ARG C 271 37.48 -10.59 0.11
CA ARG C 271 37.57 -10.41 -1.32
C ARG C 271 36.19 -10.07 -1.89
N ALA C 272 35.14 -10.74 -1.42
CA ALA C 272 33.77 -10.46 -1.84
C ALA C 272 33.38 -9.03 -1.48
N LEU C 273 33.82 -8.56 -0.31
CA LEU C 273 33.57 -7.19 0.10
C LEU C 273 34.20 -6.21 -0.90
N GLN C 274 35.39 -6.54 -1.38
CA GLN C 274 36.06 -5.71 -2.37
C GLN C 274 35.28 -5.69 -3.68
N GLY C 275 34.78 -6.86 -4.10
CA GLY C 275 33.91 -6.97 -5.27
C GLY C 275 32.68 -6.07 -5.13
N ALA C 276 32.04 -6.11 -3.96
CA ALA C 276 30.81 -5.33 -3.72
C ALA C 276 31.13 -3.84 -3.82
N LEU C 277 32.25 -3.41 -3.25
CA LEU C 277 32.60 -2.01 -3.25
C LEU C 277 32.95 -1.56 -4.67
N MET C 278 33.58 -2.46 -5.44
CA MET C 278 33.86 -2.20 -6.85
C MET C 278 32.55 -1.91 -7.60
N ILE C 279 31.54 -2.75 -7.39
CA ILE C 279 30.24 -2.57 -8.02
C ILE C 279 29.59 -1.28 -7.53
N TYR C 280 29.69 -0.96 -6.25
CA TYR C 280 29.11 0.27 -5.70
C TYR C 280 29.68 1.49 -6.38
N PHE C 281 31.00 1.57 -6.42
CA PHE C 281 31.66 2.77 -6.89
C PHE C 281 31.57 2.89 -8.40
N TYR C 282 31.52 1.77 -9.13
CA TYR C 282 31.49 1.85 -10.58
C TYR C 282 30.13 1.42 -11.14
N ARG C 283 29.06 1.59 -10.36
CA ARG C 283 27.72 1.13 -10.70
C ARG C 283 27.23 1.58 -12.08
N GLU C 284 27.63 2.77 -12.52
CA GLU C 284 27.21 3.34 -13.78
C GLU C 284 27.89 2.65 -14.97
N GLU C 285 29.06 2.04 -14.76
CA GLU C 285 29.71 1.32 -15.85
C GLU C 285 28.78 0.20 -16.33
N PRO C 286 28.58 0.04 -17.66
CA PRO C 286 27.55 -0.88 -18.18
C PRO C 286 27.49 -2.29 -17.62
N ARG C 287 28.65 -2.91 -17.43
CA ARG C 287 28.68 -4.27 -16.90
C ARG C 287 28.25 -4.33 -15.44
N PHE C 288 28.27 -3.19 -14.72
CA PHE C 288 27.93 -3.16 -13.30
C PHE C 288 26.53 -2.67 -13.02
N GLN C 289 25.79 -2.21 -14.03
CA GLN C 289 24.50 -1.60 -13.78
C GLN C 289 23.52 -2.61 -13.20
N VAL C 290 23.39 -3.77 -13.83
CA VAL C 290 22.45 -4.76 -13.33
C VAL C 290 22.98 -5.43 -12.06
N PRO C 291 24.29 -5.78 -11.97
CA PRO C 291 24.87 -6.18 -10.69
C PRO C 291 24.59 -5.25 -9.50
N PHE C 292 24.64 -3.94 -9.73
CA PHE C 292 24.30 -2.99 -8.68
C PHE C 292 22.84 -3.14 -8.25
N GLN C 293 21.93 -3.33 -9.23
CA GLN C 293 20.55 -3.55 -8.93
C GLN C 293 20.41 -4.81 -8.10
N LEU C 294 21.21 -5.83 -8.39
CA LEU C 294 21.13 -7.07 -7.65
C LEU C 294 21.48 -6.81 -6.19
N LEU C 295 22.54 -6.05 -5.95
CA LEU C 295 22.98 -5.76 -4.58
C LEU C 295 21.87 -5.01 -3.85
N THR C 296 21.28 -4.04 -4.53
CA THR C 296 20.16 -3.25 -4.00
C THR C 296 18.99 -4.16 -3.62
N SER C 297 18.66 -5.13 -4.47
CA SER C 297 17.53 -6.01 -4.19
C SER C 297 17.84 -6.97 -3.04
N LEU C 298 19.11 -7.38 -2.87
CA LEU C 298 19.48 -8.23 -1.76
C LEU C 298 19.27 -7.48 -0.45
N MET C 299 19.68 -6.22 -0.38
CA MET C 299 19.43 -5.42 0.81
C MET C 299 17.92 -5.27 1.00
N ASP C 300 17.16 -5.07 -0.09
CA ASP C 300 15.72 -4.89 0.02
C ASP C 300 15.08 -6.11 0.67
N ILE C 301 15.54 -7.30 0.31
CA ILE C 301 14.96 -8.53 0.82
C ILE C 301 15.24 -8.65 2.31
N ASP C 302 16.45 -8.29 2.74
CA ASP C 302 16.78 -8.26 4.16
C ASP C 302 15.89 -7.26 4.91
N SER C 303 15.72 -6.05 4.36
CA SER C 303 14.88 -5.03 4.98
C SER C 303 13.43 -5.52 5.13
N LEU C 304 12.92 -6.18 4.08
CA LEU C 304 11.54 -6.59 4.08
C LEU C 304 11.31 -7.78 5.00
N MET C 305 12.28 -8.69 5.09
CA MET C 305 12.21 -9.79 6.04
C MET C 305 12.10 -9.24 7.45
N THR C 306 12.93 -8.22 7.75
CA THR C 306 12.92 -7.63 9.08
C THR C 306 11.57 -6.93 9.32
N LYS C 307 11.02 -6.29 8.27
CA LYS C 307 9.75 -5.59 8.42
C LYS C 307 8.66 -6.60 8.72
N TRP C 308 8.70 -7.75 8.04
CA TRP C 308 7.75 -8.81 8.33
C TRP C 308 7.84 -9.17 9.81
N ARG C 309 9.05 -9.33 10.33
CA ARG C 309 9.23 -9.78 11.72
C ARG C 309 8.71 -8.70 12.69
N TYR C 310 8.94 -7.44 12.33
CA TYR C 310 8.53 -6.34 13.18
C TYR C 310 6.99 -6.26 13.22
N ASN C 311 6.33 -6.35 12.05
CA ASN C 311 4.87 -6.29 12.01
C ASN C 311 4.29 -7.47 12.79
N HIS C 312 4.96 -8.63 12.71
CA HIS C 312 4.52 -9.80 13.41
C HIS C 312 4.57 -9.57 14.93
N VAL C 313 5.68 -9.01 15.40
CA VAL C 313 5.85 -8.64 16.80
C VAL C 313 4.73 -7.74 17.28
N CYS C 314 4.48 -6.61 16.58
CA CYS C 314 3.49 -5.65 17.01
C CYS C 314 2.14 -6.35 17.15
N MET C 315 1.88 -7.36 16.30
CA MET C 315 0.58 -7.99 16.34
C MET C 315 0.50 -8.99 17.49
N VAL C 316 1.57 -9.76 17.73
CA VAL C 316 1.60 -10.60 18.92
C VAL C 316 1.33 -9.78 20.18
N HIS C 317 1.87 -8.55 20.26
CA HIS C 317 1.71 -7.68 21.41
C HIS C 317 0.25 -7.33 21.63
N ARG C 318 -0.43 -6.92 20.55
CA ARG C 318 -1.80 -6.44 20.64
C ARG C 318 -2.74 -7.59 21.04
N MET C 319 -2.36 -8.83 20.65
CA MET C 319 -3.19 -10.00 20.90
C MET C 319 -2.92 -10.65 22.25
N LEU C 320 -1.65 -10.83 22.65
CA LEU C 320 -1.33 -11.62 23.85
C LEU C 320 -0.88 -10.73 25.00
N GLY C 321 -0.52 -9.47 24.74
CA GLY C 321 0.07 -8.61 25.75
C GLY C 321 1.58 -8.85 25.90
N SER C 322 2.25 -7.93 26.61
CA SER C 322 3.71 -8.02 26.78
C SER C 322 4.10 -9.28 27.58
N LYS C 323 3.24 -9.67 28.52
CA LYS C 323 3.47 -10.82 29.40
C LYS C 323 3.67 -12.09 28.56
N ALA C 324 2.73 -12.35 27.65
CA ALA C 324 2.81 -13.55 26.82
C ALA C 324 3.45 -13.20 25.47
N SER C 330 9.34 -14.98 27.13
CA SER C 330 8.23 -14.18 26.53
C SER C 330 8.36 -14.15 25.01
N GLY C 331 7.36 -14.70 24.31
CA GLY C 331 7.34 -14.71 22.85
C GLY C 331 7.54 -13.29 22.29
N TYR C 332 6.74 -12.34 22.80
CA TYR C 332 6.84 -10.94 22.43
C TYR C 332 8.32 -10.49 22.45
N HIS C 333 8.99 -10.73 23.59
CA HIS C 333 10.36 -10.25 23.76
C HIS C 333 11.34 -11.03 22.89
N TYR C 334 11.15 -12.35 22.77
CA TYR C 334 11.99 -13.17 21.89
C TYR C 334 11.88 -12.64 20.45
N LEU C 335 10.65 -12.35 20.01
CA LEU C 335 10.43 -11.89 18.66
C LEU C 335 11.10 -10.52 18.45
N ARG C 336 11.03 -9.65 19.48
CA ARG C 336 11.70 -8.36 19.44
C ARG C 336 13.20 -8.55 19.18
N SER C 337 13.76 -9.64 19.73
CA SER C 337 15.17 -9.95 19.60
C SER C 337 15.52 -10.35 18.16
N THR C 338 14.53 -10.91 17.43
CA THR C 338 14.76 -11.36 16.07
C THR C 338 14.89 -10.15 15.13
N VAL C 339 14.38 -9.00 15.58
CA VAL C 339 14.55 -7.75 14.83
C VAL C 339 15.92 -7.19 15.18
N SER C 340 16.98 -7.80 14.61
CA SER C 340 18.35 -7.43 14.93
C SER C 340 19.25 -7.73 13.74
N ASP C 341 20.45 -7.14 13.74
CA ASP C 341 21.44 -7.37 12.69
C ASP C 341 21.84 -8.85 12.64
N ARG C 342 21.61 -9.56 13.75
CA ARG C 342 21.86 -10.99 13.80
C ARG C 342 21.13 -11.73 12.67
N TYR C 343 19.97 -11.21 12.26
CA TYR C 343 19.14 -11.88 11.26
C TYR C 343 19.28 -11.20 9.90
N LYS C 344 20.16 -10.19 9.77
CA LYS C 344 20.42 -9.54 8.49
C LYS C 344 21.60 -10.22 7.79
N VAL C 345 21.30 -11.03 6.78
CA VAL C 345 22.28 -11.82 6.08
C VAL C 345 23.22 -10.94 5.26
N PHE C 346 22.71 -9.86 4.65
CA PHE C 346 23.49 -9.01 3.76
C PHE C 346 23.88 -7.71 4.45
N VAL C 347 24.07 -7.79 5.77
CA VAL C 347 24.50 -6.67 6.59
C VAL C 347 25.74 -6.00 5.99
N ASP C 348 26.64 -6.77 5.37
CA ASP C 348 27.84 -6.16 4.82
C ASP C 348 27.49 -5.14 3.72
N LEU C 349 26.45 -5.40 2.93
CA LEU C 349 26.05 -4.51 1.85
C LEU C 349 25.51 -3.20 2.42
N PHE C 350 24.77 -3.28 3.54
CA PHE C 350 24.30 -2.07 4.20
C PHE C 350 25.47 -1.25 4.70
N ASN C 351 26.48 -1.92 5.25
CA ASN C 351 27.54 -1.22 5.98
C ASN C 351 28.54 -0.58 5.04
N LEU C 352 28.49 -0.87 3.74
CA LEU C 352 29.34 -0.15 2.81
C LEU C 352 29.06 1.37 2.76
N SER C 353 27.84 1.84 3.14
CA SER C 353 27.60 3.26 3.36
C SER C 353 28.65 3.90 4.28
N THR C 354 29.09 3.19 5.32
CA THR C 354 30.11 3.69 6.24
C THR C 354 31.39 4.13 5.51
N TYR C 355 31.73 3.53 4.35
CA TYR C 355 33.02 3.76 3.71
C TYR C 355 32.91 4.62 2.44
N LEU C 356 31.88 5.47 2.36
CA LEU C 356 31.79 6.45 1.29
C LEU C 356 32.88 7.53 1.44
N ILE C 357 33.42 7.95 0.30
CA ILE C 357 34.48 8.93 0.20
C ILE C 357 34.08 9.99 -0.82
N PRO C 358 34.72 11.16 -0.87
CA PRO C 358 34.45 12.10 -1.96
C PRO C 358 34.66 11.40 -3.31
N ARG C 359 33.82 11.76 -4.29
CA ARG C 359 33.86 11.13 -5.61
C ARG C 359 35.25 11.23 -6.23
N HIS C 360 35.91 12.37 -6.03
CA HIS C 360 37.17 12.61 -6.69
C HIS C 360 38.29 11.72 -6.12
N TRP C 361 38.02 10.99 -5.01
CA TRP C 361 39.03 10.08 -4.48
C TRP C 361 38.92 8.71 -5.16
N ILE C 362 37.78 8.46 -5.81
CA ILE C 362 37.56 7.15 -6.41
C ILE C 362 38.52 6.98 -7.58
N PRO C 363 39.30 5.87 -7.64
CA PRO C 363 40.24 5.68 -8.74
C PRO C 363 39.51 5.83 -10.07
N LYS C 364 40.10 6.63 -10.96
CA LYS C 364 39.48 6.97 -12.24
C LYS C 364 39.49 5.73 -13.13
N MET C 365 38.44 5.58 -13.94
CA MET C 365 38.35 4.50 -14.90
C MET C 365 38.19 5.09 -16.29
N ASN C 366 39.31 5.47 -16.92
CA ASN C 366 39.27 6.10 -18.24
C ASN C 366 38.71 5.11 -19.25
N PRO C 367 37.90 5.54 -20.24
CA PRO C 367 37.38 4.63 -21.28
C PRO C 367 38.42 3.63 -21.76
N THR C 368 39.68 4.10 -21.85
CA THR C 368 40.79 3.24 -22.24
C THR C 368 40.80 1.98 -21.38
N ILE C 369 40.78 2.18 -20.05
CA ILE C 369 40.70 1.08 -19.11
C ILE C 369 39.25 0.58 -19.12
N HIS C 370 38.30 1.54 -19.24
CA HIS C 370 36.87 1.21 -19.19
C HIS C 370 36.62 -0.08 -19.96
N LYS C 371 37.30 -0.27 -21.11
CA LYS C 371 36.99 -1.33 -22.05
C LYS C 371 36.53 -2.64 -21.38
N PHE C 372 37.12 -2.97 -20.24
CA PHE C 372 36.83 -4.23 -19.55
C PHE C 372 35.41 -4.23 -18.99
N LEU C 373 34.76 -3.07 -18.85
CA LEU C 373 33.39 -2.98 -18.34
C LEU C 373 32.42 -2.36 -19.39
N LEU D 24 -1.63 -31.26 17.96
CA LEU D 24 -2.02 -30.38 16.82
C LEU D 24 -0.81 -29.55 16.37
N ILE D 25 -0.26 -29.90 15.21
CA ILE D 25 0.89 -29.19 14.66
C ILE D 25 0.36 -28.16 13.66
N TYR D 26 1.10 -27.04 13.50
CA TYR D 26 0.81 -25.97 12.56
C TYR D 26 0.34 -26.51 11.21
N GLY D 27 1.16 -27.37 10.57
CA GLY D 27 0.88 -27.82 9.23
C GLY D 27 -0.39 -28.65 9.16
N ASN D 28 -0.66 -29.44 10.20
CA ASN D 28 -1.87 -30.23 10.27
C ASN D 28 -3.08 -29.33 10.48
N TYR D 29 -2.95 -28.35 11.37
CA TYR D 29 -4.05 -27.44 11.70
C TYR D 29 -4.47 -26.67 10.45
N LEU D 30 -3.50 -26.24 9.64
CA LEU D 30 -3.73 -25.48 8.43
C LEU D 30 -3.91 -26.36 7.20
N HIS D 31 -3.89 -27.69 7.38
CA HIS D 31 -4.02 -28.64 6.29
C HIS D 31 -3.10 -28.30 5.12
N LEU D 32 -1.83 -28.03 5.44
CA LEU D 32 -0.82 -27.72 4.45
C LEU D 32 -0.54 -28.91 3.53
N GLU D 33 -0.87 -30.13 3.97
CA GLU D 33 -0.68 -31.30 3.11
C GLU D 33 -1.59 -31.17 1.90
N LYS D 34 -2.67 -30.38 2.02
CA LYS D 34 -3.50 -30.05 0.87
C LYS D 34 -3.02 -28.78 0.18
N VAL D 35 -2.86 -27.70 0.95
CA VAL D 35 -2.64 -26.38 0.38
C VAL D 35 -1.32 -26.35 -0.40
N LEU D 36 -0.29 -27.04 0.10
CA LEU D 36 1.04 -26.97 -0.49
C LEU D 36 1.36 -28.17 -1.36
N ASN D 37 0.36 -29.00 -1.67
CA ASN D 37 0.47 -30.00 -2.70
C ASN D 37 -0.60 -29.82 -3.78
N ALA D 38 -0.85 -28.57 -4.18
CA ALA D 38 -1.92 -28.24 -5.12
C ALA D 38 -1.36 -27.47 -6.31
N GLN D 39 -0.05 -27.55 -6.49
CA GLN D 39 0.64 -26.77 -7.50
C GLN D 39 1.20 -27.73 -8.54
N GLU D 40 0.49 -27.86 -9.66
CA GLU D 40 0.97 -28.66 -10.77
C GLU D 40 1.03 -27.81 -12.03
N LEU D 41 2.23 -27.61 -12.57
CA LEU D 41 2.43 -26.86 -13.79
C LEU D 41 2.06 -27.71 -14.99
N GLN D 42 1.10 -27.21 -15.78
CA GLN D 42 0.70 -27.88 -17.02
C GLN D 42 1.86 -27.93 -18.00
N SER D 43 2.68 -26.87 -18.00
CA SER D 43 3.84 -26.85 -18.89
C SER D 43 4.75 -28.04 -18.59
N GLU D 44 4.90 -28.37 -17.31
CA GLU D 44 5.77 -29.46 -16.89
C GLU D 44 5.10 -30.81 -17.11
N THR D 45 3.78 -30.90 -16.90
CA THR D 45 3.02 -32.10 -17.23
C THR D 45 3.18 -32.46 -18.72
N LYS D 46 3.40 -31.48 -19.59
CA LYS D 46 3.59 -31.72 -21.02
C LYS D 46 5.05 -31.69 -21.43
N GLY D 47 5.96 -31.81 -20.46
CA GLY D 47 7.39 -32.02 -20.75
C GLY D 47 8.09 -30.73 -21.16
N ASN D 48 7.64 -29.57 -20.66
CA ASN D 48 8.17 -28.27 -21.08
C ASN D 48 7.95 -27.20 -20.00
N LYS D 49 8.44 -27.49 -18.81
CA LYS D 49 8.28 -26.67 -17.62
C LYS D 49 8.64 -25.22 -17.90
N ILE D 50 7.76 -24.29 -17.54
CA ILE D 50 8.03 -22.87 -17.68
C ILE D 50 7.91 -22.26 -16.27
N HIS D 51 8.99 -21.60 -15.84
CA HIS D 51 9.19 -21.17 -14.47
C HIS D 51 8.00 -20.33 -13.98
N ASP D 52 7.57 -19.35 -14.77
CA ASP D 52 6.59 -18.37 -14.32
C ASP D 52 5.21 -18.99 -14.17
N GLU D 53 4.96 -20.20 -14.72
CA GLU D 53 3.63 -20.79 -14.52
C GLU D 53 3.32 -20.97 -13.03
N HIS D 54 4.36 -21.22 -12.23
CA HIS D 54 4.19 -21.42 -10.79
C HIS D 54 3.56 -20.17 -10.16
N LEU D 55 4.08 -19.00 -10.53
CA LEU D 55 3.53 -17.74 -10.04
C LEU D 55 2.06 -17.59 -10.40
N PHE D 56 1.70 -18.01 -11.62
CA PHE D 56 0.34 -17.83 -12.11
C PHE D 56 -0.59 -18.66 -11.23
N ILE D 57 -0.16 -19.89 -10.89
CA ILE D 57 -0.96 -20.78 -10.07
C ILE D 57 -1.14 -20.23 -8.66
N ILE D 58 -0.02 -19.85 -8.02
CA ILE D 58 -0.10 -19.41 -6.64
C ILE D 58 -0.96 -18.15 -6.54
N THR D 59 -0.75 -17.19 -7.44
CA THR D 59 -1.52 -15.98 -7.41
C THR D 59 -3.02 -16.28 -7.36
N HIS D 60 -3.49 -17.12 -8.29
CA HIS D 60 -4.92 -17.44 -8.34
C HIS D 60 -5.36 -18.17 -7.07
N GLN D 61 -4.52 -19.09 -6.56
CA GLN D 61 -4.86 -19.81 -5.34
C GLN D 61 -5.03 -18.85 -4.16
N ALA D 62 -4.17 -17.82 -4.11
CA ALA D 62 -4.27 -16.85 -3.03
C ALA D 62 -5.55 -16.04 -3.17
N TYR D 63 -5.87 -15.56 -4.39
CA TYR D 63 -7.16 -14.89 -4.65
C TYR D 63 -8.32 -15.78 -4.18
N GLU D 64 -8.30 -17.07 -4.50
CA GLU D 64 -9.40 -17.96 -4.15
C GLU D 64 -9.54 -18.18 -2.65
N LEU D 65 -8.41 -18.30 -1.93
CA LEU D 65 -8.45 -18.34 -0.47
C LEU D 65 -9.18 -17.10 0.05
N TRP D 66 -8.82 -15.91 -0.45
CA TRP D 66 -9.40 -14.69 0.07
C TRP D 66 -10.87 -14.53 -0.35
N PHE D 67 -11.24 -15.04 -1.53
CA PHE D 67 -12.64 -15.05 -1.93
C PHE D 67 -13.42 -15.94 -0.97
N LYS D 68 -12.84 -17.08 -0.58
CA LYS D 68 -13.49 -17.93 0.41
C LYS D 68 -13.74 -17.15 1.70
N GLN D 69 -12.74 -16.36 2.16
CA GLN D 69 -12.88 -15.60 3.39
C GLN D 69 -13.95 -14.51 3.24
N ILE D 70 -13.99 -13.84 2.08
CA ILE D 70 -14.99 -12.82 1.83
C ILE D 70 -16.38 -13.45 1.87
N LEU D 71 -16.56 -14.60 1.22
CA LEU D 71 -17.84 -15.30 1.25
C LEU D 71 -18.22 -15.63 2.68
N TRP D 72 -17.25 -16.05 3.48
CA TRP D 72 -17.51 -16.43 4.86
C TRP D 72 -18.03 -15.22 5.64
N GLU D 73 -17.40 -14.05 5.46
CA GLU D 73 -17.84 -12.87 6.18
C GLU D 73 -19.22 -12.45 5.68
N LEU D 74 -19.37 -12.35 4.37
CA LEU D 74 -20.60 -11.89 3.73
C LEU D 74 -21.78 -12.80 4.06
N ASP D 75 -21.61 -14.11 3.98
CA ASP D 75 -22.67 -15.03 4.40
C ASP D 75 -23.04 -14.82 5.88
N SER D 76 -22.05 -14.55 6.75
CA SER D 76 -22.37 -14.40 8.17
C SER D 76 -23.22 -13.15 8.38
N VAL D 77 -22.95 -12.11 7.57
CA VAL D 77 -23.68 -10.87 7.66
C VAL D 77 -25.06 -11.01 7.06
N ARG D 78 -25.19 -11.70 5.93
CA ARG D 78 -26.50 -11.99 5.37
C ARG D 78 -27.37 -12.69 6.40
N GLU D 79 -26.80 -13.66 7.12
CA GLU D 79 -27.53 -14.44 8.12
C GLU D 79 -28.04 -13.53 9.25
N ILE D 80 -27.20 -12.60 9.72
CA ILE D 80 -27.59 -11.69 10.78
C ILE D 80 -28.81 -10.87 10.37
N PHE D 81 -28.84 -10.41 9.12
CA PHE D 81 -29.99 -9.70 8.60
C PHE D 81 -31.19 -10.64 8.46
N GLN D 82 -30.97 -11.76 7.77
CA GLN D 82 -32.07 -12.64 7.38
C GLN D 82 -32.78 -13.24 8.59
N ASN D 83 -32.06 -13.49 9.68
CA ASN D 83 -32.66 -14.17 10.83
C ASN D 83 -33.20 -13.16 11.84
N GLY D 84 -33.11 -11.85 11.57
CA GLY D 84 -33.68 -10.88 12.48
C GLY D 84 -32.71 -10.37 13.57
N HIS D 85 -31.52 -10.97 13.72
CA HIS D 85 -30.57 -10.52 14.75
C HIS D 85 -30.20 -9.04 14.58
N VAL D 86 -30.16 -8.54 13.33
CA VAL D 86 -29.81 -7.15 13.10
C VAL D 86 -30.80 -6.20 13.81
N ARG D 87 -31.99 -6.70 14.16
CA ARG D 87 -32.98 -5.81 14.77
C ARG D 87 -32.47 -5.33 16.13
N ASP D 88 -31.69 -6.19 16.80
CA ASP D 88 -31.05 -5.83 18.06
C ASP D 88 -29.75 -5.09 17.72
N GLU D 89 -29.71 -3.80 18.05
CA GLU D 89 -28.69 -2.87 17.57
C GLU D 89 -27.33 -3.17 18.21
N ARG D 90 -27.31 -4.06 19.21
CA ARG D 90 -26.06 -4.51 19.76
C ARG D 90 -25.25 -5.24 18.71
N ASN D 91 -25.89 -5.70 17.63
CA ASN D 91 -25.18 -6.49 16.62
C ASN D 91 -24.56 -5.62 15.52
N MET D 92 -24.76 -4.30 15.58
CA MET D 92 -24.26 -3.43 14.52
C MET D 92 -22.74 -3.37 14.48
N LEU D 93 -22.06 -3.46 15.64
CA LEU D 93 -20.59 -3.35 15.64
C LEU D 93 -19.99 -4.51 14.84
N LYS D 94 -20.49 -5.73 15.10
CA LYS D 94 -20.04 -6.92 14.40
C LYS D 94 -20.36 -6.80 12.90
N VAL D 95 -21.54 -6.32 12.55
CA VAL D 95 -21.88 -6.16 11.14
C VAL D 95 -20.88 -5.24 10.44
N VAL D 96 -20.61 -4.08 11.03
CA VAL D 96 -19.73 -3.11 10.39
C VAL D 96 -18.29 -3.62 10.43
N SER D 97 -17.84 -4.27 11.51
CA SER D 97 -16.49 -4.82 11.55
C SER D 97 -16.28 -5.83 10.45
N ARG D 98 -17.27 -6.69 10.19
CA ARG D 98 -17.08 -7.71 9.17
C ARG D 98 -17.12 -7.10 7.76
N MET D 99 -17.99 -6.11 7.53
CA MET D 99 -18.01 -5.46 6.22
C MET D 99 -16.73 -4.67 6.00
N HIS D 100 -16.25 -4.00 7.06
CA HIS D 100 -14.98 -3.31 7.00
C HIS D 100 -13.85 -4.30 6.66
N ARG D 101 -13.89 -5.48 7.32
CA ARG D 101 -12.90 -6.52 7.05
C ARG D 101 -12.94 -6.95 5.57
N VAL D 102 -14.14 -7.07 4.98
CA VAL D 102 -14.21 -7.38 3.56
C VAL D 102 -13.49 -6.33 2.72
N SER D 103 -13.65 -5.06 3.05
CA SER D 103 -13.00 -4.01 2.27
C SER D 103 -11.49 -4.03 2.48
N VAL D 104 -10.99 -4.38 3.68
CA VAL D 104 -9.56 -4.50 3.91
C VAL D 104 -8.99 -5.65 3.08
N ILE D 105 -9.70 -6.79 2.99
CA ILE D 105 -9.24 -7.89 2.14
C ILE D 105 -9.22 -7.47 0.66
N LEU D 106 -10.25 -6.77 0.20
CA LEU D 106 -10.36 -6.37 -1.20
C LEU D 106 -9.24 -5.40 -1.54
N LYS D 107 -8.87 -4.53 -0.61
CA LYS D 107 -7.73 -3.66 -0.84
C LYS D 107 -6.46 -4.47 -1.06
N LEU D 108 -6.25 -5.49 -0.24
CA LEU D 108 -5.09 -6.34 -0.45
C LEU D 108 -5.18 -7.03 -1.81
N LEU D 109 -6.37 -7.50 -2.20
CA LEU D 109 -6.52 -8.19 -3.49
C LEU D 109 -6.20 -7.25 -4.66
N VAL D 110 -6.53 -5.96 -4.56
CA VAL D 110 -6.16 -4.98 -5.56
C VAL D 110 -4.64 -4.85 -5.64
N GLN D 111 -3.95 -4.76 -4.48
CA GLN D 111 -2.51 -4.63 -4.42
C GLN D 111 -1.85 -5.88 -4.97
N GLN D 112 -2.50 -7.03 -4.81
CA GLN D 112 -1.91 -8.31 -5.17
C GLN D 112 -1.63 -8.42 -6.67
N PHE D 113 -2.30 -7.61 -7.50
CA PHE D 113 -2.00 -7.58 -8.92
C PHE D 113 -0.55 -7.17 -9.17
N SER D 114 0.03 -6.38 -8.27
CA SER D 114 1.42 -5.96 -8.40
C SER D 114 2.35 -7.17 -8.49
N ILE D 115 1.96 -8.31 -7.94
CA ILE D 115 2.84 -9.47 -8.03
C ILE D 115 2.80 -10.07 -9.43
N LEU D 116 1.60 -10.17 -9.98
CA LEU D 116 1.47 -10.79 -11.30
C LEU D 116 2.03 -9.85 -12.38
N GLU D 117 2.10 -8.55 -12.07
CA GLU D 117 2.75 -7.65 -12.99
C GLU D 117 4.26 -7.86 -13.08
N THR D 118 4.89 -8.67 -12.22
CA THR D 118 6.33 -8.97 -12.40
C THR D 118 6.53 -10.07 -13.45
N MET D 119 5.43 -10.64 -13.96
CA MET D 119 5.52 -11.58 -15.10
C MET D 119 5.35 -10.81 -16.40
N THR D 120 6.32 -10.90 -17.30
CA THR D 120 6.21 -10.24 -18.59
C THR D 120 5.25 -11.00 -19.51
N ALA D 121 4.73 -10.30 -20.51
CA ALA D 121 3.88 -10.89 -21.54
C ALA D 121 4.63 -11.96 -22.31
N LEU D 122 5.92 -11.76 -22.59
CA LEU D 122 6.73 -12.78 -23.27
C LEU D 122 6.81 -14.09 -22.48
N ASP D 123 6.96 -14.01 -21.16
CA ASP D 123 7.05 -15.20 -20.33
C ASP D 123 5.69 -15.87 -20.20
N PHE D 124 4.61 -15.07 -20.09
CA PHE D 124 3.27 -15.62 -20.05
C PHE D 124 3.01 -16.40 -21.34
N ASN D 125 3.45 -15.85 -22.48
CA ASN D 125 3.22 -16.46 -23.78
C ASN D 125 3.89 -17.84 -23.88
N ASP D 126 4.86 -18.16 -23.03
CA ASP D 126 5.52 -19.46 -23.13
C ASP D 126 4.66 -20.59 -22.54
N PHE D 127 3.62 -20.29 -21.73
CA PHE D 127 2.84 -21.37 -21.12
C PHE D 127 1.35 -21.16 -21.36
N ARG D 128 0.98 -20.07 -22.04
CA ARG D 128 -0.44 -19.74 -22.22
C ARG D 128 -1.17 -20.88 -22.94
N GLU D 129 -0.47 -21.58 -23.87
CA GLU D 129 -1.07 -22.64 -24.67
C GLU D 129 -1.58 -23.78 -23.79
N TYR D 130 -0.96 -24.00 -22.63
CA TYR D 130 -1.30 -25.16 -21.80
C TYR D 130 -2.50 -24.87 -20.93
N LEU D 131 -3.09 -23.68 -21.02
CA LEU D 131 -4.12 -23.28 -20.07
C LEU D 131 -5.50 -23.75 -20.52
N SER D 132 -5.76 -23.68 -21.83
CA SER D 132 -7.06 -24.07 -22.37
C SER D 132 -7.43 -25.47 -21.88
N PRO D 133 -8.68 -25.73 -21.44
CA PRO D 133 -9.78 -24.78 -21.58
C PRO D 133 -10.17 -24.01 -20.32
N ALA D 134 -9.18 -23.63 -19.52
CA ALA D 134 -9.45 -22.95 -18.26
C ALA D 134 -9.50 -21.44 -18.47
N SER D 135 -10.31 -20.75 -17.65
CA SER D 135 -10.37 -19.31 -17.64
C SER D 135 -10.78 -18.83 -16.24
N GLY D 136 -10.44 -17.59 -15.92
CA GLY D 136 -10.87 -16.94 -14.68
C GLY D 136 -12.39 -16.83 -14.59
N PHE D 137 -13.02 -16.80 -15.77
CA PHE D 137 -14.47 -16.76 -15.92
C PHE D 137 -15.07 -17.89 -15.10
N GLN D 138 -14.31 -19.00 -14.99
CA GLN D 138 -14.84 -20.20 -14.36
C GLN D 138 -14.66 -20.17 -12.84
N SER D 139 -14.24 -19.03 -12.25
CA SER D 139 -14.21 -18.92 -10.80
C SER D 139 -15.61 -18.94 -10.19
N LEU D 140 -15.99 -20.09 -9.63
CA LEU D 140 -17.26 -20.23 -8.95
C LEU D 140 -17.41 -19.19 -7.86
N GLN D 141 -16.35 -19.07 -7.03
CA GLN D 141 -16.42 -18.18 -5.87
C GLN D 141 -16.63 -16.72 -6.27
N PHE D 142 -15.96 -16.28 -7.35
CA PHE D 142 -16.11 -14.89 -7.80
C PHE D 142 -17.57 -14.63 -8.17
N ARG D 143 -18.21 -15.59 -8.82
CA ARG D 143 -19.60 -15.44 -9.21
C ARG D 143 -20.49 -15.44 -7.99
N LEU D 144 -20.23 -16.37 -7.06
CA LEU D 144 -21.03 -16.45 -5.84
C LEU D 144 -20.97 -15.12 -5.12
N LEU D 145 -19.77 -14.54 -5.07
CA LEU D 145 -19.58 -13.24 -4.42
C LEU D 145 -20.41 -12.14 -5.10
N GLU D 146 -20.35 -12.07 -6.43
CA GLU D 146 -21.12 -11.09 -7.18
C GLU D 146 -22.60 -11.26 -6.86
N ASN D 147 -23.09 -12.49 -6.93
CA ASN D 147 -24.51 -12.77 -6.75
C ASN D 147 -24.95 -12.46 -5.32
N LYS D 148 -24.16 -12.83 -4.32
CA LYS D 148 -24.54 -12.66 -2.93
C LYS D 148 -24.52 -11.19 -2.52
N ILE D 149 -23.67 -10.37 -3.19
CA ILE D 149 -23.72 -8.94 -2.94
C ILE D 149 -25.01 -8.40 -3.55
N GLY D 150 -25.33 -8.82 -4.80
CA GLY D 150 -26.59 -8.45 -5.43
C GLY D 150 -26.48 -8.06 -6.92
N VAL D 151 -25.51 -8.60 -7.63
CA VAL D 151 -25.47 -8.35 -9.07
C VAL D 151 -26.65 -9.09 -9.68
N LEU D 152 -27.50 -8.39 -10.46
CA LEU D 152 -28.66 -9.05 -11.05
C LEU D 152 -28.29 -9.71 -12.38
N GLN D 153 -28.76 -10.94 -12.59
CA GLN D 153 -28.41 -11.70 -13.78
C GLN D 153 -28.86 -10.96 -15.05
N ASN D 154 -30.07 -10.42 -15.03
CA ASN D 154 -30.66 -9.70 -16.16
C ASN D 154 -29.88 -8.42 -16.49
N MET D 155 -29.04 -7.90 -15.59
CA MET D 155 -28.29 -6.67 -15.82
C MET D 155 -26.85 -6.96 -16.26
N ARG D 156 -26.42 -8.22 -16.18
CA ARG D 156 -25.06 -8.59 -16.51
C ARG D 156 -24.86 -8.42 -18.02
N VAL D 157 -23.66 -7.95 -18.40
CA VAL D 157 -23.26 -7.90 -19.79
C VAL D 157 -23.02 -9.34 -20.27
N PRO D 158 -23.62 -9.74 -21.42
CA PRO D 158 -23.43 -11.06 -21.98
C PRO D 158 -21.98 -11.32 -22.38
N TYR D 159 -21.53 -12.56 -22.20
CA TYR D 159 -20.22 -12.96 -22.71
C TYR D 159 -20.44 -13.89 -23.90
N ASN D 160 -19.86 -13.51 -25.06
CA ASN D 160 -20.04 -14.25 -26.27
C ASN D 160 -21.54 -14.46 -26.49
N ARG D 161 -22.30 -13.38 -26.30
CA ARG D 161 -23.71 -13.35 -26.65
C ARG D 161 -24.52 -14.32 -25.77
N ARG D 162 -24.00 -14.71 -24.60
CA ARG D 162 -24.62 -15.75 -23.80
C ARG D 162 -24.49 -15.42 -22.32
N HIS D 163 -25.31 -16.12 -21.52
CA HIS D 163 -25.37 -15.87 -20.07
C HIS D 163 -24.14 -16.47 -19.40
N TYR D 164 -23.71 -15.89 -18.28
CA TYR D 164 -22.49 -16.28 -17.62
C TYR D 164 -22.60 -17.71 -17.08
N ARG D 165 -23.81 -18.11 -16.64
CA ARG D 165 -23.97 -19.39 -15.93
C ARG D 165 -23.80 -20.59 -16.86
N ASP D 166 -23.93 -20.38 -18.17
CA ASP D 166 -23.75 -21.44 -19.16
C ASP D 166 -22.31 -21.96 -19.15
N ASN D 167 -21.39 -21.18 -18.59
CA ASN D 167 -19.99 -21.56 -18.44
C ASN D 167 -19.78 -22.51 -17.28
N PHE D 168 -20.86 -22.85 -16.55
CA PHE D 168 -20.80 -23.68 -15.37
C PHE D 168 -21.78 -24.84 -15.55
N LYS D 169 -21.56 -25.96 -14.86
CA LYS D 169 -22.37 -27.16 -15.04
C LYS D 169 -22.54 -27.92 -13.72
N GLY D 170 -23.49 -28.87 -13.68
CA GLY D 170 -23.68 -29.77 -12.55
C GLY D 170 -24.05 -29.02 -11.28
N GLU D 171 -23.42 -29.43 -10.17
CA GLU D 171 -23.70 -28.86 -8.86
C GLU D 171 -23.30 -27.39 -8.80
N GLU D 172 -22.24 -27.02 -9.53
CA GLU D 172 -21.76 -25.65 -9.55
C GLU D 172 -22.83 -24.74 -10.16
N ASN D 173 -23.49 -25.20 -11.24
CA ASN D 173 -24.54 -24.44 -11.88
C ASN D 173 -25.69 -24.26 -10.88
N GLU D 174 -25.93 -25.31 -10.10
CA GLU D 174 -27.02 -25.34 -9.13
C GLU D 174 -26.72 -24.36 -7.98
N LEU D 175 -25.49 -24.40 -7.49
CA LEU D 175 -25.06 -23.49 -6.43
C LEU D 175 -25.23 -22.04 -6.88
N LEU D 176 -24.87 -21.74 -8.14
CA LEU D 176 -24.98 -20.40 -8.67
C LEU D 176 -26.44 -19.96 -8.73
N LEU D 177 -27.33 -20.90 -9.03
CA LEU D 177 -28.75 -20.60 -9.07
C LEU D 177 -29.26 -20.26 -7.67
N LYS D 178 -28.91 -21.08 -6.66
CA LYS D 178 -29.23 -20.76 -5.28
C LYS D 178 -28.76 -19.36 -4.93
N SER D 179 -27.51 -19.04 -5.33
CA SER D 179 -26.94 -17.74 -4.97
C SER D 179 -27.73 -16.61 -5.62
N GLU D 180 -28.39 -16.88 -6.77
CA GLU D 180 -29.22 -15.87 -7.42
C GLU D 180 -30.59 -15.77 -6.75
N GLN D 181 -31.14 -16.89 -6.27
CA GLN D 181 -32.50 -16.94 -5.75
C GLN D 181 -32.57 -16.58 -4.27
N GLU D 182 -31.54 -16.93 -3.49
CA GLU D 182 -31.49 -16.56 -2.08
C GLU D 182 -31.33 -15.05 -1.93
N LYS D 183 -31.74 -14.53 -0.79
CA LYS D 183 -31.72 -13.10 -0.51
C LYS D 183 -30.29 -12.55 -0.58
N THR D 184 -30.12 -11.47 -1.33
CA THR D 184 -28.80 -10.87 -1.52
C THR D 184 -28.58 -9.83 -0.41
N LEU D 185 -27.33 -9.40 -0.25
CA LEU D 185 -27.00 -8.36 0.71
C LEU D 185 -27.83 -7.10 0.41
N LEU D 186 -27.94 -6.73 -0.88
CA LEU D 186 -28.75 -5.62 -1.30
C LEU D 186 -30.18 -5.71 -0.77
N GLU D 187 -30.84 -6.87 -0.96
CA GLU D 187 -32.22 -7.05 -0.54
C GLU D 187 -32.34 -7.01 0.99
N LEU D 188 -31.37 -7.57 1.69
CA LEU D 188 -31.45 -7.63 3.15
C LEU D 188 -31.22 -6.24 3.76
N VAL D 189 -30.30 -5.48 3.16
CA VAL D 189 -30.08 -4.11 3.57
C VAL D 189 -31.31 -3.25 3.26
N GLU D 190 -31.89 -3.46 2.09
CA GLU D 190 -33.09 -2.75 1.68
C GLU D 190 -34.18 -2.91 2.73
N ALA D 191 -34.51 -4.16 3.09
CA ALA D 191 -35.58 -4.40 4.06
C ALA D 191 -35.26 -3.69 5.38
N TRP D 192 -34.00 -3.70 5.82
CA TRP D 192 -33.61 -3.03 7.06
C TRP D 192 -33.75 -1.51 6.94
N LEU D 193 -33.37 -0.96 5.76
CA LEU D 193 -33.47 0.47 5.53
C LEU D 193 -34.93 0.93 5.57
N GLU D 194 -35.84 0.04 5.12
CA GLU D 194 -37.26 0.37 5.09
C GLU D 194 -37.81 0.58 6.50
N ARG D 195 -37.19 -0.05 7.51
CA ARG D 195 -37.64 0.07 8.88
C ARG D 195 -36.94 1.21 9.62
N THR D 196 -36.14 2.03 8.92
CA THR D 196 -35.36 3.06 9.60
C THR D 196 -36.29 3.97 10.40
N PRO D 197 -36.03 4.24 11.71
CA PRO D 197 -36.88 5.14 12.50
C PRO D 197 -36.83 6.58 11.98
N GLY D 198 -37.98 7.26 12.04
CA GLY D 198 -38.07 8.65 11.61
C GLY D 198 -38.96 8.86 10.38
N LEU D 199 -39.25 7.79 9.62
CA LEU D 199 -40.00 7.91 8.37
C LEU D 199 -41.50 8.01 8.64
N GLU D 200 -41.94 7.62 9.85
CA GLU D 200 -43.35 7.53 10.17
C GLU D 200 -44.03 8.88 9.94
N PRO D 201 -45.03 8.96 9.04
CA PRO D 201 -45.81 10.19 8.84
C PRO D 201 -46.42 10.75 10.12
N HIS D 202 -46.82 9.84 11.01
CA HIS D 202 -47.41 10.20 12.29
C HIS D 202 -46.33 10.59 13.29
N GLY D 203 -45.05 10.33 12.96
CA GLY D 203 -43.93 10.54 13.85
C GLY D 203 -43.11 11.77 13.47
N PHE D 204 -41.79 11.59 13.27
CA PHE D 204 -40.91 12.70 12.92
C PHE D 204 -41.25 13.17 11.50
N ASN D 205 -41.82 12.27 10.68
CA ASN D 205 -42.34 12.63 9.36
C ASN D 205 -41.23 13.25 8.51
N PHE D 206 -40.09 12.54 8.43
CA PHE D 206 -38.90 13.03 7.75
C PHE D 206 -39.23 13.51 6.33
N TRP D 207 -39.90 12.67 5.52
CA TRP D 207 -40.07 12.94 4.09
C TRP D 207 -40.94 14.16 3.90
N GLY D 208 -42.05 14.24 4.65
CA GLY D 208 -42.95 15.38 4.58
C GLY D 208 -42.20 16.69 4.88
N LYS D 209 -41.41 16.67 5.97
CA LYS D 209 -40.71 17.87 6.39
C LYS D 209 -39.63 18.23 5.38
N LEU D 210 -38.96 17.21 4.83
CA LEU D 210 -37.87 17.46 3.89
C LEU D 210 -38.43 18.13 2.62
N GLU D 211 -39.52 17.61 2.09
CA GLU D 211 -40.17 18.21 0.93
C GLU D 211 -40.49 19.69 1.20
N LYS D 212 -41.12 19.96 2.35
CA LYS D 212 -41.51 21.33 2.70
C LYS D 212 -40.28 22.24 2.80
N ASN D 213 -39.22 21.77 3.45
CA ASN D 213 -38.04 22.59 3.69
C ASN D 213 -37.28 22.85 2.39
N ILE D 214 -37.22 21.86 1.50
CA ILE D 214 -36.56 22.05 0.21
C ILE D 214 -37.37 23.02 -0.65
N THR D 215 -38.70 22.91 -0.65
CA THR D 215 -39.54 23.86 -1.39
C THR D 215 -39.27 25.28 -0.92
N ARG D 216 -39.31 25.49 0.41
CA ARG D 216 -39.10 26.82 0.97
C ARG D 216 -37.68 27.29 0.64
N GLY D 217 -36.69 26.39 0.84
CA GLY D 217 -35.31 26.72 0.58
C GLY D 217 -35.10 27.20 -0.85
N LEU D 218 -35.72 26.50 -1.81
CA LEU D 218 -35.57 26.87 -3.20
C LEU D 218 -36.23 28.23 -3.43
N GLU D 219 -37.43 28.42 -2.87
CA GLU D 219 -38.13 29.69 -3.04
C GLU D 219 -37.27 30.85 -2.54
N GLU D 220 -36.66 30.68 -1.37
CA GLU D 220 -35.81 31.69 -0.76
C GLU D 220 -34.65 32.02 -1.68
N GLU D 221 -34.03 30.98 -2.23
CA GLU D 221 -32.87 31.15 -3.09
C GLU D 221 -33.26 31.93 -4.33
N PHE D 222 -34.41 31.56 -4.93
CA PHE D 222 -34.86 32.23 -6.14
C PHE D 222 -34.98 33.73 -5.87
N ILE D 223 -35.61 34.09 -4.76
CA ILE D 223 -35.84 35.50 -4.41
C ILE D 223 -34.50 36.24 -4.31
N ARG D 224 -33.54 35.63 -3.60
CA ARG D 224 -32.20 36.18 -3.51
C ARG D 224 -31.60 36.37 -4.91
N ILE D 225 -31.75 35.36 -5.80
CA ILE D 225 -31.22 35.43 -7.15
C ILE D 225 -31.87 36.59 -7.91
N GLN D 226 -33.19 36.70 -7.82
CA GLN D 226 -33.93 37.70 -8.59
C GLN D 226 -33.28 39.07 -8.43
N ALA D 227 -32.86 39.40 -7.20
CA ALA D 227 -32.14 40.63 -6.94
C ALA D 227 -30.93 40.34 -6.04
N GLU D 229 -29.33 41.58 -9.07
CA GLU D 229 -28.50 42.31 -10.07
C GLU D 229 -28.34 41.44 -11.31
N GLU D 230 -28.26 42.09 -12.48
CA GLU D 230 -28.18 41.39 -13.76
C GLU D 230 -26.71 41.39 -14.24
N SER D 231 -26.12 40.20 -14.43
CA SER D 231 -24.74 40.06 -14.87
C SER D 231 -24.49 38.60 -15.22
N GLU D 232 -23.27 38.28 -15.69
CA GLU D 232 -22.87 36.90 -16.00
C GLU D 232 -23.14 35.99 -14.80
N GLU D 233 -22.79 36.47 -13.60
CA GLU D 233 -22.96 35.69 -12.38
C GLU D 233 -24.44 35.31 -12.23
N LYS D 234 -25.32 36.30 -12.37
CA LYS D 234 -26.76 36.08 -12.25
C LYS D 234 -27.19 35.03 -13.29
N GLU D 235 -26.73 35.22 -14.54
CA GLU D 235 -27.10 34.34 -15.63
C GLU D 235 -26.78 32.88 -15.26
N GLU D 236 -25.59 32.67 -14.69
CA GLU D 236 -25.16 31.34 -14.30
C GLU D 236 -26.02 30.85 -13.14
N GLN D 237 -26.16 31.65 -12.10
CA GLN D 237 -26.88 31.26 -10.89
C GLN D 237 -28.31 30.85 -11.22
N VAL D 238 -28.95 31.56 -12.17
CA VAL D 238 -30.30 31.21 -12.59
C VAL D 238 -30.32 29.79 -13.15
N ALA D 239 -29.39 29.51 -14.07
CA ALA D 239 -29.30 28.21 -14.72
C ALA D 239 -29.02 27.12 -13.68
N GLU D 240 -28.04 27.39 -12.80
CA GLU D 240 -27.68 26.46 -11.74
C GLU D 240 -28.92 26.17 -10.89
N PHE D 241 -29.59 27.25 -10.46
CA PHE D 241 -30.78 27.13 -9.63
C PHE D 241 -31.79 26.21 -10.32
N GLN D 242 -31.98 26.44 -11.63
CA GLN D 242 -33.00 25.68 -12.33
C GLN D 242 -32.60 24.21 -12.33
N LYS D 243 -31.31 23.91 -12.49
CA LYS D 243 -30.87 22.52 -12.51
C LYS D 243 -30.96 21.90 -11.13
N GLN D 244 -30.52 22.64 -10.11
CA GLN D 244 -30.61 22.16 -8.75
C GLN D 244 -32.09 21.92 -8.39
N LYS D 245 -32.96 22.86 -8.77
CA LYS D 245 -34.38 22.71 -8.51
C LYS D 245 -34.91 21.40 -9.12
N GLU D 246 -34.58 21.15 -10.38
CA GLU D 246 -35.07 19.98 -11.08
C GLU D 246 -34.61 18.72 -10.34
N VAL D 247 -33.32 18.72 -9.95
CA VAL D 247 -32.78 17.53 -9.31
C VAL D 247 -33.48 17.28 -7.99
N LEU D 248 -33.55 18.30 -7.14
CA LEU D 248 -34.04 18.12 -5.78
C LEU D 248 -35.53 17.77 -5.82
N LEU D 249 -36.32 18.39 -6.69
CA LEU D 249 -37.75 18.10 -6.69
C LEU D 249 -38.01 16.70 -7.25
N SER D 250 -37.15 16.25 -8.18
CA SER D 250 -37.27 14.91 -8.73
C SER D 250 -37.20 13.84 -7.65
N LEU D 251 -36.55 14.15 -6.51
CA LEU D 251 -36.42 13.21 -5.42
C LEU D 251 -37.79 12.80 -4.88
N PHE D 252 -38.77 13.70 -4.94
CA PHE D 252 -40.10 13.44 -4.39
C PHE D 252 -41.02 12.80 -5.42
N ASP D 253 -40.51 12.42 -6.60
CA ASP D 253 -41.30 11.82 -7.66
C ASP D 253 -41.20 10.30 -7.59
N GLU D 254 -42.10 9.68 -6.83
CA GLU D 254 -42.04 8.24 -6.57
C GLU D 254 -42.26 7.43 -7.86
N LYS D 255 -43.01 7.98 -8.81
CA LYS D 255 -43.30 7.28 -10.07
C LYS D 255 -42.03 7.21 -10.93
N ARG D 256 -41.31 8.34 -11.04
CA ARG D 256 -40.03 8.33 -11.70
C ARG D 256 -39.10 7.27 -11.08
N HIS D 257 -39.12 7.15 -9.74
CA HIS D 257 -38.27 6.19 -9.07
C HIS D 257 -38.63 4.77 -9.50
N GLU D 258 -39.93 4.47 -9.52
CA GLU D 258 -40.43 3.14 -9.88
C GLU D 258 -39.99 2.77 -11.29
N HIS D 259 -40.07 3.76 -12.18
CA HIS D 259 -39.64 3.60 -13.56
C HIS D 259 -38.15 3.30 -13.65
N LEU D 260 -37.33 4.02 -12.88
CA LEU D 260 -35.89 3.81 -12.96
C LEU D 260 -35.52 2.48 -12.32
N LEU D 261 -36.27 2.04 -11.30
CA LEU D 261 -36.15 0.70 -10.74
C LEU D 261 -36.37 -0.35 -11.84
N SER D 262 -37.45 -0.22 -12.62
CA SER D 262 -37.79 -1.24 -13.60
C SER D 262 -36.70 -1.36 -14.67
N LYS D 263 -35.94 -0.28 -14.92
CA LYS D 263 -34.89 -0.30 -15.91
C LYS D 263 -33.58 -0.78 -15.29
N GLY D 264 -33.55 -0.93 -13.97
CA GLY D 264 -32.34 -1.35 -13.27
C GLY D 264 -31.36 -0.20 -13.10
N GLU D 265 -31.80 1.05 -13.27
CA GLU D 265 -30.91 2.19 -13.11
C GLU D 265 -30.85 2.60 -11.63
N ARG D 266 -31.86 2.18 -10.84
CA ARG D 266 -31.78 2.20 -9.40
C ARG D 266 -32.10 0.79 -8.90
N ARG D 267 -31.81 0.53 -7.62
CA ARG D 267 -31.94 -0.80 -7.04
C ARG D 267 -32.77 -0.80 -5.77
N LEU D 268 -32.67 0.24 -4.93
CA LEU D 268 -33.38 0.25 -3.68
C LEU D 268 -34.81 0.76 -3.88
N SER D 269 -35.73 0.18 -3.11
CA SER D 269 -37.10 0.68 -3.04
C SER D 269 -37.07 2.16 -2.62
N TYR D 270 -38.14 2.86 -2.94
CA TYR D 270 -38.29 4.26 -2.61
C TYR D 270 -38.19 4.43 -1.09
N ARG D 271 -38.82 3.54 -0.33
CA ARG D 271 -38.83 3.66 1.11
C ARG D 271 -37.40 3.48 1.68
N ALA D 272 -36.66 2.48 1.15
CA ALA D 272 -35.30 2.24 1.56
C ALA D 272 -34.41 3.45 1.27
N LEU D 273 -34.66 4.11 0.15
CA LEU D 273 -33.93 5.32 -0.20
C LEU D 273 -34.15 6.40 0.85
N GLN D 274 -35.40 6.50 1.34
CA GLN D 274 -35.74 7.45 2.39
C GLN D 274 -34.97 7.13 3.67
N GLY D 275 -34.94 5.83 4.02
CA GLY D 275 -34.17 5.37 5.16
C GLY D 275 -32.70 5.76 5.07
N ALA D 276 -32.11 5.53 3.89
CA ALA D 276 -30.69 5.84 3.68
C ALA D 276 -30.43 7.33 3.87
N LEU D 277 -31.32 8.17 3.33
CA LEU D 277 -31.16 9.61 3.41
C LEU D 277 -31.31 10.06 4.87
N MET D 278 -32.22 9.42 5.60
CA MET D 278 -32.42 9.71 7.02
C MET D 278 -31.10 9.45 7.78
N ILE D 279 -30.47 8.31 7.51
CA ILE D 279 -29.20 7.96 8.13
C ILE D 279 -28.12 8.95 7.72
N TYR D 280 -28.07 9.36 6.44
CA TYR D 280 -27.07 10.30 5.97
C TYR D 280 -27.17 11.61 6.70
N PHE D 281 -28.39 12.17 6.76
CA PHE D 281 -28.56 13.50 7.29
C PHE D 281 -28.44 13.50 8.81
N TYR D 282 -28.83 12.41 9.49
CA TYR D 282 -28.81 12.42 10.94
C TYR D 282 -27.70 11.50 11.49
N ARG D 283 -26.64 11.30 10.73
CA ARG D 283 -25.59 10.36 11.04
C ARG D 283 -24.99 10.53 12.44
N GLU D 284 -24.90 11.75 12.92
CA GLU D 284 -24.34 12.06 14.24
C GLU D 284 -25.24 11.58 15.38
N GLU D 285 -26.55 11.45 15.15
CA GLU D 285 -27.43 10.97 16.20
C GLU D 285 -26.99 9.56 16.59
N PRO D 286 -26.89 9.25 17.90
CA PRO D 286 -26.27 8.00 18.35
C PRO D 286 -26.72 6.71 17.70
N ARG D 287 -28.00 6.55 17.49
CA ARG D 287 -28.49 5.31 16.87
C ARG D 287 -28.14 5.23 15.40
N PHE D 288 -27.73 6.34 14.77
CA PHE D 288 -27.37 6.31 13.34
C PHE D 288 -25.87 6.28 13.08
N GLN D 289 -25.02 6.39 14.12
CA GLN D 289 -23.58 6.50 13.90
C GLN D 289 -23.01 5.24 13.25
N VAL D 290 -23.32 4.08 13.82
CA VAL D 290 -22.79 2.86 13.27
C VAL D 290 -23.54 2.50 11.97
N PRO D 291 -24.87 2.65 11.88
CA PRO D 291 -25.56 2.53 10.56
C PRO D 291 -24.94 3.35 9.42
N PHE D 292 -24.52 4.59 9.73
CA PHE D 292 -23.85 5.39 8.71
C PHE D 292 -22.53 4.76 8.28
N GLN D 293 -21.76 4.23 9.25
CA GLN D 293 -20.53 3.52 8.92
C GLN D 293 -20.88 2.35 8.02
N LEU D 294 -21.99 1.65 8.28
CA LEU D 294 -22.33 0.51 7.44
C LEU D 294 -22.58 0.95 5.99
N LEU D 295 -23.30 2.07 5.80
CA LEU D 295 -23.59 2.55 4.46
C LEU D 295 -22.28 2.90 3.76
N THR D 296 -21.37 3.57 4.49
CA THR D 296 -20.04 3.91 3.99
C THR D 296 -19.28 2.65 3.56
N SER D 297 -19.32 1.58 4.36
CA SER D 297 -18.62 0.36 4.03
C SER D 297 -19.21 -0.32 2.80
N LEU D 298 -20.53 -0.24 2.63
CA LEU D 298 -21.18 -0.85 1.47
C LEU D 298 -20.69 -0.17 0.19
N MET D 299 -20.60 1.15 0.21
CA MET D 299 -20.05 1.87 -0.92
C MET D 299 -18.59 1.48 -1.13
N ASP D 300 -17.83 1.34 -0.05
CA ASP D 300 -16.43 0.99 -0.14
C ASP D 300 -16.26 -0.34 -0.89
N ILE D 301 -17.09 -1.31 -0.57
CA ILE D 301 -17.00 -2.64 -1.16
C ILE D 301 -17.29 -2.57 -2.65
N ASP D 302 -18.30 -1.78 -3.04
CA ASP D 302 -18.62 -1.56 -4.44
C ASP D 302 -17.43 -0.91 -5.16
N SER D 303 -16.82 0.11 -4.56
CA SER D 303 -15.70 0.83 -5.17
C SER D 303 -14.50 -0.10 -5.31
N LEU D 304 -14.24 -0.93 -4.33
CA LEU D 304 -13.08 -1.83 -4.36
C LEU D 304 -13.30 -2.97 -5.34
N MET D 305 -14.53 -3.46 -5.45
CA MET D 305 -14.85 -4.47 -6.46
C MET D 305 -14.59 -3.88 -7.85
N THR D 306 -14.99 -2.64 -8.07
CA THR D 306 -14.76 -1.99 -9.35
C THR D 306 -13.26 -1.84 -9.59
N LYS D 307 -12.51 -1.48 -8.54
CA LYS D 307 -11.09 -1.29 -8.71
C LYS D 307 -10.43 -2.63 -9.03
N TRP D 308 -10.87 -3.70 -8.36
CA TRP D 308 -10.40 -5.04 -8.72
C TRP D 308 -10.62 -5.27 -10.23
N ARG D 309 -11.81 -4.94 -10.76
CA ARG D 309 -12.13 -5.25 -12.15
C ARG D 309 -11.28 -4.40 -13.08
N TYR D 310 -11.05 -3.15 -12.67
CA TYR D 310 -10.23 -2.24 -13.46
C TYR D 310 -8.78 -2.75 -13.51
N ASN D 311 -8.18 -3.13 -12.36
CA ASN D 311 -6.81 -3.57 -12.34
C ASN D 311 -6.70 -4.87 -13.15
N HIS D 312 -7.73 -5.72 -13.09
CA HIS D 312 -7.75 -6.97 -13.82
C HIS D 312 -7.72 -6.69 -15.32
N VAL D 313 -8.55 -5.74 -15.76
CA VAL D 313 -8.58 -5.37 -17.17
C VAL D 313 -7.22 -4.88 -17.63
N CYS D 314 -6.63 -3.92 -16.92
CA CYS D 314 -5.34 -3.37 -17.34
C CYS D 314 -4.31 -4.47 -17.45
N MET D 315 -4.41 -5.51 -16.63
CA MET D 315 -3.41 -6.56 -16.69
C MET D 315 -3.69 -7.50 -17.85
N VAL D 316 -4.94 -7.83 -18.11
CA VAL D 316 -5.25 -8.59 -19.32
C VAL D 316 -4.70 -7.89 -20.56
N HIS D 317 -4.81 -6.56 -20.62
CA HIS D 317 -4.33 -5.79 -21.76
C HIS D 317 -2.83 -5.94 -21.92
N ARG D 318 -2.09 -5.83 -20.82
CA ARG D 318 -0.63 -5.85 -20.85
C ARG D 318 -0.13 -7.22 -21.26
N MET D 319 -0.92 -8.28 -20.97
CA MET D 319 -0.52 -9.65 -21.25
C MET D 319 -0.93 -10.12 -22.63
N LEU D 320 -2.18 -9.80 -23.06
CA LEU D 320 -2.72 -10.35 -24.30
C LEU D 320 -2.69 -9.32 -25.43
N GLY D 321 -2.60 -8.03 -25.08
CA GLY D 321 -2.62 -6.96 -26.08
C GLY D 321 -4.08 -6.64 -26.47
N SER D 322 -4.25 -5.62 -27.34
CA SER D 322 -5.57 -5.28 -27.87
C SER D 322 -5.98 -6.30 -28.94
N LYS D 323 -7.29 -6.41 -29.20
CA LYS D 323 -7.85 -7.36 -30.16
C LYS D 323 -7.53 -8.80 -29.71
N SER D 330 -13.86 -9.73 -28.03
CA SER D 330 -12.61 -9.76 -27.22
C SER D 330 -12.90 -9.81 -25.71
N GLY D 331 -12.20 -10.71 -25.01
CA GLY D 331 -12.14 -10.75 -23.57
C GLY D 331 -11.89 -9.35 -22.99
N TYR D 332 -10.81 -8.70 -23.49
CA TYR D 332 -10.44 -7.35 -23.06
C TYR D 332 -11.67 -6.43 -23.10
N HIS D 333 -12.37 -6.43 -24.25
CA HIS D 333 -13.52 -5.54 -24.43
C HIS D 333 -14.71 -5.92 -23.53
N TYR D 334 -14.97 -7.23 -23.37
CA TYR D 334 -16.01 -7.67 -22.44
C TYR D 334 -15.70 -7.18 -21.01
N LEU D 335 -14.45 -7.36 -20.59
CA LEU D 335 -14.04 -7.01 -19.23
C LEU D 335 -14.18 -5.51 -18.98
N ARG D 336 -13.80 -4.71 -20.00
CA ARG D 336 -13.94 -3.25 -19.92
C ARG D 336 -15.38 -2.88 -19.67
N SER D 337 -16.31 -3.67 -20.23
CA SER D 337 -17.73 -3.41 -20.10
C SER D 337 -18.23 -3.67 -18.67
N THR D 338 -17.49 -4.52 -17.92
CA THR D 338 -17.90 -4.86 -16.55
C THR D 338 -17.55 -3.70 -15.62
N VAL D 339 -16.66 -2.79 -16.06
CA VAL D 339 -16.30 -1.63 -15.23
C VAL D 339 -17.35 -0.54 -15.43
N SER D 340 -18.55 -0.73 -14.90
CA SER D 340 -19.68 0.14 -15.18
C SER D 340 -20.64 0.16 -14.00
N ASP D 341 -21.54 1.12 -13.98
CA ASP D 341 -22.54 1.23 -12.91
C ASP D 341 -23.47 0.01 -12.93
N ARG D 342 -23.50 -0.71 -14.04
CA ARG D 342 -24.26 -1.93 -14.15
C ARG D 342 -23.90 -2.91 -13.05
N TYR D 343 -22.62 -2.88 -12.64
CA TYR D 343 -22.10 -3.83 -11.67
C TYR D 343 -21.96 -3.21 -10.29
N LYS D 344 -22.42 -1.96 -10.11
CA LYS D 344 -22.41 -1.30 -8.80
C LYS D 344 -23.75 -1.54 -8.11
N VAL D 345 -23.78 -2.46 -7.16
CA VAL D 345 -25.01 -2.88 -6.52
C VAL D 345 -25.59 -1.74 -5.64
N PHE D 346 -24.72 -0.97 -4.96
CA PHE D 346 -25.17 0.06 -4.04
C PHE D 346 -25.02 1.45 -4.68
N VAL D 347 -25.22 1.53 -5.98
CA VAL D 347 -25.20 2.77 -6.74
C VAL D 347 -26.15 3.80 -6.10
N ASP D 348 -27.26 3.37 -5.50
CA ASP D 348 -28.16 4.37 -4.93
C ASP D 348 -27.49 5.10 -3.75
N LEU D 349 -26.62 4.43 -2.99
CA LEU D 349 -25.94 5.08 -1.87
C LEU D 349 -24.96 6.13 -2.39
N PHE D 350 -24.30 5.87 -3.51
CA PHE D 350 -23.43 6.86 -4.11
C PHE D 350 -24.21 8.08 -4.55
N ASN D 351 -25.39 7.82 -5.14
CA ASN D 351 -26.11 8.88 -5.82
C ASN D 351 -26.82 9.80 -4.85
N LEU D 352 -26.90 9.43 -3.58
CA LEU D 352 -27.44 10.36 -2.60
C LEU D 352 -26.65 11.68 -2.48
N SER D 353 -25.35 11.70 -2.83
CA SER D 353 -24.60 12.95 -2.97
C SER D 353 -25.31 13.97 -3.86
N THR D 354 -25.96 13.52 -4.93
CA THR D 354 -26.73 14.40 -5.81
C THR D 354 -27.77 15.22 -5.04
N TYR D 355 -28.31 14.72 -3.91
CA TYR D 355 -29.42 15.36 -3.24
C TYR D 355 -29.02 16.02 -1.91
N LEU D 356 -27.74 16.41 -1.77
CA LEU D 356 -27.30 17.20 -0.63
C LEU D 356 -27.89 18.61 -0.70
N ILE D 357 -28.23 19.12 0.48
CA ILE D 357 -28.81 20.43 0.65
C ILE D 357 -28.02 21.16 1.74
N PRO D 358 -28.12 22.49 1.85
CA PRO D 358 -27.48 23.18 2.95
C PRO D 358 -28.00 22.60 4.28
N ARG D 359 -27.12 22.54 5.28
CA ARG D 359 -27.44 21.98 6.58
C ARG D 359 -28.68 22.60 7.19
N HIS D 360 -28.83 23.90 7.03
CA HIS D 360 -29.92 24.61 7.67
C HIS D 360 -31.28 24.26 7.07
N TRP D 361 -31.31 23.52 5.95
CA TRP D 361 -32.58 23.10 5.37
C TRP D 361 -33.02 21.77 5.97
N ILE D 362 -32.08 21.06 6.62
CA ILE D 362 -32.38 19.73 7.13
C ILE D 362 -33.39 19.88 8.27
N PRO D 363 -34.52 19.13 8.26
CA PRO D 363 -35.49 19.24 9.33
C PRO D 363 -34.80 19.06 10.68
N LYS D 364 -35.08 19.99 11.61
CA LYS D 364 -34.43 20.02 12.90
C LYS D 364 -34.88 18.84 13.75
N MET D 365 -33.98 18.33 14.60
CA MET D 365 -34.31 17.26 15.52
C MET D 365 -33.87 17.65 16.93
N ASN D 366 -34.69 18.45 17.64
CA ASN D 366 -34.37 18.95 18.97
C ASN D 366 -34.82 17.96 20.05
N PRO D 367 -34.39 18.10 21.32
CA PRO D 367 -34.74 17.18 22.40
C PRO D 367 -36.19 16.74 22.36
N THR D 368 -37.08 17.65 21.98
CA THR D 368 -38.49 17.33 21.80
C THR D 368 -38.65 16.02 21.04
N ILE D 369 -37.92 15.86 19.93
CA ILE D 369 -38.03 14.70 19.07
C ILE D 369 -36.63 14.12 18.83
N HIS D 370 -35.76 14.16 19.86
CA HIS D 370 -34.35 13.77 19.72
C HIS D 370 -34.06 12.37 20.26
N LYS D 371 -34.77 11.99 21.36
CA LYS D 371 -34.40 10.82 22.14
C LYS D 371 -34.88 9.52 21.49
N PHE D 372 -35.64 9.58 20.37
CA PHE D 372 -35.96 8.35 19.63
C PHE D 372 -34.69 7.78 18.99
N LEU D 373 -33.63 8.58 18.87
CA LEU D 373 -32.37 8.15 18.26
C LEU D 373 -31.20 8.23 19.28
CHA HEM E . 16.30 12.48 13.43
CHB HEM E . 19.07 11.33 9.63
CHC HEM E . 15.14 11.51 6.76
CHD HEM E . 12.65 13.48 10.42
C1A HEM E . 17.38 12.15 12.64
C2A HEM E . 18.70 11.90 13.12
C3A HEM E . 19.47 11.59 12.06
C4A HEM E . 18.65 11.60 10.91
CMA HEM E . 20.94 11.27 12.11
CAA HEM E . 19.16 11.99 14.56
CBA HEM E . 19.42 13.45 14.93
CGA HEM E . 20.80 13.87 14.44
O1A HEM E . 20.96 14.75 13.58
O2A HEM E . 21.82 13.30 14.89
C1B HEM E . 18.18 11.25 8.53
C2B HEM E . 18.61 10.87 7.25
C3B HEM E . 17.54 10.86 6.42
C4B HEM E . 16.41 11.34 7.25
CMB HEM E . 20.03 10.43 6.92
CAB HEM E . 17.42 10.60 4.96
CBB HEM E . 18.41 10.80 4.12
C1C HEM E . 14.11 12.10 7.49
C2C HEM E . 12.84 12.35 7.04
C3C HEM E . 12.12 12.92 8.08
C4C HEM E . 13.00 13.01 9.18
CMC HEM E . 12.31 12.12 5.66
CAC HEM E . 10.78 13.44 7.92
CBC HEM E . 10.38 14.56 8.46
C1D HEM E . 13.46 13.31 11.51
C2D HEM E . 12.97 13.60 12.88
C3D HEM E . 13.99 13.32 13.70
C4D HEM E . 15.08 12.84 12.88
CMD HEM E . 11.63 14.12 13.28
CAD HEM E . 13.97 13.45 15.20
CBD HEM E . 13.39 12.09 15.69
CGD HEM E . 13.40 11.89 17.19
O1D HEM E . 14.05 12.64 17.97
O2D HEM E . 12.78 10.95 17.72
NA HEM E . 17.36 11.94 11.27
NB HEM E . 16.87 11.54 8.46
NC HEM E . 14.19 12.49 8.78
ND HEM E . 14.69 12.84 11.55
FE HEM E . 15.72 12.16 10.10
N ZIQ F . -20.54 10.89 27.55
CA ZIQ F . -20.57 10.90 29.04
CB ZIQ F . -20.43 9.49 29.65
CG ZIQ F . -19.16 8.79 29.26
CD2 ZIQ F . -19.05 7.67 28.37
CE3 ZIQ F . -19.96 6.92 27.64
CZ3 ZIQ F . -19.49 5.85 26.90
CH2 ZIQ F . -18.15 5.50 26.90
CZ2 ZIQ F . -17.23 6.19 27.65
CE2 ZIQ F . -17.69 7.27 28.38
NE1 ZIQ F . -17.00 8.14 29.18
CD1 ZIQ F . -17.90 9.02 29.71
C1 ZIQ F . -21.93 11.54 29.49
C ZIQ F . -19.42 11.82 29.53
O ZIQ F . -19.37 12.00 30.77
OXT ZIQ F . -18.61 12.28 28.69
C1 A1ADX G . 16.81 18.94 6.59
C2 A1ADX G . 18.18 19.07 6.60
C3 A1ADX G . 19.01 18.01 6.91
C4 A1ADX G . 18.44 16.79 7.27
C5 A1ADX G . 18.96 15.51 7.67
C6 A1ADX G . 20.35 15.08 7.75
C7 A1ADX G . 20.72 13.79 7.30
C8 A1ADX G . 22.01 13.35 7.32
C9 A1ADX G . 22.99 14.21 7.79
N1 A1ADX G . 24.34 14.05 7.93
N2 A1ADX G . 24.80 15.16 8.43
N3 A1ADX G . 23.81 16.05 8.61
C10 A1ADX G . 24.05 17.35 9.20
C11 A1ADX G . 24.34 17.27 10.71
C12 A1ADX G . 24.10 18.61 11.40
C13 A1ADX G . 23.45 18.44 12.74
N4 A1ADX G . 24.09 17.33 13.48
C14 A1ADX G . 23.85 16.03 12.85
C15 A1ADX G . 23.50 16.18 11.39
C16 A1ADX G . 22.63 15.47 8.23
C17 A1ADX G . 21.31 15.91 8.21
C18 A1ADX G . 17.85 14.69 7.88
N5 A1ADX G . 16.71 15.40 7.67
C19 A1ADX G . 17.04 16.69 7.28
C20 A1ADX G . 16.21 17.77 6.94
CHA HEM H . -10.89 17.91 -12.36
CHB HEM H . -13.84 17.52 -8.54
CHC HEM H . -10.01 16.24 -5.78
CHD HEM H . -7.05 17.41 -9.43
C1A HEM H . -12.00 17.88 -11.55
C2A HEM H . -13.30 18.10 -12.00
C3A HEM H . -14.14 18.02 -10.93
C4A HEM H . -13.34 17.72 -9.80
CMA HEM H . -15.66 18.18 -10.94
CAA HEM H . -13.71 18.38 -13.42
CBA HEM H . -13.50 19.88 -13.70
CGA HEM H . -14.61 20.74 -13.11
O1A HEM H . -14.33 21.68 -12.36
O2A HEM H . -15.84 20.56 -13.34
C1B HEM H . -13.03 17.08 -7.46
C2B HEM H . -13.54 16.77 -6.18
C3B HEM H . -12.51 16.38 -5.40
C4B HEM H . -11.31 16.52 -6.22
CMB HEM H . -15.00 16.84 -5.81
CAB HEM H . -12.44 16.03 -3.96
CBB HEM H . -13.28 16.55 -3.05
C1C HEM H . -8.86 16.47 -6.53
C2C HEM H . -7.55 16.24 -6.10
C3C HEM H . -6.69 16.56 -7.14
C4C HEM H . -7.51 17.02 -8.22
CMC HEM H . -7.12 15.71 -4.75
CAC HEM H . -5.25 16.53 -7.00
CBC HEM H . -4.48 17.49 -7.41
C1D HEM H . -7.90 17.59 -10.51
C2D HEM H . -7.36 17.81 -11.84
C3D HEM H . -8.41 17.94 -12.67
C4D HEM H . -9.61 17.80 -11.84
CMD HEM H . -5.90 17.87 -12.22
CAD HEM H . -8.28 18.16 -14.15
CBD HEM H . -7.94 16.77 -14.72
CGD HEM H . -8.40 16.57 -16.18
O1D HEM H . -8.87 17.53 -16.85
O2D HEM H . -8.32 15.41 -16.67
NA HEM H . -12.05 17.64 -10.19
NB HEM H . -11.71 16.92 -7.44
NC HEM H . -8.81 16.95 -7.79
ND HEM H . -9.23 17.56 -10.56
FE HEM H . -10.43 17.18 -9.10
N ZIQ I . 23.38 4.31 -27.18
CA ZIQ I . 23.41 4.43 -28.66
CB ZIQ I . 22.78 3.19 -29.36
CG ZIQ I . 21.35 2.93 -29.01
CD2 ZIQ I . 20.84 1.87 -28.18
CE3 ZIQ I . 21.43 0.82 -27.46
CZ3 ZIQ I . 20.62 -0.07 -26.80
CH2 ZIQ I . 19.23 0.04 -26.83
CZ2 ZIQ I . 18.61 1.08 -27.48
CE2 ZIQ I . 19.43 1.97 -28.16
NE1 ZIQ I . 19.10 3.06 -28.93
CD1 ZIQ I . 20.25 3.62 -29.43
C1 ZIQ I . 24.86 4.58 -29.09
C ZIQ I . 22.62 5.71 -29.04
O ZIQ I . 22.02 6.32 -28.11
OXT ZIQ I . 22.61 6.01 -30.25
C1 A1ADX J . -8.94 23.59 -5.47
C2 A1ADX J . -10.18 24.24 -5.48
C3 A1ADX J . -11.32 23.57 -5.84
C4 A1ADX J . -11.25 22.22 -6.26
C5 A1ADX J . -12.21 21.23 -6.72
C6 A1ADX J . -13.67 21.39 -6.79
C7 A1ADX J . -14.52 20.32 -6.43
C8 A1ADX J . -15.89 20.43 -6.41
C9 A1ADX J . -16.44 21.67 -6.76
N1 A1ADX J . -17.74 22.10 -6.86
N2 A1ADX J . -17.72 23.35 -7.23
N3 A1ADX J . -16.44 23.76 -7.41
C10 A1ADX J . -16.15 25.08 -7.94
C11 A1ADX J . -16.45 25.15 -9.45
C12 A1ADX J . -16.24 26.55 -10.00
C13 A1ADX J . -16.65 26.67 -11.46
N4 A1ADX J . -16.66 25.34 -12.09
C14 A1ADX J . -15.47 24.58 -11.69
C15 A1ADX J . -15.61 24.16 -10.25
C16 A1ADX J . -15.60 22.72 -7.11
C17 A1ADX J . -14.21 22.59 -7.11
C18 A1ADX J . -11.50 20.07 -6.92
N5 A1ADX J . -10.18 20.30 -6.71
C19 A1ADX J . -9.99 21.61 -6.26
C20 A1ADX J . -8.83 22.28 -5.89
CHA HEM K . 6.11 -17.03 16.19
CHB HEM K . 1.96 -15.43 18.07
CHC HEM K . 0.25 -14.57 13.60
CHD HEM K . 4.15 -16.87 11.79
C1A HEM K . 5.13 -16.63 17.06
C2A HEM K . 5.30 -16.57 18.47
C3A HEM K . 4.16 -16.13 19.01
C4A HEM K . 3.25 -15.92 17.94
CMA HEM K . 3.89 -15.90 20.47
CAA HEM K . 6.54 -16.94 19.25
CBA HEM K . 6.64 -18.47 19.35
CGA HEM K . 5.61 -19.01 20.34
O1A HEM K . 4.74 -19.86 20.00
O2A HEM K . 5.63 -18.58 21.52
C1B HEM K . 1.18 -15.03 16.99
C2B HEM K . -0.09 -14.42 17.17
C3B HEM K . -0.60 -14.14 15.93
C4B HEM K . 0.42 -14.64 14.98
CMB HEM K . -0.71 -14.11 18.52
CAB HEM K . -1.89 -13.60 15.50
CBB HEM K . -2.99 -13.87 16.18
C1C HEM K . 1.17 -15.11 12.69
C2C HEM K . 1.08 -15.09 11.31
C3C HEM K . 2.18 -15.74 10.80
C4C HEM K . 2.95 -16.20 11.89
CMC HEM K . -0.02 -14.46 10.49
CAC HEM K . 2.31 -15.98 9.37
CBC HEM K . 2.67 -17.14 8.90
C1D HEM K . 5.01 -17.05 12.86
C2D HEM K . 6.33 -17.59 12.68
C3D HEM K . 6.88 -17.63 13.91
C4D HEM K . 5.87 -17.10 14.83
CMD HEM K . 6.94 -18.03 11.38
CAD HEM K . 8.28 -18.09 14.28
CBD HEM K . 9.24 -17.02 13.74
CGD HEM K . 10.46 -16.82 14.56
O1D HEM K . 10.87 -17.76 15.27
O2D HEM K . 11.04 -15.70 14.56
NA HEM K . 3.86 -16.22 16.76
NB HEM K . 1.44 -15.13 15.69
NC HEM K . 2.31 -15.79 13.02
ND HEM K . 4.79 -16.78 14.16
FE HEM K . 3.20 -15.97 14.88
N ZIQ L . 30.21 -13.03 -15.14
CA ZIQ L . 31.61 -13.36 -14.73
CB ZIQ L . 32.39 -12.11 -14.21
CG ZIQ L . 31.82 -11.51 -12.97
CD2 ZIQ L . 31.14 -10.25 -12.84
CE3 ZIQ L . 30.77 -9.25 -13.75
CZ3 ZIQ L . 30.15 -8.12 -13.27
CH2 ZIQ L . 29.87 -7.96 -11.92
CZ2 ZIQ L . 30.20 -8.92 -10.99
CE2 ZIQ L . 30.86 -10.06 -11.47
NE1 ZIQ L . 31.30 -11.16 -10.80
CD1 ZIQ L . 31.88 -12.02 -11.70
C1 ZIQ L . 32.33 -13.95 -15.95
C ZIQ L . 31.52 -14.46 -13.66
O ZIQ L . 30.39 -14.70 -13.17
OXT ZIQ L . 32.61 -14.98 -13.32
C1 A1ADX M . -1.34 -21.94 13.64
C2 A1ADX M . -1.79 -22.26 14.91
C3 A1ADX M . -1.55 -21.42 15.98
C4 A1ADX M . -0.81 -20.25 15.77
C5 A1ADX M . -0.36 -19.17 16.62
C6 A1ADX M . -0.63 -18.99 18.05
C7 A1ADX M . -1.03 -17.73 18.55
C8 A1ADX M . -1.35 -17.52 19.87
C9 A1ADX M . -1.27 -18.61 20.74
N1 A1ADX M . -1.53 -18.71 22.08
N2 A1ADX M . -1.29 -19.95 22.42
N3 A1ADX M . -0.89 -20.66 21.35
C10 A1ADX M . -0.54 -22.07 21.47
C11 A1ADX M . 0.81 -22.23 22.18
C12 A1ADX M . 1.48 -23.54 21.78
C13 A1ADX M . 2.94 -23.34 21.46
N4 A1ADX M . 3.60 -22.57 22.52
C14 A1ADX M . 3.07 -21.20 22.63
C15 A1ADX M . 1.76 -21.06 21.89
C16 A1ADX M . -0.87 -19.85 20.25
C17 A1ADX M . -0.55 -20.03 18.92
C18 A1ADX M . 0.31 -18.28 15.80
N5 A1ADX M . 0.33 -18.76 14.52
C19 A1ADX M . -0.36 -19.95 14.47
C20 A1ADX M . -0.62 -20.80 13.40
CHA HEM N . -11.75 -13.04 -16.94
CHB HEM N . -7.30 -13.08 -18.77
CHC HEM N . -5.47 -13.03 -14.27
CHD HEM N . -9.92 -13.73 -12.49
C1A HEM N . -10.69 -13.03 -17.81
C2A HEM N . -10.81 -13.01 -19.20
C3A HEM N . -9.57 -13.00 -19.73
C4A HEM N . -8.66 -13.08 -18.64
CMA HEM N . -9.20 -12.95 -21.18
CAA HEM N . -12.08 -12.93 -19.99
CBA HEM N . -12.63 -14.34 -20.15
CGA HEM N . -11.83 -15.09 -21.20
O1A HEM N . -11.02 -16.02 -20.87
O2A HEM N . -11.95 -14.72 -22.39
C1B HEM N . -6.44 -13.02 -17.65
C2B HEM N . -5.05 -12.95 -17.83
C3B HEM N . -4.49 -12.93 -16.59
C4B HEM N . -5.62 -13.04 -15.65
CMB HEM N . -4.33 -12.90 -19.18
CAB HEM N . -3.06 -12.93 -16.19
CBB HEM N . -2.11 -13.45 -16.96
C1C HEM N . -6.50 -13.24 -13.36
C2C HEM N . -6.39 -13.37 -11.98
C3C HEM N . -7.64 -13.58 -11.48
C4C HEM N . -8.53 -13.60 -12.58
CMC HEM N . -5.09 -13.28 -11.22
CAC HEM N . -7.92 -13.80 -10.04
CBC HEM N . -8.92 -14.61 -9.63
C1D HEM N . -10.74 -13.57 -13.59
C2D HEM N . -12.18 -13.57 -13.45
C3D HEM N . -12.69 -13.38 -14.67
C4D HEM N . -11.58 -13.24 -15.57
CMD HEM N . -13.00 -13.74 -12.21
CAD HEM N . -14.15 -13.27 -14.96
CBD HEM N . -14.44 -11.73 -14.85
CGD HEM N . -15.84 -11.28 -15.21
O1D HEM N . -16.64 -11.96 -16.00
O2D HEM N . -16.19 -10.14 -14.80
NA HEM N . -9.35 -13.06 -17.48
NB HEM N . -6.72 -13.10 -16.37
NC HEM N . -7.80 -13.38 -13.68
ND HEM N . -10.41 -13.34 -14.87
FE HEM N . -8.66 -13.09 -15.57
N ZIQ O . -33.07 -2.01 14.70
CA ZIQ O . -34.50 -1.72 14.36
CB ZIQ O . -34.68 -0.27 13.83
CG ZIQ O . -33.93 0.08 12.57
CD2 ZIQ O . -32.84 1.00 12.46
CE3 ZIQ O . -32.11 1.78 13.39
CZ3 ZIQ O . -31.12 2.59 12.92
CH2 ZIQ O . -30.76 2.62 11.55
CZ2 ZIQ O . -31.46 1.87 10.63
CE2 ZIQ O . -32.48 1.06 11.10
NE1 ZIQ O . -33.31 0.21 10.42
CD1 ZIQ O . -34.18 -0.37 11.31
C1 ZIQ O . -35.34 -1.91 15.61
C ZIQ O . -34.96 -2.75 13.30
O ZIQ O . -36.16 -2.70 13.00
OXT ZIQ O . -34.09 -3.51 12.78
C1 A1ADX P . -6.41 -20.48 -14.60
C2 A1ADX P . -6.25 -20.88 -15.92
C3 A1ADX P . -6.21 -19.97 -16.95
C4 A1ADX P . -6.46 -18.63 -16.68
C5 A1ADX P . -6.54 -17.42 -17.48
C6 A1ADX P . -6.30 -17.30 -18.92
C7 A1ADX P . -5.59 -16.20 -19.43
C8 A1ADX P . -5.24 -16.09 -20.76
C9 A1ADX P . -5.61 -17.12 -21.61
N1 A1ADX P . -5.42 -17.31 -22.96
N2 A1ADX P . -5.97 -18.45 -23.28
N3 A1ADX P . -6.51 -19.03 -22.17
C10 A1ADX P . -7.24 -20.27 -22.27
C11 A1ADX P . -8.62 -20.12 -22.92
C12 A1ADX P . -9.25 -18.76 -22.61
C13 A1ADX P . -10.65 -18.64 -23.16
N4 A1ADX P . -11.47 -19.73 -22.61
C14 A1ADX P . -10.96 -21.04 -23.02
C15 A1ADX P . -9.56 -21.23 -22.48
C16 A1ADX P . -6.31 -18.21 -21.09
C17 A1ADX P . -6.66 -18.29 -19.77
C18 A1ADX P . -6.76 -16.39 -16.59
N5 A1ADX P . -6.87 -16.88 -15.33
C19 A1ADX P . -6.67 -18.24 -15.35
C20 A1ADX P . -6.68 -19.17 -14.30
#